data_9EHI
#
_entry.id   9EHI
#
_cell.length_a   53.463
_cell.length_b   98.413
_cell.length_c   118.449
_cell.angle_alpha   87.59
_cell.angle_beta   90.00
_cell.angle_gamma   90.02
#
_symmetry.space_group_name_H-M   'P 1'
#
loop_
_entity.id
_entity.type
_entity.pdbx_description
1 polymer 'Protein ENL'
2 polymer 'Histone H3.1'
3 non-polymer '2-(N-MORPHOLINO)-ETHANESULFONIC ACID'
4 water water
#
loop_
_entity_poly.entity_id
_entity_poly.type
_entity_poly.pdbx_seq_one_letter_code
_entity_poly.pdbx_strand_id
1 'polypeptide(L)'
;DNQCTVQVRLELGHRAQLRKKPTTEGFTHDWMVFVRGPEQCDIQHFVEKVVFWLHDSFPKPRRVCKEPPYKVEESGYAGF
IMPIEVHFKNKEEPRKVCFTYDLFLNLEGNPPVNHLRCEKLTFNNPTTEFRYKLLRAGGVMVMPE
;
A,B,C,D,E,F,G,H,I,J,K,L,M,N,O,P
2 'polypeptide(L)' APR(A1BIE)QLA Q,R,S,T,U,V,W,X,Y,Z,a,b,c,d,e,f
#
# COMPACT_ATOMS: atom_id res chain seq x y z
N CYS A 4 -29.68 44.30 13.37
CA CYS A 4 -29.20 44.42 14.76
C CYS A 4 -27.97 43.54 14.99
N THR A 5 -27.27 43.91 16.05
CA THR A 5 -26.10 43.19 16.55
C THR A 5 -26.25 43.00 18.05
N VAL A 6 -26.15 41.75 18.50
CA VAL A 6 -26.35 41.38 19.89
C VAL A 6 -25.06 40.81 20.46
N GLN A 7 -24.74 41.28 21.65
CA GLN A 7 -23.55 40.79 22.36
C GLN A 7 -23.96 40.14 23.68
N VAL A 8 -23.42 38.95 23.96
CA VAL A 8 -23.63 38.24 25.23
C VAL A 8 -22.27 37.92 25.80
N ARG A 9 -22.16 37.89 27.12
CA ARG A 9 -20.93 37.56 27.81
C ARG A 9 -21.00 36.13 28.33
N LEU A 10 -19.90 35.39 28.20
CA LEU A 10 -19.74 34.10 28.86
C LEU A 10 -18.60 34.19 29.87
N GLU A 11 -18.72 33.45 30.97
CA GLU A 11 -17.62 33.27 31.91
C GLU A 11 -17.18 31.81 31.88
N LEU A 12 -15.91 31.59 31.51
CA LEU A 12 -15.23 30.33 31.68
C LEU A 12 -14.32 30.45 32.89
N GLY A 13 -14.12 29.35 33.61
CA GLY A 13 -13.22 29.35 34.74
C GLY A 13 -13.02 27.95 35.29
N HIS A 14 -12.13 27.82 36.28
CA HIS A 14 -11.86 26.53 36.88
C HIS A 14 -11.22 26.71 38.26
N ARG A 15 -11.39 25.71 39.12
CA ARG A 15 -10.69 25.63 40.39
C ARG A 15 -9.91 24.33 40.43
N ALA A 16 -8.82 24.33 41.21
CA ALA A 16 -8.06 23.11 41.46
C ALA A 16 -7.35 23.22 42.80
N GLN A 17 -7.18 22.06 43.46
CA GLN A 17 -6.48 21.99 44.73
C GLN A 17 -5.96 20.56 44.96
N LEU A 18 -4.95 20.45 45.82
CA LEU A 18 -4.42 19.15 46.21
C LEU A 18 -5.48 18.42 47.02
N ARG A 19 -5.69 17.13 46.71
CA ARG A 19 -6.42 16.23 47.59
C ARG A 19 -5.58 15.98 48.84
N LYS A 20 -6.26 15.75 49.96
CA LYS A 20 -5.58 15.40 51.21
C LYS A 20 -4.98 14.01 51.08
N LYS A 21 -5.65 13.15 50.30
CA LYS A 21 -5.23 11.78 50.11
C LYS A 21 -5.30 11.46 48.63
N PRO A 22 -4.16 11.17 47.95
CA PRO A 22 -4.19 10.63 46.60
C PRO A 22 -5.14 9.44 46.48
N THR A 23 -5.83 9.34 45.32
CA THR A 23 -6.70 8.21 45.05
C THR A 23 -5.83 6.98 44.80
N THR A 24 -6.47 5.81 44.66
CA THR A 24 -5.75 4.57 44.45
C THR A 24 -4.98 4.62 43.12
N GLU A 25 -5.49 5.41 42.15
CA GLU A 25 -4.86 5.52 40.85
C GLU A 25 -3.66 6.48 40.89
N GLY A 26 -3.51 7.24 41.99
CA GLY A 26 -2.43 8.20 42.13
C GLY A 26 -2.84 9.62 41.73
N PHE A 27 -4.14 9.90 41.63
CA PHE A 27 -4.64 11.21 41.28
C PHE A 27 -4.47 12.15 42.47
N THR A 28 -3.74 13.26 42.26
CA THR A 28 -3.28 14.14 43.31
C THR A 28 -4.24 15.31 43.53
N HIS A 29 -5.04 15.65 42.53
CA HIS A 29 -5.82 16.89 42.58
C HIS A 29 -7.30 16.64 42.30
N ASP A 30 -8.13 17.50 42.89
CA ASP A 30 -9.51 17.68 42.45
C ASP A 30 -9.62 19.01 41.71
N TRP A 31 -10.44 19.03 40.65
CA TRP A 31 -10.66 20.25 39.90
C TRP A 31 -12.08 20.32 39.38
N MET A 32 -12.46 21.54 38.99
CA MET A 32 -13.79 21.81 38.48
C MET A 32 -13.66 22.89 37.40
N VAL A 33 -14.29 22.65 36.25
CA VAL A 33 -14.30 23.58 35.13
CA VAL A 33 -14.30 23.58 35.13
C VAL A 33 -15.74 23.99 34.88
N PHE A 34 -15.97 25.25 34.47
CA PHE A 34 -17.34 25.69 34.25
C PHE A 34 -17.44 26.69 33.11
N VAL A 35 -18.63 26.70 32.51
CA VAL A 35 -19.12 27.77 31.67
C VAL A 35 -20.41 28.28 32.32
N ARG A 36 -20.49 29.59 32.53
CA ARG A 36 -21.68 30.19 33.08
C ARG A 36 -21.83 31.61 32.55
N GLY A 37 -22.98 32.24 32.85
CA GLY A 37 -23.21 33.63 32.53
C GLY A 37 -22.74 34.51 33.70
N PRO A 38 -22.48 35.81 33.46
CA PRO A 38 -22.20 36.76 34.54
C PRO A 38 -23.47 36.94 35.37
N GLU A 39 -23.30 37.45 36.60
CA GLU A 39 -24.38 37.61 37.55
C GLU A 39 -25.66 38.09 36.85
N GLN A 40 -26.76 37.38 37.10
CA GLN A 40 -28.11 37.72 36.66
C GLN A 40 -28.39 37.22 35.24
N CYS A 41 -27.43 36.50 34.62
CA CYS A 41 -27.59 36.05 33.25
C CYS A 41 -27.77 34.55 33.24
N ASP A 42 -28.94 34.08 32.81
CA ASP A 42 -29.17 32.65 32.61
C ASP A 42 -28.90 32.36 31.13
N ILE A 43 -27.75 31.74 30.85
CA ILE A 43 -27.31 31.51 29.48
C ILE A 43 -28.07 30.35 28.85
N GLN A 44 -28.79 29.58 29.68
CA GLN A 44 -29.60 28.47 29.23
C GLN A 44 -30.63 28.90 28.18
N HIS A 45 -31.02 30.18 28.19
CA HIS A 45 -31.97 30.68 27.22
C HIS A 45 -31.46 30.51 25.81
N PHE A 46 -30.13 30.61 25.60
CA PHE A 46 -29.57 30.52 24.25
C PHE A 46 -28.57 29.39 24.09
N VAL A 47 -28.22 28.68 25.18
CA VAL A 47 -27.24 27.61 25.10
C VAL A 47 -27.96 26.27 25.14
N GLU A 48 -27.79 25.48 24.06
CA GLU A 48 -28.36 24.15 23.97
C GLU A 48 -27.60 23.22 24.91
N LYS A 49 -26.26 23.22 24.78
CA LYS A 49 -25.43 22.35 25.59
C LYS A 49 -23.99 22.85 25.53
N VAL A 50 -23.20 22.39 26.51
CA VAL A 50 -21.77 22.62 26.55
C VAL A 50 -21.09 21.26 26.57
N VAL A 51 -20.12 21.08 25.66
CA VAL A 51 -19.32 19.87 25.56
C VAL A 51 -17.92 20.19 26.06
N PHE A 52 -17.46 19.44 27.06
CA PHE A 52 -16.11 19.54 27.59
C PHE A 52 -15.30 18.36 27.07
N TRP A 53 -14.26 18.65 26.29
CA TRP A 53 -13.40 17.61 25.73
C TRP A 53 -12.19 17.42 26.63
N LEU A 54 -12.24 16.40 27.48
CA LEU A 54 -11.13 16.07 28.36
C LEU A 54 -10.04 15.35 27.57
N HIS A 55 -8.86 15.26 28.19
CA HIS A 55 -7.72 14.55 27.65
C HIS A 55 -8.08 13.09 27.41
N ASP A 56 -7.54 12.48 26.34
CA ASP A 56 -7.86 11.11 25.96
C ASP A 56 -7.53 10.10 27.05
N SER A 57 -6.72 10.51 28.04
CA SER A 57 -6.37 9.66 29.16
C SER A 57 -7.55 9.44 30.10
N PHE A 58 -8.57 10.30 30.01
CA PHE A 58 -9.81 10.11 30.76
C PHE A 58 -10.71 9.16 30.00
N PRO A 59 -11.45 8.26 30.70
CA PRO A 59 -12.46 7.43 30.06
C PRO A 59 -13.67 8.31 29.74
N LYS A 60 -14.32 8.03 28.60
CA LYS A 60 -15.43 8.83 28.11
C LYS A 60 -15.07 10.31 28.24
N PRO A 61 -14.05 10.77 27.49
CA PRO A 61 -13.55 12.14 27.62
C PRO A 61 -14.50 13.25 27.18
N ARG A 62 -15.50 12.91 26.37
CA ARG A 62 -16.47 13.86 25.86
C ARG A 62 -17.62 14.01 26.85
N ARG A 63 -17.60 15.09 27.62
CA ARG A 63 -18.54 15.29 28.72
C ARG A 63 -19.54 16.38 28.37
N VAL A 64 -20.83 16.03 28.45
CA VAL A 64 -21.89 16.90 27.96
C VAL A 64 -22.73 17.37 29.15
N CYS A 65 -23.00 18.68 29.20
CA CYS A 65 -24.04 19.23 30.03
C CYS A 65 -25.10 19.88 29.15
N LYS A 66 -26.34 19.35 29.23
CA LYS A 66 -27.44 19.87 28.46
C LYS A 66 -28.18 20.95 29.24
N GLU A 67 -27.80 21.17 30.50
CA GLU A 67 -28.46 22.18 31.31
C GLU A 67 -27.53 22.65 32.43
N PRO A 68 -27.81 23.80 33.05
CA PRO A 68 -26.97 24.31 34.13
C PRO A 68 -26.97 23.37 35.34
N PRO A 69 -25.90 23.34 36.16
CA PRO A 69 -24.68 24.10 35.88
C PRO A 69 -23.88 23.42 34.77
N TYR A 70 -23.32 24.20 33.85
CA TYR A 70 -22.47 23.64 32.82
C TYR A 70 -21.07 23.48 33.41
N LYS A 71 -20.75 22.26 33.84
CA LYS A 71 -19.50 22.05 34.54
C LYS A 71 -19.12 20.57 34.58
N VAL A 72 -17.83 20.35 34.84
CA VAL A 72 -17.25 19.03 35.05
C VAL A 72 -16.41 19.08 36.31
N GLU A 73 -16.68 18.12 37.21
CA GLU A 73 -15.88 17.93 38.41
C GLU A 73 -15.12 16.61 38.28
N GLU A 74 -13.81 16.65 38.48
CA GLU A 74 -12.95 15.50 38.23
C GLU A 74 -11.75 15.49 39.17
N SER A 75 -11.03 14.37 39.12
CA SER A 75 -9.79 14.17 39.82
C SER A 75 -8.73 13.72 38.82
N GLY A 76 -7.48 14.18 39.03
CA GLY A 76 -6.40 13.83 38.12
C GLY A 76 -5.03 14.18 38.69
N TYR A 77 -3.99 13.97 37.88
CA TYR A 77 -2.61 14.15 38.31
C TYR A 77 -1.91 15.25 37.53
N ALA A 78 -2.53 15.78 36.48
CA ALA A 78 -1.87 16.74 35.60
C ALA A 78 -2.88 17.63 34.87
N GLY A 79 -2.43 18.85 34.54
CA GLY A 79 -3.21 19.81 33.77
C GLY A 79 -3.07 19.55 32.26
N PHE A 80 -3.92 20.22 31.47
CA PHE A 80 -3.98 20.00 30.03
C PHE A 80 -4.88 21.03 29.36
N ILE A 81 -4.85 21.03 28.02
CA ILE A 81 -5.68 21.91 27.21
C ILE A 81 -7.00 21.21 26.94
N MET A 82 -8.09 21.90 27.27
CA MET A 82 -9.43 21.36 27.18
C MET A 82 -10.25 22.18 26.19
N PRO A 83 -10.53 21.66 24.98
CA PRO A 83 -11.54 22.27 24.11
C PRO A 83 -12.90 22.27 24.81
N ILE A 84 -13.59 23.40 24.71
CA ILE A 84 -14.94 23.53 25.23
C ILE A 84 -15.83 24.10 24.12
N GLU A 85 -16.82 23.32 23.69
CA GLU A 85 -17.76 23.76 22.68
C GLU A 85 -19.05 24.23 23.35
N VAL A 86 -19.47 25.44 23.02
CA VAL A 86 -20.76 25.94 23.47
C VAL A 86 -21.70 25.94 22.26
N HIS A 87 -22.78 25.14 22.35
CA HIS A 87 -23.75 24.99 21.28
C HIS A 87 -24.95 25.89 21.57
N PHE A 88 -25.48 26.52 20.53
CA PHE A 88 -26.53 27.52 20.68
C PHE A 88 -27.89 26.95 20.26
N LYS A 89 -28.96 27.48 20.84
CA LYS A 89 -30.31 27.10 20.47
C LYS A 89 -30.73 27.93 19.25
N ASN A 90 -30.02 27.72 18.15
CA ASN A 90 -30.07 28.56 16.97
C ASN A 90 -30.39 27.66 15.78
N LYS A 91 -31.07 28.19 14.77
CA LYS A 91 -31.47 27.41 13.60
C LYS A 91 -30.53 27.69 12.42
N GLU A 92 -29.68 28.69 12.56
CA GLU A 92 -28.74 29.02 11.49
C GLU A 92 -27.34 29.17 12.07
N GLU A 93 -26.35 29.45 11.23
CA GLU A 93 -25.00 29.68 11.71
C GLU A 93 -24.90 31.04 12.39
N PRO A 94 -24.00 31.21 13.38
CA PRO A 94 -23.19 30.14 13.94
C PRO A 94 -23.98 29.23 14.89
N ARG A 95 -23.74 27.94 14.78
CA ARG A 95 -24.45 26.94 15.60
C ARG A 95 -23.70 26.70 16.90
N LYS A 96 -22.42 27.11 16.95
CA LYS A 96 -21.63 26.84 18.13
C LYS A 96 -20.32 27.64 18.05
N VAL A 97 -19.59 27.65 19.16
CA VAL A 97 -18.27 28.23 19.21
C VAL A 97 -17.39 27.32 20.08
N CYS A 98 -16.11 27.21 19.71
CA CYS A 98 -15.18 26.34 20.43
C CYS A 98 -14.07 27.18 21.06
N PHE A 99 -14.01 27.18 22.39
CA PHE A 99 -12.91 27.79 23.13
C PHE A 99 -11.84 26.73 23.38
N THR A 100 -10.57 27.13 23.52
CA THR A 100 -9.55 26.24 24.03
C THR A 100 -9.15 26.72 25.43
N TYR A 101 -9.43 25.88 26.45
CA TYR A 101 -9.27 26.28 27.83
C TYR A 101 -8.05 25.59 28.45
N ASP A 102 -7.25 26.38 29.16
CA ASP A 102 -6.08 25.85 29.85
C ASP A 102 -6.46 25.43 31.26
N LEU A 103 -6.67 24.13 31.46
CA LEU A 103 -6.93 23.60 32.83
C LEU A 103 -5.59 23.27 33.49
N PHE A 104 -5.05 24.23 34.24
CA PHE A 104 -3.76 24.08 34.89
C PHE A 104 -3.99 23.87 36.38
N LEU A 105 -3.11 23.06 36.99
CA LEU A 105 -3.19 22.71 38.39
C LEU A 105 -2.16 23.54 39.17
N ASN A 106 -2.36 23.58 40.49
CA ASN A 106 -1.40 24.21 41.39
C ASN A 106 -0.34 23.18 41.78
N LEU A 107 0.87 23.66 42.02
CA LEU A 107 1.96 22.82 42.52
C LEU A 107 1.82 22.70 44.04
N GLU A 108 2.17 21.52 44.56
CA GLU A 108 2.03 21.22 45.97
C GLU A 108 2.78 22.25 46.80
N GLY A 109 2.08 22.89 47.74
CA GLY A 109 2.65 23.94 48.56
C GLY A 109 2.13 25.32 48.17
N ASN A 110 1.63 25.45 46.93
CA ASN A 110 1.13 26.73 46.43
C ASN A 110 -0.38 26.81 46.62
N PRO A 111 -0.99 28.02 46.58
CA PRO A 111 -2.43 28.17 46.80
C PRO A 111 -3.27 27.44 45.75
N PRO A 112 -4.55 27.10 46.08
CA PRO A 112 -5.46 26.52 45.09
C PRO A 112 -5.63 27.45 43.89
N VAL A 113 -5.83 26.86 42.72
CA VAL A 113 -6.15 27.62 41.51
C VAL A 113 -7.59 28.11 41.64
N ASN A 114 -7.80 29.39 41.31
CA ASN A 114 -9.14 29.92 41.14
C ASN A 114 -9.14 30.92 39.98
N HIS A 115 -9.32 30.41 38.77
CA HIS A 115 -9.12 31.20 37.56
C HIS A 115 -10.46 31.56 36.91
N LEU A 116 -10.59 32.82 36.48
CA LEU A 116 -11.77 33.29 35.76
C LEU A 116 -11.37 33.87 34.40
N ARG A 117 -12.20 33.62 33.38
CA ARG A 117 -11.96 34.05 32.02
C ARG A 117 -13.28 34.54 31.40
N CYS A 118 -13.34 35.79 30.98
CA CYS A 118 -14.54 36.39 30.42
C CYS A 118 -14.45 36.41 28.91
N GLU A 119 -15.48 35.87 28.25
CA GLU A 119 -15.56 35.87 26.80
C GLU A 119 -16.76 36.69 26.36
N LYS A 120 -16.71 37.19 25.13
CA LYS A 120 -17.75 38.02 24.56
C LYS A 120 -18.14 37.47 23.20
N LEU A 121 -19.42 37.28 22.94
CA LEU A 121 -19.89 36.75 21.68
C LEU A 121 -20.76 37.82 21.00
N THR A 122 -20.54 38.00 19.69
CA THR A 122 -21.29 38.96 18.90
C THR A 122 -22.06 38.19 17.83
N PHE A 123 -23.37 38.39 17.80
CA PHE A 123 -24.24 37.79 16.79
C PHE A 123 -24.82 38.89 15.90
N ASN A 124 -24.53 38.82 14.60
CA ASN A 124 -25.11 39.75 13.64
C ASN A 124 -26.43 39.19 13.10
N ASN A 125 -27.44 40.05 13.08
CA ASN A 125 -28.73 39.77 12.44
C ASN A 125 -29.23 38.38 12.78
N PRO A 126 -29.45 38.05 14.07
CA PRO A 126 -30.07 36.78 14.42
C PRO A 126 -31.54 36.79 14.03
N THR A 127 -32.13 35.60 13.83
CA THR A 127 -33.56 35.48 13.64
C THR A 127 -34.26 36.15 14.83
N THR A 128 -35.54 36.43 14.66
CA THR A 128 -36.37 36.98 15.73
C THR A 128 -36.35 36.04 16.92
N GLU A 129 -36.55 34.75 16.66
CA GLU A 129 -36.64 33.73 17.70
C GLU A 129 -35.36 33.70 18.52
N PHE A 130 -34.21 33.79 17.83
CA PHE A 130 -32.92 33.65 18.50
C PHE A 130 -32.53 34.95 19.20
N ARG A 131 -32.97 36.08 18.65
CA ARG A 131 -32.71 37.38 19.26
C ARG A 131 -33.35 37.41 20.64
N TYR A 132 -34.59 36.90 20.74
CA TYR A 132 -35.32 36.89 22.00
C TYR A 132 -34.55 36.05 23.02
N LYS A 133 -34.09 34.88 22.59
CA LYS A 133 -33.33 34.00 23.48
C LYS A 133 -32.09 34.70 24.00
N LEU A 134 -31.39 35.43 23.12
CA LEU A 134 -30.17 36.10 23.51
C LEU A 134 -30.46 37.22 24.51
N LEU A 135 -31.60 37.90 24.35
CA LEU A 135 -31.92 39.04 25.21
C LEU A 135 -32.36 38.53 26.58
N ARG A 136 -33.09 37.39 26.61
CA ARG A 136 -33.49 36.79 27.87
C ARG A 136 -32.28 36.32 28.65
N ALA A 137 -31.15 36.07 27.95
CA ALA A 137 -29.93 35.63 28.62
C ALA A 137 -29.06 36.81 29.03
N GLY A 138 -29.55 38.05 28.88
CA GLY A 138 -28.77 39.22 29.28
C GLY A 138 -27.96 39.80 28.13
N GLY A 139 -28.32 39.46 26.89
CA GLY A 139 -27.69 40.05 25.73
C GLY A 139 -28.08 41.52 25.57
N VAL A 140 -27.20 42.30 24.94
CA VAL A 140 -27.40 43.72 24.73
C VAL A 140 -27.19 44.03 23.25
N MET A 141 -28.06 44.88 22.69
CA MET A 141 -27.93 45.32 21.30
C MET A 141 -26.80 46.34 21.23
N VAL A 142 -26.00 46.24 20.15
CA VAL A 142 -24.79 47.05 19.96
C VAL A 142 -24.77 47.66 18.56
N CYS B 4 -4.81 49.34 -30.02
CA CYS B 4 -4.50 49.27 -28.58
C CYS B 4 -3.47 48.18 -28.28
N THR B 5 -2.81 48.41 -27.16
CA THR B 5 -1.80 47.51 -26.62
C THR B 5 -2.09 47.30 -25.14
N VAL B 6 -2.20 46.02 -24.74
CA VAL B 6 -2.45 45.66 -23.36
C VAL B 6 -1.26 44.91 -22.80
N GLN B 7 -0.85 45.32 -21.60
CA GLN B 7 0.21 44.67 -20.83
C GLN B 7 -0.37 44.01 -19.59
N VAL B 8 0.01 42.76 -19.35
CA VAL B 8 -0.40 42.01 -18.16
C VAL B 8 0.84 41.41 -17.53
N ARG B 9 0.85 41.40 -16.19
CA ARG B 9 2.01 40.99 -15.42
C ARG B 9 1.81 39.57 -14.92
N LEU B 10 2.87 38.75 -15.00
CA LEU B 10 2.91 37.44 -14.38
C LEU B 10 4.04 37.43 -13.36
N GLU B 11 3.86 36.65 -12.29
CA GLU B 11 4.92 36.33 -11.38
C GLU B 11 5.26 34.84 -11.48
N LEU B 12 6.50 34.56 -11.86
CA LEU B 12 7.09 33.24 -11.75
C LEU B 12 8.00 33.26 -10.53
N GLY B 13 8.12 32.10 -9.87
CA GLY B 13 9.02 32.01 -8.74
C GLY B 13 9.11 30.57 -8.26
N HIS B 14 10.00 30.36 -7.27
CA HIS B 14 10.18 29.03 -6.72
C HIS B 14 10.84 29.15 -5.35
N ARG B 15 10.59 28.12 -4.51
CA ARG B 15 11.29 27.96 -3.25
C ARG B 15 11.99 26.61 -3.25
N ALA B 16 13.08 26.52 -2.48
CA ALA B 16 13.79 25.27 -2.30
C ALA B 16 14.51 25.28 -0.96
N GLN B 17 14.62 24.10 -0.34
CA GLN B 17 15.32 23.94 0.92
C GLN B 17 15.76 22.49 1.09
N LEU B 18 16.78 22.30 1.94
CA LEU B 18 17.26 20.97 2.29
C LEU B 18 16.16 20.27 3.09
N ARG B 19 15.89 19.01 2.74
CA ARG B 19 15.12 18.12 3.60
C ARG B 19 15.96 17.79 4.84
N LYS B 20 15.28 17.58 5.97
CA LYS B 20 15.96 17.15 7.18
C LYS B 20 16.47 15.73 7.01
N LYS B 21 15.74 14.94 6.23
CA LYS B 21 16.12 13.56 5.98
C LYS B 21 16.03 13.29 4.48
N PRO B 22 17.14 12.99 3.79
CA PRO B 22 17.07 12.48 2.42
C PRO B 22 16.07 11.33 2.27
N THR B 23 15.36 11.30 1.14
CA THR B 23 14.43 10.22 0.84
C THR B 23 15.24 8.97 0.54
N THR B 24 14.55 7.83 0.38
CA THR B 24 15.20 6.56 0.10
C THR B 24 15.95 6.62 -1.23
N GLU B 25 15.46 7.46 -2.17
CA GLU B 25 16.08 7.58 -3.48
C GLU B 25 17.32 8.48 -3.43
N GLY B 26 17.52 9.19 -2.32
CA GLY B 26 18.65 10.09 -2.16
C GLY B 26 18.31 11.54 -2.50
N PHE B 27 17.02 11.89 -2.57
CA PHE B 27 16.58 13.23 -2.87
C PHE B 27 16.82 14.13 -1.67
N THR B 28 17.60 15.19 -1.87
CA THR B 28 18.12 16.02 -0.77
C THR B 28 17.22 17.23 -0.51
N HIS B 29 16.42 17.65 -1.50
CA HIS B 29 15.71 18.91 -1.40
C HIS B 29 14.22 18.74 -1.69
N ASP B 30 13.43 19.62 -1.08
CA ASP B 30 12.07 19.89 -1.51
C ASP B 30 12.01 21.25 -2.20
N TRP B 31 11.20 21.34 -3.26
CA TRP B 31 11.04 22.60 -3.96
C TRP B 31 9.62 22.77 -4.48
N MET B 32 9.31 24.02 -4.81
CA MET B 32 7.99 24.38 -5.30
C MET B 32 8.17 25.49 -6.33
N VAL B 33 7.51 25.34 -7.49
CA VAL B 33 7.56 26.30 -8.57
CA VAL B 33 7.56 26.30 -8.57
C VAL B 33 6.14 26.82 -8.80
N PHE B 34 6.00 28.10 -9.17
CA PHE B 34 4.66 28.64 -9.36
C PHE B 34 4.63 29.70 -10.45
N VAL B 35 3.45 29.82 -11.05
CA VAL B 35 3.03 30.95 -11.84
C VAL B 35 1.79 31.53 -11.17
N ARG B 36 1.79 32.84 -10.93
CA ARG B 36 0.67 33.51 -10.30
C ARG B 36 0.64 34.97 -10.76
N GLY B 37 -0.42 35.71 -10.41
CA GLY B 37 -0.45 37.13 -10.69
C GLY B 37 0.16 37.94 -9.55
N PRO B 38 0.49 39.22 -9.80
CA PRO B 38 0.94 40.10 -8.72
C PRO B 38 -0.22 40.40 -7.78
N GLU B 39 0.10 40.85 -6.57
CA GLU B 39 -0.88 41.46 -5.68
C GLU B 39 -2.19 40.64 -5.70
N GLN B 40 -3.31 41.30 -5.89
CA GLN B 40 -4.63 40.67 -5.86
C GLN B 40 -5.11 40.61 -7.30
N CYS B 41 -4.25 40.05 -8.14
CA CYS B 41 -4.55 39.82 -9.55
C CYS B 41 -4.80 38.34 -9.80
N ASP B 42 -6.01 38.02 -10.25
CA ASP B 42 -6.38 36.67 -10.62
C ASP B 42 -6.14 36.44 -12.11
N ILE B 43 -5.07 35.71 -12.42
CA ILE B 43 -4.64 35.51 -13.81
C ILE B 43 -5.53 34.47 -14.50
N GLN B 44 -6.33 33.74 -13.69
CA GLN B 44 -7.24 32.74 -14.21
C GLN B 44 -8.21 33.34 -15.24
N HIS B 45 -8.46 34.67 -15.15
CA HIS B 45 -9.32 35.34 -16.11
C HIS B 45 -8.81 35.15 -17.54
N PHE B 46 -7.48 35.10 -17.75
CA PHE B 46 -6.92 35.01 -19.09
C PHE B 46 -6.06 33.77 -19.30
N VAL B 47 -5.79 32.99 -18.25
CA VAL B 47 -4.92 31.82 -18.38
C VAL B 47 -5.78 30.56 -18.39
N GLU B 48 -5.69 29.81 -19.49
CA GLU B 48 -6.38 28.54 -19.62
C GLU B 48 -5.71 27.50 -18.73
N LYS B 49 -4.39 27.38 -18.86
CA LYS B 49 -3.62 26.38 -18.10
C LYS B 49 -2.14 26.71 -18.13
N VAL B 50 -1.40 26.13 -17.19
CA VAL B 50 0.04 26.23 -17.16
C VAL B 50 0.61 24.82 -17.19
N VAL B 51 1.58 24.60 -18.09
CA VAL B 51 2.28 23.33 -18.21
C VAL B 51 3.71 23.51 -17.72
N PHE B 52 4.10 22.68 -16.75
CA PHE B 52 5.46 22.66 -16.21
C PHE B 52 6.18 21.45 -16.77
N TRP B 53 7.25 21.69 -17.54
CA TRP B 53 8.04 20.62 -18.14
C TRP B 53 9.24 20.32 -17.26
N LEU B 54 9.14 19.29 -16.44
CA LEU B 54 10.24 18.86 -15.59
C LEU B 54 11.29 18.11 -16.42
N HIS B 55 12.47 17.93 -15.82
CA HIS B 55 13.57 17.19 -16.40
C HIS B 55 13.13 15.75 -16.70
N ASP B 56 13.63 15.18 -17.81
CA ASP B 56 13.25 13.84 -18.25
C ASP B 56 13.52 12.77 -17.19
N SER B 57 14.37 13.10 -16.21
CA SER B 57 14.68 12.17 -15.13
C SER B 57 13.50 11.97 -14.19
N PHE B 58 12.52 12.89 -14.24
CA PHE B 58 11.30 12.74 -13.47
C PHE B 58 10.33 11.85 -14.26
N PRO B 59 9.54 10.98 -13.57
CA PRO B 59 8.47 10.26 -14.23
C PRO B 59 7.31 11.22 -14.46
N LYS B 60 6.61 11.04 -15.59
CA LYS B 60 5.54 11.92 -16.01
C LYS B 60 5.99 13.36 -15.84
N PRO B 61 7.03 13.79 -16.60
CA PRO B 61 7.60 15.14 -16.45
C PRO B 61 6.67 16.30 -16.83
N ARG B 62 5.65 16.03 -17.63
CA ARG B 62 4.73 17.06 -18.09
C ARG B 62 3.60 17.25 -17.08
N ARG B 63 3.69 18.31 -16.27
CA ARG B 63 2.75 18.55 -15.19
C ARG B 63 1.83 19.72 -15.54
N VAL B 64 0.51 19.48 -15.50
CA VAL B 64 -0.47 20.47 -15.94
C VAL B 64 -1.30 20.97 -14.75
N CYS B 65 -1.47 22.28 -14.65
CA CYS B 65 -2.49 22.87 -13.80
C CYS B 65 -3.49 23.65 -14.65
N LYS B 66 -4.75 23.25 -14.62
CA LYS B 66 -5.81 23.86 -15.40
C LYS B 66 -6.47 24.97 -14.58
N GLU B 67 -6.09 25.12 -13.31
CA GLU B 67 -6.67 26.17 -12.48
C GLU B 67 -5.72 26.49 -11.33
N PRO B 68 -5.91 27.64 -10.64
CA PRO B 68 -5.04 28.03 -9.55
C PRO B 68 -5.12 27.04 -8.38
N PRO B 69 -4.06 26.90 -7.56
CA PRO B 69 -2.78 27.58 -7.81
C PRO B 69 -2.05 26.86 -8.94
N TYR B 70 -1.40 27.62 -9.82
CA TYR B 70 -0.59 27.04 -10.87
C TYR B 70 0.78 26.76 -10.26
N LYS B 71 1.01 25.50 -9.86
CA LYS B 71 2.25 25.16 -9.18
C LYS B 71 2.51 23.66 -9.14
N VAL B 72 3.78 23.33 -8.89
CA VAL B 72 4.25 21.97 -8.75
C VAL B 72 5.13 21.92 -7.49
N GLU B 73 4.86 20.93 -6.62
CA GLU B 73 5.69 20.64 -5.47
C GLU B 73 6.36 19.29 -5.67
N GLU B 74 7.69 19.24 -5.49
CA GLU B 74 8.46 18.05 -5.77
C GLU B 74 9.66 17.94 -4.83
N SER B 75 10.33 16.78 -4.93
CA SER B 75 11.57 16.50 -4.23
C SER B 75 12.61 16.02 -5.24
N GLY B 76 13.88 16.41 -5.03
CA GLY B 76 14.93 16.03 -5.95
C GLY B 76 16.32 16.28 -5.39
N TYR B 77 17.34 16.04 -6.23
CA TYR B 77 18.74 16.10 -5.80
C TYR B 77 19.51 17.19 -6.55
N ALA B 78 18.91 17.79 -7.58
CA ALA B 78 19.61 18.74 -8.42
C ALA B 78 18.65 19.71 -9.11
N GLY B 79 19.16 20.90 -9.40
CA GLY B 79 18.43 21.93 -10.14
C GLY B 79 18.54 21.72 -11.65
N PHE B 80 17.72 22.46 -12.41
CA PHE B 80 17.65 22.29 -13.86
C PHE B 80 16.81 23.40 -14.48
N ILE B 81 16.83 23.45 -15.82
CA ILE B 81 16.05 24.39 -16.60
C ILE B 81 14.69 23.78 -16.87
N MET B 82 13.63 24.51 -16.51
CA MET B 82 12.26 24.04 -16.61
C MET B 82 11.49 24.95 -17.55
N PRO B 83 11.17 24.48 -18.78
CA PRO B 83 10.21 25.17 -19.63
C PRO B 83 8.86 25.26 -18.91
N ILE B 84 8.23 26.44 -18.98
CA ILE B 84 6.91 26.66 -18.45
C ILE B 84 6.08 27.31 -19.54
N GLU B 85 5.02 26.63 -19.98
CA GLU B 85 4.12 27.18 -20.97
C GLU B 85 2.88 27.73 -20.30
N VAL B 86 2.57 28.99 -20.60
CA VAL B 86 1.33 29.59 -20.12
C VAL B 86 0.41 29.72 -21.33
N HIS B 87 -0.73 29.01 -21.26
CA HIS B 87 -1.72 28.99 -22.33
C HIS B 87 -2.82 30.01 -21.99
N PHE B 88 -3.30 30.75 -23.00
CA PHE B 88 -4.23 31.84 -22.79
C PHE B 88 -5.63 31.44 -23.24
N LYS B 89 -6.65 32.07 -22.63
CA LYS B 89 -8.04 31.89 -23.03
C LYS B 89 -8.33 32.82 -24.20
N ASN B 90 -7.62 32.57 -25.31
CA ASN B 90 -7.60 33.45 -26.45
C ASN B 90 -8.01 32.64 -27.68
N LYS B 91 -8.66 33.28 -28.65
CA LYS B 91 -9.17 32.60 -29.84
C LYS B 91 -8.24 32.85 -31.03
N GLU B 92 -7.29 33.81 -30.92
CA GLU B 92 -6.33 34.03 -31.99
C GLU B 92 -4.94 34.01 -31.38
N GLU B 93 -3.91 34.21 -32.21
CA GLU B 93 -2.54 34.20 -31.74
C GLU B 93 -2.25 35.50 -31.00
N PRO B 94 -1.32 35.53 -30.01
CA PRO B 94 -0.66 34.33 -29.51
C PRO B 94 -1.55 33.50 -28.58
N ARG B 95 -1.48 32.18 -28.74
CA ARG B 95 -2.24 31.22 -27.97
C ARG B 95 -1.54 30.92 -26.64
N LYS B 96 -0.23 31.15 -26.60
CA LYS B 96 0.55 30.77 -25.44
C LYS B 96 1.92 31.45 -25.48
N VAL B 97 2.66 31.34 -24.38
CA VAL B 97 4.03 31.79 -24.31
C VAL B 97 4.81 30.77 -23.50
N CYS B 98 6.09 30.54 -23.87
CA CYS B 98 6.93 29.60 -23.17
CA CYS B 98 6.93 29.60 -23.17
C CYS B 98 8.09 30.35 -22.50
N PHE B 99 8.13 30.31 -21.16
CA PHE B 99 9.26 30.82 -20.41
C PHE B 99 10.25 29.67 -20.19
N THR B 100 11.54 29.98 -20.07
CA THR B 100 12.51 29.01 -19.59
C THR B 100 12.92 29.43 -18.17
N TYR B 101 12.59 28.59 -17.19
CA TYR B 101 12.73 28.91 -15.79
C TYR B 101 13.91 28.14 -15.19
N ASP B 102 14.76 28.86 -14.45
CA ASP B 102 15.89 28.26 -13.80
C ASP B 102 15.48 27.80 -12.40
N LEU B 103 15.24 26.50 -12.26
CA LEU B 103 14.93 25.93 -10.94
C LEU B 103 16.24 25.50 -10.27
N PHE B 104 16.80 26.40 -9.49
CA PHE B 104 18.09 26.17 -8.86
C PHE B 104 17.85 25.92 -7.37
N LEU B 105 18.69 25.07 -6.79
CA LEU B 105 18.62 24.69 -5.40
C LEU B 105 19.68 25.44 -4.61
N ASN B 106 19.51 25.45 -3.29
CA ASN B 106 20.49 26.01 -2.38
C ASN B 106 21.50 24.92 -2.03
N LEU B 107 22.73 25.34 -1.78
CA LEU B 107 23.78 24.45 -1.33
C LEU B 107 23.63 24.27 0.19
N GLU B 108 23.95 23.05 0.66
CA GLU B 108 23.79 22.70 2.06
C GLU B 108 24.60 23.68 2.92
N GLY B 109 23.93 24.31 3.89
CA GLY B 109 24.57 25.29 4.75
C GLY B 109 24.12 26.71 4.41
N ASN B 110 23.62 26.92 3.19
CA ASN B 110 23.19 28.24 2.73
C ASN B 110 21.68 28.39 2.94
N PRO B 111 21.14 29.63 2.95
CA PRO B 111 19.71 29.84 3.18
C PRO B 111 18.82 29.18 2.13
N PRO B 112 17.53 28.89 2.45
CA PRO B 112 16.59 28.39 1.44
C PRO B 112 16.47 29.36 0.28
N VAL B 113 16.23 28.83 -0.92
CA VAL B 113 15.94 29.64 -2.09
C VAL B 113 14.54 30.20 -1.93
N ASN B 114 14.39 31.50 -2.22
CA ASN B 114 13.09 32.13 -2.35
C ASN B 114 13.18 33.16 -3.47
N HIS B 115 12.97 32.70 -4.71
CA HIS B 115 13.23 33.50 -5.89
C HIS B 115 11.91 33.97 -6.51
N LEU B 116 11.89 35.26 -6.88
CA LEU B 116 10.78 35.84 -7.58
C LEU B 116 11.20 36.44 -8.91
N ARG B 117 10.37 36.23 -9.93
CA ARG B 117 10.63 36.68 -11.29
C ARG B 117 9.35 37.28 -11.86
N CYS B 118 9.41 38.57 -12.20
CA CYS B 118 8.26 39.28 -12.73
CA CYS B 118 8.25 39.27 -12.74
C CYS B 118 8.35 39.32 -14.27
N GLU B 119 7.29 38.88 -14.93
CA GLU B 119 7.24 38.92 -16.37
C GLU B 119 6.11 39.85 -16.78
N LYS B 120 6.31 40.47 -17.94
CA LYS B 120 5.37 41.37 -18.56
C LYS B 120 5.07 40.82 -19.95
N LEU B 121 3.77 40.71 -20.26
CA LEU B 121 3.35 40.26 -21.57
C LEU B 121 2.60 41.39 -22.25
N THR B 122 2.88 41.56 -23.54
CA THR B 122 2.29 42.61 -24.35
C THR B 122 1.45 41.95 -25.44
N PHE B 123 0.17 42.33 -25.47
CA PHE B 123 -0.77 41.88 -26.48
C PHE B 123 -1.15 43.05 -27.38
N ASN B 124 -0.88 42.94 -28.68
CA ASN B 124 -1.29 43.95 -29.64
C ASN B 124 -2.68 43.62 -30.16
N ASN B 125 -3.55 44.64 -30.17
CA ASN B 125 -4.88 44.56 -30.76
C ASN B 125 -5.57 43.26 -30.40
N PRO B 126 -5.80 42.96 -29.11
CA PRO B 126 -6.59 41.78 -28.75
C PRO B 126 -8.06 42.01 -29.09
N THR B 127 -8.82 40.92 -29.29
CA THR B 127 -10.26 41.03 -29.46
C THR B 127 -10.81 41.74 -28.23
N THR B 128 -12.04 42.24 -28.35
CA THR B 128 -12.74 42.87 -27.25
C THR B 128 -12.87 41.87 -26.11
N GLU B 129 -13.28 40.65 -26.42
CA GLU B 129 -13.53 39.62 -25.44
C GLU B 129 -12.26 39.32 -24.64
N PHE B 130 -11.11 39.27 -25.34
CA PHE B 130 -9.86 38.87 -24.71
C PHE B 130 -9.29 40.06 -23.92
N ARG B 131 -9.53 41.28 -24.42
CA ARG B 131 -9.07 42.49 -23.74
C ARG B 131 -9.71 42.54 -22.35
N TYR B 132 -11.00 42.24 -22.27
CA TYR B 132 -11.74 42.27 -21.00
C TYR B 132 -11.11 41.26 -20.04
N LYS B 133 -10.81 40.05 -20.53
CA LYS B 133 -10.19 39.03 -19.70
C LYS B 133 -8.84 39.55 -19.15
N LEU B 134 -8.06 40.21 -20.00
CA LEU B 134 -6.76 40.71 -19.60
C LEU B 134 -6.92 41.80 -18.54
N LEU B 135 -7.94 42.65 -18.68
CA LEU B 135 -8.14 43.77 -17.77
C LEU B 135 -8.63 43.27 -16.42
N ARG B 136 -9.44 42.22 -16.42
CA ARG B 136 -9.94 41.65 -15.17
C ARG B 136 -8.79 40.96 -14.43
N ALA B 137 -7.71 40.65 -15.13
CA ALA B 137 -6.55 40.04 -14.50
C ALA B 137 -5.52 41.10 -14.08
N GLY B 138 -5.84 42.38 -14.20
CA GLY B 138 -4.94 43.46 -13.80
C GLY B 138 -4.10 44.00 -14.95
N GLY B 139 -4.50 43.72 -16.16
CA GLY B 139 -3.87 44.31 -17.34
C GLY B 139 -4.15 45.79 -17.49
N VAL B 140 -3.26 46.49 -18.17
CA VAL B 140 -3.35 47.93 -18.39
C VAL B 140 -3.14 48.18 -19.88
N MET B 141 -3.93 49.09 -20.47
CA MET B 141 -3.69 49.57 -21.83
C MET B 141 -2.50 50.53 -21.81
N VAL B 142 -1.63 50.41 -22.83
CA VAL B 142 -0.36 51.13 -22.90
C VAL B 142 -0.24 51.83 -24.26
N GLN C 3 19.95 17.97 -50.01
CA GLN C 3 20.48 17.50 -48.70
C GLN C 3 19.37 17.61 -47.65
N CYS C 4 18.50 18.62 -47.75
CA CYS C 4 17.49 18.85 -46.70
C CYS C 4 16.24 19.52 -47.27
N THR C 5 15.06 19.01 -46.93
CA THR C 5 13.79 19.65 -47.34
C THR C 5 12.89 19.79 -46.12
N VAL C 6 12.55 21.01 -45.73
CA VAL C 6 11.69 21.31 -44.59
C VAL C 6 10.34 21.82 -45.08
N GLN C 7 9.26 21.27 -44.53
CA GLN C 7 7.91 21.69 -44.81
C GLN C 7 7.28 22.29 -43.55
N VAL C 8 6.59 23.43 -43.71
CA VAL C 8 5.87 24.08 -42.62
C VAL C 8 4.47 24.42 -43.12
N ARG C 9 3.49 24.38 -42.22
CA ARG C 9 2.11 24.68 -42.56
C ARG C 9 1.76 26.09 -42.11
N LEU C 10 1.03 26.83 -42.96
CA LEU C 10 0.40 28.09 -42.58
C LEU C 10 -1.10 27.95 -42.70
N GLU C 11 -1.84 28.69 -41.86
CA GLU C 11 -3.28 28.83 -42.01
C GLU C 11 -3.60 30.29 -42.33
N LEU C 12 -4.22 30.49 -43.49
CA LEU C 12 -4.85 31.76 -43.86
C LEU C 12 -6.35 31.58 -43.67
N GLY C 13 -7.04 32.66 -43.32
CA GLY C 13 -8.48 32.61 -43.18
C GLY C 13 -9.06 34.00 -42.93
N HIS C 14 -10.38 34.09 -42.87
CA HIS C 14 -11.06 35.35 -42.64
C HIS C 14 -12.48 35.09 -42.14
N ARG C 15 -13.01 36.07 -41.40
CA ARG C 15 -14.41 36.10 -41.02
C ARG C 15 -15.02 37.38 -41.55
N ALA C 16 -16.33 37.33 -41.82
CA ALA C 16 -17.09 38.51 -42.22
C ALA C 16 -18.54 38.34 -41.78
N GLN C 17 -19.17 39.46 -41.44
CA GLN C 17 -20.57 39.48 -41.04
C GLN C 17 -21.16 40.87 -41.24
N LEU C 18 -22.48 40.93 -41.35
CA LEU C 18 -23.21 42.19 -41.44
C LEU C 18 -23.05 42.91 -40.10
N ARG C 19 -22.75 44.21 -40.18
CA ARG C 19 -22.84 45.08 -39.02
C ARG C 19 -24.32 45.24 -38.64
N LYS C 20 -24.54 45.44 -37.33
CA LYS C 20 -25.85 45.70 -36.80
C LYS C 20 -26.34 47.07 -37.30
N LYS C 21 -25.38 48.00 -37.44
CA LYS C 21 -25.65 49.35 -37.87
C LYS C 21 -24.63 49.74 -38.91
N PRO C 22 -25.01 50.01 -40.18
CA PRO C 22 -24.08 50.60 -41.16
C PRO C 22 -23.38 51.84 -40.59
N THR C 23 -22.09 52.01 -40.91
CA THR C 23 -21.34 53.17 -40.47
C THR C 23 -21.85 54.39 -41.24
N THR C 24 -21.36 55.57 -40.87
CA THR C 24 -21.78 56.81 -41.52
C THR C 24 -21.37 56.79 -43.00
N GLU C 25 -20.29 56.08 -43.33
CA GLU C 25 -19.79 56.00 -44.70
C GLU C 25 -20.62 55.01 -45.54
N GLY C 26 -21.45 54.21 -44.87
CA GLY C 26 -22.25 53.20 -45.55
C GLY C 26 -21.59 51.83 -45.60
N PHE C 27 -20.60 51.59 -44.72
CA PHE C 27 -19.92 50.31 -44.63
C PHE C 27 -20.86 49.29 -43.96
N THR C 28 -21.14 48.18 -44.67
CA THR C 28 -22.18 47.24 -44.27
C THR C 28 -21.60 46.09 -43.44
N HIS C 29 -20.29 45.82 -43.56
CA HIS C 29 -19.72 44.61 -42.98
C HIS C 29 -18.49 44.91 -42.13
N ASP C 30 -18.30 44.05 -41.13
CA ASP C 30 -17.02 43.92 -40.46
C ASP C 30 -16.36 42.62 -40.91
N TRP C 31 -15.03 42.68 -41.07
CA TRP C 31 -14.29 41.49 -41.42
C TRP C 31 -12.91 41.49 -40.76
N MET C 32 -12.33 40.30 -40.74
CA MET C 32 -11.05 40.05 -40.13
C MET C 32 -10.32 39.00 -40.96
N VAL C 33 -9.06 39.28 -41.30
CA VAL C 33 -8.22 38.38 -42.08
CA VAL C 33 -8.22 38.38 -42.08
C VAL C 33 -7.01 38.00 -41.23
N PHE C 34 -6.52 36.77 -41.34
CA PHE C 34 -5.41 36.36 -40.50
C PHE C 34 -4.50 35.39 -41.23
N VAL C 35 -3.23 35.42 -40.78
CA VAL C 35 -2.26 34.37 -40.99
C VAL C 35 -1.84 33.86 -39.63
N ARG C 36 -1.88 32.52 -39.46
CA ARG C 36 -1.44 31.91 -38.21
C ARG C 36 -0.92 30.51 -38.50
N GLY C 37 -0.32 29.88 -37.47
CA GLY C 37 0.12 28.51 -37.53
C GLY C 37 -1.00 27.56 -37.12
N PRO C 38 -0.91 26.26 -37.48
CA PRO C 38 -1.84 25.26 -36.96
C PRO C 38 -1.61 25.07 -35.47
N GLU C 39 -2.60 24.51 -34.78
CA GLU C 39 -2.58 24.38 -33.32
C GLU C 39 -1.20 23.96 -32.84
N GLN C 40 -0.65 24.71 -31.87
CA GLN C 40 0.59 24.40 -31.18
C GLN C 40 1.82 24.87 -31.95
N CYS C 41 1.63 25.57 -33.08
CA CYS C 41 2.74 26.02 -33.90
C CYS C 41 2.85 27.54 -33.78
N ASP C 42 3.98 28.01 -33.24
CA ASP C 42 4.28 29.44 -33.22
C ASP C 42 5.11 29.77 -34.46
N ILE C 43 4.47 30.40 -35.46
CA ILE C 43 5.11 30.67 -36.74
C ILE C 43 6.05 31.86 -36.62
N GLN C 44 5.95 32.61 -35.52
CA GLN C 44 6.80 33.75 -35.25
C GLN C 44 8.28 33.36 -35.25
N HIS C 45 8.58 32.08 -34.97
CA HIS C 45 9.96 31.61 -35.02
C HIS C 45 10.59 31.84 -36.40
N PHE C 46 9.81 31.74 -37.48
CA PHE C 46 10.36 31.86 -38.82
C PHE C 46 9.74 33.01 -39.62
N VAL C 47 8.70 33.67 -39.08
CA VAL C 47 8.03 34.73 -39.82
C VAL C 47 8.48 36.08 -39.24
N GLU C 48 9.08 36.90 -40.11
CA GLU C 48 9.52 38.24 -39.74
C GLU C 48 8.29 39.13 -39.62
N LYS C 49 7.44 39.11 -40.66
CA LYS C 49 6.27 39.95 -40.70
C LYS C 49 5.30 39.45 -41.77
N VAL C 50 4.05 39.90 -41.65
CA VAL C 50 3.04 39.65 -42.65
C VAL C 50 2.51 41.00 -43.13
N VAL C 51 2.49 41.18 -44.46
CA VAL C 51 1.96 42.37 -45.09
C VAL C 51 0.63 42.02 -45.76
N PHE C 52 -0.43 42.76 -45.37
CA PHE C 52 -1.74 42.62 -45.98
C PHE C 52 -1.97 43.80 -46.92
N TRP C 53 -2.12 43.51 -48.21
CA TRP C 53 -2.36 44.54 -49.21
C TRP C 53 -3.85 44.69 -49.47
N LEU C 54 -4.45 45.70 -48.83
CA LEU C 54 -5.86 46.00 -49.04
C LEU C 54 -6.07 46.70 -50.38
N HIS C 55 -7.33 46.76 -50.81
CA HIS C 55 -7.75 47.46 -52.01
C HIS C 55 -7.38 48.93 -51.91
N ASP C 56 -6.99 49.55 -53.04
CA ASP C 56 -6.53 50.94 -53.08
C ASP C 56 -7.60 51.91 -52.55
N SER C 57 -8.85 51.46 -52.47
CA SER C 57 -9.94 52.28 -51.95
C SER C 57 -9.81 52.50 -50.44
N PHE C 58 -9.01 51.66 -49.77
CA PHE C 58 -8.72 51.85 -48.36
C PHE C 58 -7.57 52.86 -48.22
N PRO C 59 -7.60 53.72 -47.19
CA PRO C 59 -6.47 54.59 -46.88
C PRO C 59 -5.37 53.75 -46.23
N LYS C 60 -4.11 54.07 -46.55
CA LYS C 60 -2.96 53.31 -46.08
C LYS C 60 -3.25 51.82 -46.25
N PRO C 61 -3.39 51.36 -47.51
CA PRO C 61 -3.77 49.97 -47.79
C PRO C 61 -2.75 48.90 -47.41
N ARG C 62 -1.48 49.31 -47.25
CA ARG C 62 -0.42 48.37 -46.90
C ARG C 62 -0.33 48.22 -45.38
N ARG C 63 -0.87 47.11 -44.86
CA ARG C 63 -0.97 46.90 -43.43
C ARG C 63 0.03 45.82 -42.98
N VAL C 64 0.89 46.19 -42.02
CA VAL C 64 1.99 45.34 -41.60
C VAL C 64 1.78 44.87 -40.17
N CYS C 65 1.98 43.58 -39.93
CA CYS C 65 2.08 43.02 -38.59
C CYS C 65 3.46 42.38 -38.43
N LYS C 66 4.25 42.91 -37.48
CA LYS C 66 5.60 42.44 -37.25
C LYS C 66 5.60 41.33 -36.19
N GLU C 67 4.44 41.07 -35.58
CA GLU C 67 4.36 40.01 -34.57
C GLU C 67 2.92 39.55 -34.44
N PRO C 68 2.65 38.38 -33.81
CA PRO C 68 1.29 37.88 -33.68
C PRO C 68 0.44 38.82 -32.81
N PRO C 69 -0.90 38.88 -33.02
CA PRO C 69 -1.56 38.12 -34.08
C PRO C 69 -1.33 38.78 -35.43
N TYR C 70 -1.06 37.97 -36.47
CA TYR C 70 -0.92 38.53 -37.80
C TYR C 70 -2.32 38.64 -38.38
N LYS C 71 -2.87 39.86 -38.32
CA LYS C 71 -4.25 40.05 -38.73
C LYS C 71 -4.57 41.52 -39.02
N VAL C 72 -5.67 41.70 -39.76
CA VAL C 72 -6.27 43.00 -40.01
C VAL C 72 -7.77 42.91 -39.72
N GLU C 73 -8.28 43.86 -38.94
CA GLU C 73 -9.69 44.01 -38.70
C GLU C 73 -10.17 45.31 -39.35
N GLU C 74 -11.23 45.22 -40.15
CA GLU C 74 -11.70 46.36 -40.92
C GLU C 74 -13.20 46.31 -41.12
N SER C 75 -13.73 47.41 -41.66
CA SER C 75 -15.11 47.55 -42.06
C SER C 75 -15.16 48.02 -43.50
N GLY C 76 -16.15 47.53 -44.25
CA GLY C 76 -16.29 47.89 -45.65
C GLY C 76 -17.63 47.50 -46.23
N TYR C 77 -17.77 47.68 -47.54
CA TYR C 77 -19.03 47.45 -48.24
C TYR C 77 -18.88 46.36 -49.30
N ALA C 78 -17.66 45.90 -49.58
CA ALA C 78 -17.45 44.95 -50.66
C ALA C 78 -16.19 44.10 -50.46
N GLY C 79 -16.22 42.90 -51.03
CA GLY C 79 -15.10 41.97 -51.02
C GLY C 79 -14.14 42.25 -52.16
N PHE C 80 -12.96 41.62 -52.11
CA PHE C 80 -11.89 41.88 -53.08
C PHE C 80 -10.75 40.88 -52.91
N ILE C 81 -9.82 40.91 -53.86
CA ILE C 81 -8.64 40.08 -53.84
C ILE C 81 -7.54 40.80 -53.07
N MET C 82 -6.99 40.11 -52.06
CA MET C 82 -6.03 40.69 -51.14
C MET C 82 -4.72 39.92 -51.25
N PRO C 83 -3.67 40.49 -51.87
CA PRO C 83 -2.32 39.93 -51.75
C PRO C 83 -1.91 39.92 -50.28
N ILE C 84 -1.31 38.79 -49.85
CA ILE C 84 -0.74 38.67 -48.52
C ILE C 84 0.68 38.15 -48.66
N GLU C 85 1.65 38.95 -48.22
CA GLU C 85 3.04 38.55 -48.24
C GLU C 85 3.44 38.07 -46.85
N VAL C 86 4.03 36.87 -46.80
CA VAL C 86 4.64 36.38 -45.57
C VAL C 86 6.16 36.45 -45.74
N HIS C 87 6.80 37.26 -44.90
CA HIS C 87 8.24 37.46 -44.94
C HIS C 87 8.89 36.56 -43.89
N PHE C 88 10.04 35.97 -44.24
CA PHE C 88 10.70 34.98 -43.41
C PHE C 88 11.92 35.57 -42.74
N LYS C 89 12.28 35.03 -41.57
CA LYS C 89 13.48 35.44 -40.86
C LYS C 89 14.69 34.70 -41.45
N ASN C 90 14.94 34.96 -42.72
CA ASN C 90 15.86 34.19 -43.54
C ASN C 90 16.85 35.18 -44.17
N LYS C 91 18.10 34.73 -44.37
CA LYS C 91 19.14 35.58 -44.92
C LYS C 91 19.36 35.32 -46.41
N GLU C 92 18.78 34.24 -46.95
CA GLU C 92 18.89 33.98 -48.38
C GLU C 92 17.49 33.74 -48.93
N GLU C 93 17.41 33.48 -50.24
CA GLU C 93 16.14 33.23 -50.88
C GLU C 93 15.63 31.84 -50.51
N PRO C 94 14.31 31.60 -50.47
CA PRO C 94 13.29 32.66 -50.63
C PRO C 94 13.13 33.50 -49.36
N ARG C 95 12.97 34.79 -49.52
CA ARG C 95 12.85 35.71 -48.36
C ARG C 95 11.38 35.85 -48.00
N LYS C 96 10.51 35.54 -48.94
CA LYS C 96 9.10 35.74 -48.69
C LYS C 96 8.28 34.93 -49.71
N VAL C 97 6.98 34.87 -49.46
CA VAL C 97 6.04 34.26 -50.38
C VAL C 97 4.78 35.12 -50.39
N CYS C 98 4.15 35.25 -51.57
CA CYS C 98 2.96 36.05 -51.73
C CYS C 98 1.77 35.17 -52.09
N PHE C 99 0.78 35.10 -51.20
CA PHE C 99 -0.48 34.43 -51.49
C PHE C 99 -1.46 35.46 -52.04
N THR C 100 -2.42 35.01 -52.87
CA THR C 100 -3.51 35.88 -53.29
C THR C 100 -4.78 35.37 -52.63
N TYR C 101 -5.36 36.19 -51.74
CA TYR C 101 -6.43 35.75 -50.86
C TYR C 101 -7.74 36.38 -51.29
N ASP C 102 -8.79 35.57 -51.36
CA ASP C 102 -10.12 36.06 -51.72
C ASP C 102 -10.86 36.46 -50.45
N LEU C 103 -10.91 37.77 -50.19
CA LEU C 103 -11.68 38.30 -49.07
C LEU C 103 -13.12 38.56 -49.53
N PHE C 104 -13.98 37.57 -49.35
CA PHE C 104 -15.35 37.66 -49.84
C PHE C 104 -16.28 37.83 -48.63
N LEU C 105 -17.36 38.57 -48.86
CA LEU C 105 -18.33 38.87 -47.82
C LEU C 105 -19.56 37.99 -48.00
N ASN C 106 -20.36 37.91 -46.95
CA ASN C 106 -21.64 37.22 -47.00
C ASN C 106 -22.70 38.20 -47.49
N LEU C 107 -23.71 37.67 -48.18
CA LEU C 107 -24.85 38.46 -48.60
C LEU C 107 -25.84 38.55 -47.43
N GLU C 108 -26.52 39.70 -47.31
CA GLU C 108 -27.44 39.94 -46.22
C GLU C 108 -28.52 38.86 -46.21
N GLY C 109 -28.68 38.20 -45.05
CA GLY C 109 -29.62 37.09 -44.92
C GLY C 109 -28.91 35.75 -44.83
N ASN C 110 -27.67 35.68 -45.32
CA ASN C 110 -26.88 34.45 -45.32
C ASN C 110 -25.98 34.40 -44.10
N PRO C 111 -25.47 33.20 -43.69
CA PRO C 111 -24.62 33.10 -42.51
C PRO C 111 -23.32 33.91 -42.62
N PRO C 112 -22.69 34.27 -41.48
CA PRO C 112 -21.38 34.91 -41.51
C PRO C 112 -20.36 34.02 -42.23
N VAL C 113 -19.40 34.66 -42.91
CA VAL C 113 -18.29 33.95 -43.51
C VAL C 113 -17.36 33.50 -42.39
N ASN C 114 -16.92 32.25 -42.47
CA ASN C 114 -15.86 31.74 -41.62
C ASN C 114 -14.99 30.78 -42.44
N HIS C 115 -14.02 31.34 -43.16
CA HIS C 115 -13.26 30.60 -44.16
C HIS C 115 -11.86 30.28 -43.66
N LEU C 116 -11.42 29.04 -43.88
CA LEU C 116 -10.08 28.61 -43.54
C LEU C 116 -9.37 28.06 -44.78
N ARG C 117 -8.07 28.37 -44.89
CA ARG C 117 -7.25 27.97 -46.01
C ARG C 117 -5.88 27.54 -45.49
N CYS C 118 -5.53 26.28 -45.72
CA CYS C 118 -4.29 25.70 -45.23
C CYS C 118 -3.25 25.69 -46.35
N GLU C 119 -2.08 26.25 -46.08
CA GLU C 119 -1.01 26.30 -47.06
C GLU C 119 0.18 25.54 -46.51
N LYS C 120 0.98 25.01 -47.44
CA LYS C 120 2.17 24.25 -47.16
C LYS C 120 3.35 24.92 -47.86
N LEU C 121 4.44 25.16 -47.13
CA LEU C 121 5.63 25.76 -47.68
C LEU C 121 6.78 24.77 -47.60
N THR C 122 7.54 24.68 -48.69
CA THR C 122 8.66 23.75 -48.79
C THR C 122 9.93 24.56 -48.99
N PHE C 123 10.91 24.35 -48.10
CA PHE C 123 12.20 24.99 -48.16
C PHE C 123 13.28 23.96 -48.47
N ASN C 124 14.01 24.17 -49.59
CA ASN C 124 15.14 23.33 -49.90
C ASN C 124 16.41 23.89 -49.27
N ASN C 125 17.18 23.02 -48.63
CA ASN C 125 18.52 23.31 -48.13
C ASN C 125 18.55 24.66 -47.44
N PRO C 126 17.79 24.89 -46.36
CA PRO C 126 17.91 26.13 -45.60
C PRO C 126 19.22 26.12 -44.82
N THR C 127 19.72 27.32 -44.47
CA THR C 127 20.87 27.43 -43.58
C THR C 127 20.53 26.68 -42.28
N THR C 128 21.55 26.37 -41.49
CA THR C 128 21.38 25.73 -40.20
C THR C 128 20.49 26.62 -39.33
N GLU C 129 20.79 27.91 -39.30
CA GLU C 129 20.12 28.88 -38.45
C GLU C 129 18.63 28.90 -38.79
N PHE C 130 18.31 28.87 -40.09
CA PHE C 130 16.93 29.02 -40.54
C PHE C 130 16.18 27.70 -40.38
N ARG C 131 16.90 26.58 -40.51
CA ARG C 131 16.30 25.26 -40.32
C ARG C 131 15.77 25.15 -38.89
N TYR C 132 16.56 25.63 -37.93
CA TYR C 132 16.18 25.57 -36.53
C TYR C 132 14.90 26.38 -36.31
N LYS C 133 14.86 27.58 -36.89
CA LYS C 133 13.68 28.43 -36.78
C LYS C 133 12.45 27.72 -37.33
N LEU C 134 12.61 27.04 -38.48
CA LEU C 134 11.47 26.37 -39.11
C LEU C 134 11.00 25.21 -38.22
N LEU C 135 11.94 24.51 -37.56
CA LEU C 135 11.59 23.35 -36.76
C LEU C 135 10.90 23.79 -35.47
N ARG C 136 11.36 24.90 -34.89
CA ARG C 136 10.73 25.44 -33.69
C ARG C 136 9.30 25.88 -34.00
N ALA C 137 9.01 26.16 -35.28
CA ALA C 137 7.68 26.59 -35.66
C ALA C 137 6.79 25.40 -36.04
N GLY C 138 7.28 24.15 -35.86
CA GLY C 138 6.48 22.98 -36.18
C GLY C 138 6.77 22.45 -37.59
N GLY C 139 7.88 22.87 -38.19
CA GLY C 139 8.29 22.33 -39.46
C GLY C 139 8.81 20.90 -39.31
N VAL C 140 8.73 20.14 -40.41
CA VAL C 140 9.16 18.75 -40.44
C VAL C 140 10.10 18.58 -41.63
N MET C 141 11.21 17.85 -41.42
CA MET C 141 12.09 17.46 -42.51
C MET C 141 11.42 16.34 -43.32
N VAL C 142 11.50 16.43 -44.64
CA VAL C 142 10.71 15.59 -45.52
C VAL C 142 11.63 15.04 -46.60
N MET C 143 11.15 14.04 -47.35
CA MET C 143 11.92 13.45 -48.43
C MET C 143 10.97 12.63 -49.33
N PRO C 144 11.12 12.66 -50.68
CA PRO C 144 10.28 11.83 -51.55
C PRO C 144 10.75 10.36 -51.58
N GLU C 145 9.82 9.45 -51.88
CA GLU C 145 10.08 8.02 -52.06
C GLU C 145 8.96 7.19 -51.41
N CYS D 4 -1.78 16.92 -3.03
CA CYS D 4 -2.80 17.10 -1.96
C CYS D 4 -4.00 17.86 -2.51
N THR D 5 -5.21 17.28 -2.36
CA THR D 5 -6.42 17.90 -2.86
C THR D 5 -7.47 17.91 -1.75
N VAL D 6 -8.03 19.09 -1.47
CA VAL D 6 -9.00 19.26 -0.41
C VAL D 6 -10.33 19.71 -0.98
N GLN D 7 -11.41 19.04 -0.55
CA GLN D 7 -12.76 19.35 -0.93
C GLN D 7 -13.54 19.86 0.27
N VAL D 8 -14.31 20.94 0.07
CA VAL D 8 -15.24 21.45 1.06
C VAL D 8 -16.59 21.64 0.39
N ARG D 9 -17.67 21.44 1.15
CA ARG D 9 -19.03 21.62 0.65
C ARG D 9 -19.57 22.96 1.14
N LEU D 10 -20.26 23.67 0.26
CA LEU D 10 -21.04 24.85 0.63
C LEU D 10 -22.51 24.57 0.33
N GLU D 11 -23.39 25.14 1.14
CA GLU D 11 -24.82 25.14 0.86
C GLU D 11 -25.28 26.57 0.61
N LEU D 12 -25.80 26.81 -0.60
CA LEU D 12 -26.52 28.03 -0.94
C LEU D 12 -28.00 27.68 -0.95
N GLY D 13 -28.84 28.66 -0.59
CA GLY D 13 -30.28 28.43 -0.63
C GLY D 13 -31.04 29.72 -0.34
N HIS D 14 -32.37 29.66 -0.43
CA HIS D 14 -33.20 30.81 -0.20
C HIS D 14 -34.63 30.37 0.11
N ARG D 15 -35.36 31.20 0.86
CA ARG D 15 -36.79 31.04 1.06
C ARG D 15 -37.49 32.30 0.58
N ALA D 16 -38.74 32.14 0.12
CA ALA D 16 -39.57 33.27 -0.25
C ALA D 16 -41.03 32.91 -0.05
N GLN D 17 -41.84 33.92 0.32
CA GLN D 17 -43.27 33.75 0.53
C GLN D 17 -43.98 35.08 0.39
N LEU D 18 -45.29 35.02 0.09
CA LEU D 18 -46.11 36.20 0.02
C LEU D 18 -46.23 36.79 1.42
N ARG D 19 -46.07 38.12 1.53
CA ARG D 19 -46.45 38.84 2.72
C ARG D 19 -47.98 38.84 2.83
N LYS D 20 -48.49 38.85 4.06
CA LYS D 20 -49.92 38.95 4.30
C LYS D 20 -50.40 40.35 3.90
N LYS D 21 -49.53 41.34 4.06
CA LYS D 21 -49.83 42.72 3.73
C LYS D 21 -48.68 43.31 2.94
N PRO D 22 -48.86 43.71 1.68
CA PRO D 22 -47.85 44.49 0.96
C PRO D 22 -47.37 45.68 1.77
N THR D 23 -46.07 46.00 1.65
CA THR D 23 -45.49 47.15 2.32
C THR D 23 -46.01 48.42 1.62
N THR D 24 -45.68 49.58 2.18
CA THR D 24 -46.12 50.85 1.62
C THR D 24 -45.54 51.05 0.22
N GLU D 25 -44.36 50.46 -0.05
CA GLU D 25 -43.71 50.58 -1.34
C GLU D 25 -44.32 49.64 -2.38
N GLY D 26 -45.15 48.69 -1.93
CA GLY D 26 -45.78 47.71 -2.82
C GLY D 26 -45.03 46.39 -2.90
N PHE D 27 -44.12 46.14 -1.94
CA PHE D 27 -43.34 44.91 -1.92
C PHE D 27 -44.24 43.76 -1.47
N THR D 28 -44.33 42.72 -2.29
CA THR D 28 -45.31 41.64 -2.13
C THR D 28 -44.74 40.47 -1.34
N HIS D 29 -43.39 40.32 -1.32
CA HIS D 29 -42.78 39.12 -0.80
C HIS D 29 -41.70 39.44 0.24
N ASP D 30 -41.52 38.50 1.17
CA ASP D 30 -40.31 38.43 1.98
C ASP D 30 -39.45 37.28 1.50
N TRP D 31 -38.13 37.49 1.53
CA TRP D 31 -37.22 36.42 1.16
C TRP D 31 -35.94 36.49 1.98
N MET D 32 -35.22 35.36 1.96
CA MET D 32 -33.97 35.22 2.68
C MET D 32 -33.05 34.34 1.85
N VAL D 33 -31.80 34.78 1.68
CA VAL D 33 -30.78 34.06 0.94
CA VAL D 33 -30.78 34.06 0.95
C VAL D 33 -29.64 33.73 1.91
N PHE D 34 -29.00 32.58 1.74
CA PHE D 34 -27.92 32.22 2.65
C PHE D 34 -26.83 31.42 1.96
N VAL D 35 -25.62 31.56 2.53
CA VAL D 35 -24.51 30.64 2.32
C VAL D 35 -24.14 30.07 3.68
N ARG D 36 -24.03 28.74 3.77
CA ARG D 36 -23.62 28.11 5.01
C ARG D 36 -22.93 26.79 4.70
N GLY D 37 -22.33 26.21 5.76
CA GLY D 37 -21.73 24.89 5.70
C GLY D 37 -22.77 23.81 5.96
N PRO D 38 -22.52 22.55 5.55
CA PRO D 38 -23.40 21.44 5.94
C PRO D 38 -23.25 21.19 7.44
N GLU D 39 -24.24 20.49 8.03
CA GLU D 39 -24.32 20.36 9.47
C GLU D 39 -22.96 20.03 10.07
N GLN D 40 -22.58 20.80 11.11
CA GLN D 40 -21.37 20.58 11.90
C GLN D 40 -20.12 21.14 11.25
N CYS D 41 -20.29 21.88 10.13
CA CYS D 41 -19.17 22.50 9.45
C CYS D 41 -19.24 24.00 9.66
N ASP D 42 -18.19 24.54 10.32
CA ASP D 42 -18.06 25.97 10.46
C ASP D 42 -17.15 26.48 9.34
N ILE D 43 -17.75 27.08 8.30
CA ILE D 43 -17.03 27.50 7.11
C ILE D 43 -16.24 28.77 7.38
N GLN D 44 -16.53 29.42 8.50
CA GLN D 44 -15.83 30.63 8.92
C GLN D 44 -14.32 30.40 9.03
N HIS D 45 -13.89 29.16 9.25
CA HIS D 45 -12.47 28.86 9.33
C HIS D 45 -11.75 29.22 8.04
N PHE D 46 -12.43 29.08 6.88
CA PHE D 46 -11.78 29.36 5.61
C PHE D 46 -12.46 30.48 4.82
N VAL D 47 -13.61 30.99 5.29
CA VAL D 47 -14.31 32.04 4.57
C VAL D 47 -14.07 33.38 5.27
N GLU D 48 -13.47 34.32 4.53
CA GLU D 48 -13.23 35.67 5.01
C GLU D 48 -14.56 36.41 5.10
N LYS D 49 -15.32 36.39 3.99
CA LYS D 49 -16.59 37.09 3.92
C LYS D 49 -17.39 36.59 2.73
N VAL D 50 -18.70 36.86 2.76
CA VAL D 50 -19.58 36.61 1.65
C VAL D 50 -20.22 37.92 1.25
N VAL D 51 -20.15 38.23 -0.06
CA VAL D 51 -20.74 39.44 -0.63
C VAL D 51 -21.95 39.02 -1.46
N PHE D 52 -23.11 39.60 -1.12
CA PHE D 52 -24.34 39.38 -1.86
C PHE D 52 -24.62 40.62 -2.71
N TRP D 53 -24.62 40.44 -4.04
CA TRP D 53 -24.87 41.53 -4.96
C TRP D 53 -26.33 41.55 -5.37
N LEU D 54 -27.11 42.42 -4.71
CA LEU D 54 -28.52 42.58 -5.04
C LEU D 54 -28.67 43.41 -6.31
N HIS D 55 -29.88 43.36 -6.87
CA HIS D 55 -30.27 44.14 -8.04
C HIS D 55 -30.09 45.64 -7.74
N ASP D 56 -29.67 46.42 -8.76
CA ASP D 56 -29.42 47.85 -8.64
C ASP D 56 -30.64 48.61 -8.11
N SER D 57 -31.82 48.01 -8.20
CA SER D 57 -33.05 48.64 -7.73
C SER D 57 -33.09 48.69 -6.20
N PHE D 58 -32.25 47.89 -5.53
CA PHE D 58 -32.12 47.97 -4.08
C PHE D 58 -31.14 49.08 -3.74
N PRO D 59 -31.38 49.83 -2.63
CA PRO D 59 -30.39 50.77 -2.13
C PRO D 59 -29.28 49.98 -1.44
N LYS D 60 -28.04 50.48 -1.56
CA LYS D 60 -26.87 49.79 -1.04
C LYS D 60 -26.96 48.31 -1.42
N PRO D 61 -26.92 47.99 -2.73
CA PRO D 61 -27.10 46.61 -3.19
C PRO D 61 -25.98 45.62 -2.81
N ARG D 62 -24.80 46.13 -2.47
CA ARG D 62 -23.67 45.31 -2.11
C ARG D 62 -23.72 45.00 -0.60
N ARG D 63 -24.16 43.79 -0.26
CA ARG D 63 -24.37 43.41 1.14
C ARG D 63 -23.27 42.43 1.57
N VAL D 64 -22.56 42.78 2.65
CA VAL D 64 -21.41 42.03 3.10
C VAL D 64 -21.71 41.40 4.45
N CYS D 65 -21.41 40.10 4.58
CA CYS D 65 -21.33 39.44 5.87
C CYS D 65 -19.91 38.95 6.09
N LYS D 66 -19.26 39.47 7.14
CA LYS D 66 -17.88 39.12 7.46
C LYS D 66 -17.85 37.94 8.40
N GLU D 67 -19.02 37.50 8.88
CA GLU D 67 -19.10 36.37 9.80
C GLU D 67 -20.48 35.75 9.73
N PRO D 68 -20.66 34.51 10.22
CA PRO D 68 -21.95 33.84 10.19
C PRO D 68 -22.99 34.58 11.02
N PRO D 69 -24.29 34.49 10.70
CA PRO D 69 -24.76 33.77 9.52
C PRO D 69 -24.50 34.60 8.27
N TYR D 70 -24.05 33.96 7.19
CA TYR D 70 -23.87 34.63 5.92
C TYR D 70 -25.24 34.64 5.24
N LYS D 71 -25.95 35.78 5.34
CA LYS D 71 -27.30 35.83 4.80
C LYS D 71 -27.77 37.27 4.59
N VAL D 72 -28.84 37.39 3.80
CA VAL D 72 -29.56 38.64 3.59
C VAL D 72 -31.05 38.33 3.72
N GLU D 73 -31.76 39.15 4.52
CA GLU D 73 -33.22 39.08 4.63
C GLU D 73 -33.78 40.39 4.06
N GLU D 74 -34.75 40.29 3.16
CA GLU D 74 -35.26 41.45 2.44
C GLU D 74 -36.73 41.27 2.09
N SER D 75 -37.31 42.36 1.58
CA SER D 75 -38.64 42.36 1.00
C SER D 75 -38.56 42.95 -0.40
N GLY D 76 -39.39 42.44 -1.32
CA GLY D 76 -39.40 42.95 -2.68
C GLY D 76 -40.62 42.49 -3.46
N TYR D 77 -40.64 42.81 -4.77
CA TYR D 77 -41.79 42.56 -5.62
C TYR D 77 -41.43 41.61 -6.76
N ALA D 78 -40.15 41.27 -6.94
CA ALA D 78 -39.72 40.48 -8.08
C ALA D 78 -38.41 39.75 -7.80
N GLY D 79 -38.24 38.61 -8.47
CA GLY D 79 -37.02 37.81 -8.39
C GLY D 79 -35.97 38.32 -9.38
N PHE D 80 -34.74 37.82 -9.23
CA PHE D 80 -33.62 38.28 -10.04
C PHE D 80 -32.40 37.38 -9.82
N ILE D 81 -31.37 37.61 -10.64
CA ILE D 81 -30.11 36.90 -10.55
C ILE D 81 -29.21 37.66 -9.60
N MET D 82 -28.70 36.94 -8.59
CA MET D 82 -27.88 37.52 -7.54
C MET D 82 -26.51 36.88 -7.57
N PRO D 83 -25.46 37.60 -8.03
CA PRO D 83 -24.08 37.16 -7.82
C PRO D 83 -23.80 37.08 -6.32
N ILE D 84 -23.13 35.99 -5.94
CA ILE D 84 -22.69 35.80 -4.56
C ILE D 84 -21.21 35.43 -4.60
N GLU D 85 -20.37 36.30 -4.01
CA GLU D 85 -18.94 36.05 -3.95
C GLU D 85 -18.60 35.49 -2.58
N VAL D 86 -17.91 34.35 -2.56
CA VAL D 86 -17.37 33.81 -1.31
C VAL D 86 -15.87 34.03 -1.34
N HIS D 87 -15.37 34.82 -0.39
CA HIS D 87 -13.96 35.16 -0.28
C HIS D 87 -13.33 34.22 0.73
N PHE D 88 -12.11 33.75 0.45
CA PHE D 88 -11.42 32.78 1.27
C PHE D 88 -10.32 33.46 2.07
N LYS D 89 -9.98 32.87 3.23
CA LYS D 89 -8.87 33.32 4.05
C LYS D 89 -7.58 32.71 3.49
N ASN D 90 -7.26 33.06 2.25
CA ASN D 90 -6.22 32.44 1.47
C ASN D 90 -5.30 33.54 0.97
N LYS D 91 -3.98 33.24 0.88
CA LYS D 91 -2.99 34.21 0.48
C LYS D 91 -2.60 34.06 -1.00
N GLU D 92 -3.00 32.97 -1.64
CA GLU D 92 -2.77 32.81 -3.07
C GLU D 92 -4.09 32.53 -3.77
N GLU D 93 -4.05 32.40 -5.09
CA GLU D 93 -5.26 32.11 -5.86
C GLU D 93 -5.65 30.64 -5.65
N PRO D 94 -6.95 30.27 -5.73
CA PRO D 94 -8.04 31.23 -5.86
C PRO D 94 -8.38 31.94 -4.55
N ARG D 95 -8.62 33.25 -4.60
CA ARG D 95 -8.90 33.99 -3.35
C ARG D 95 -10.41 34.06 -3.13
N LYS D 96 -11.18 33.72 -4.15
CA LYS D 96 -12.63 33.78 -4.03
C LYS D 96 -13.25 32.99 -5.18
N VAL D 97 -14.56 32.80 -5.06
CA VAL D 97 -15.35 32.19 -6.11
C VAL D 97 -16.67 32.95 -6.18
N CYS D 98 -17.20 33.11 -7.40
CA CYS D 98 -18.46 33.82 -7.60
C CYS D 98 -19.51 32.85 -8.13
N PHE D 99 -20.56 32.61 -7.32
CA PHE D 99 -21.71 31.85 -7.77
C PHE D 99 -22.73 32.84 -8.35
N THR D 100 -23.54 32.38 -9.31
CA THR D 100 -24.67 33.19 -9.77
C THR D 100 -25.94 32.48 -9.29
N TYR D 101 -26.68 33.16 -8.41
CA TYR D 101 -27.79 32.55 -7.70
C TYR D 101 -29.10 33.10 -8.22
N ASP D 102 -30.04 32.19 -8.50
CA ASP D 102 -31.36 32.57 -8.98
C ASP D 102 -32.28 32.76 -7.78
N LEU D 103 -32.51 34.02 -7.42
CA LEU D 103 -33.46 34.34 -6.38
C LEU D 103 -34.85 34.51 -7.00
N PHE D 104 -35.62 33.41 -7.01
CA PHE D 104 -36.92 33.40 -7.66
C PHE D 104 -37.98 33.35 -6.56
N LEU D 105 -39.11 34.01 -6.85
CA LEU D 105 -40.22 34.10 -5.92
C LEU D 105 -41.31 33.13 -6.35
N ASN D 106 -42.21 32.85 -5.42
CA ASN D 106 -43.39 32.04 -5.70
C ASN D 106 -44.49 32.95 -6.22
N LEU D 107 -45.32 32.37 -7.10
CA LEU D 107 -46.48 33.06 -7.62
C LEU D 107 -47.63 32.91 -6.61
N GLU D 108 -48.44 33.97 -6.50
CA GLU D 108 -49.48 34.01 -5.48
C GLU D 108 -50.44 32.83 -5.68
N GLY D 109 -50.64 32.06 -4.61
CA GLY D 109 -51.46 30.88 -4.67
C GLY D 109 -50.63 29.58 -4.62
N ASN D 110 -49.35 29.69 -4.96
CA ASN D 110 -48.45 28.54 -4.96
C ASN D 110 -47.69 28.48 -3.64
N PRO D 111 -47.09 27.31 -3.28
CA PRO D 111 -46.38 27.18 -2.02
C PRO D 111 -45.17 28.12 -1.90
N PRO D 112 -44.72 28.43 -0.66
CA PRO D 112 -43.49 29.20 -0.46
C PRO D 112 -42.31 28.51 -1.11
N VAL D 113 -41.35 29.30 -1.61
CA VAL D 113 -40.09 28.77 -2.12
C VAL D 113 -39.26 28.31 -0.93
N ASN D 114 -38.67 27.13 -1.06
CA ASN D 114 -37.66 26.66 -0.12
C ASN D 114 -36.61 25.88 -0.91
N HIS D 115 -35.63 26.61 -1.45
CA HIS D 115 -34.67 26.04 -2.39
C HIS D 115 -33.32 25.83 -1.73
N LEU D 116 -32.72 24.67 -1.99
CA LEU D 116 -31.38 24.34 -1.48
C LEU D 116 -30.48 23.98 -2.67
N ARG D 117 -29.23 24.43 -2.60
CA ARG D 117 -28.25 24.24 -3.65
C ARG D 117 -26.90 23.91 -3.02
N CYS D 118 -26.38 22.72 -3.31
CA CYS D 118 -25.14 22.23 -2.72
C CYS D 118 -24.01 22.45 -3.71
N GLU D 119 -22.93 23.09 -3.25
CA GLU D 119 -21.77 23.35 -4.08
C GLU D 119 -20.58 22.63 -3.46
N LYS D 120 -19.65 22.24 -4.33
CA LYS D 120 -18.45 21.52 -3.93
C LYS D 120 -17.24 22.30 -4.45
N LEU D 121 -16.29 22.60 -3.56
CA LEU D 121 -15.09 23.30 -3.96
C LEU D 121 -13.90 22.38 -3.78
N THR D 122 -13.02 22.38 -4.79
CA THR D 122 -11.81 21.58 -4.80
C THR D 122 -10.63 22.54 -4.84
N PHE D 123 -9.73 22.40 -3.87
CA PHE D 123 -8.49 23.16 -3.81
C PHE D 123 -7.31 22.22 -4.03
N ASN D 124 -6.52 22.47 -5.08
CA ASN D 124 -5.32 21.70 -5.32
C ASN D 124 -4.14 22.37 -4.62
N ASN D 125 -3.34 21.56 -3.90
CA ASN D 125 -2.09 21.99 -3.30
C ASN D 125 -2.23 23.34 -2.63
N PRO D 126 -3.12 23.48 -1.61
CA PRO D 126 -3.19 24.71 -0.84
C PRO D 126 -1.94 24.86 0.04
N THR D 127 -1.63 26.10 0.43
CA THR D 127 -0.58 26.33 1.41
C THR D 127 -0.90 25.52 2.66
N THR D 128 0.12 25.31 3.51
CA THR D 128 -0.05 24.62 4.76
C THR D 128 -1.11 25.32 5.61
N GLU D 129 -0.96 26.66 5.69
CA GLU D 129 -1.82 27.49 6.52
C GLU D 129 -3.28 27.34 6.09
N PHE D 130 -3.51 27.32 4.77
CA PHE D 130 -4.86 27.31 4.23
C PHE D 130 -5.44 25.91 4.30
N ARG D 131 -4.59 24.88 4.18
CA ARG D 131 -5.02 23.50 4.29
C ARG D 131 -5.65 23.27 5.66
N TYR D 132 -4.99 23.81 6.70
CA TYR D 132 -5.46 23.64 8.06
C TYR D 132 -6.84 24.29 8.21
N LYS D 133 -6.98 25.50 7.67
CA LYS D 133 -8.25 26.21 7.73
C LYS D 133 -9.35 25.41 7.06
N LEU D 134 -9.05 24.80 5.91
CA LEU D 134 -10.05 24.04 5.17
C LEU D 134 -10.46 22.80 5.98
N LEU D 135 -9.50 22.18 6.68
CA LEU D 135 -9.80 20.94 7.39
C LEU D 135 -10.62 21.25 8.65
N ARG D 136 -10.31 22.37 9.31
CA ARG D 136 -11.06 22.80 10.47
C ARG D 136 -12.51 23.12 10.07
N ALA D 137 -12.75 23.42 8.79
CA ALA D 137 -14.08 23.74 8.32
C ALA D 137 -14.83 22.50 7.86
N GLY D 138 -14.24 21.29 8.04
CA GLY D 138 -14.91 20.08 7.62
C GLY D 138 -14.50 19.66 6.21
N GLY D 139 -13.39 20.21 5.70
CA GLY D 139 -12.86 19.79 4.42
C GLY D 139 -12.23 18.40 4.56
N VAL D 140 -12.18 17.68 3.43
CA VAL D 140 -11.65 16.33 3.40
C VAL D 140 -10.60 16.28 2.29
N MET D 141 -9.47 15.62 2.58
CA MET D 141 -8.47 15.33 1.56
C MET D 141 -8.98 14.22 0.65
N VAL D 142 -8.80 14.37 -0.66
CA VAL D 142 -9.46 13.54 -1.64
C VAL D 142 -8.42 13.09 -2.66
N MET D 143 -8.80 12.11 -3.48
CA MET D 143 -7.91 11.55 -4.49
C MET D 143 -8.71 11.03 -5.70
N CYS E 4 4.73 -37.75 58.33
CA CYS E 4 5.18 -36.78 57.33
C CYS E 4 4.10 -35.74 57.04
N THR E 5 4.60 -34.61 56.56
CA THR E 5 3.79 -33.48 56.15
C THR E 5 4.28 -33.01 54.78
N VAL E 6 3.35 -32.93 53.82
CA VAL E 6 3.66 -32.51 52.47
C VAL E 6 2.94 -31.19 52.16
N GLN E 7 3.69 -30.25 51.61
CA GLN E 7 3.16 -28.97 51.15
C GLN E 7 3.24 -28.90 49.62
N VAL E 8 2.14 -28.48 49.00
CA VAL E 8 2.08 -28.28 47.55
C VAL E 8 1.50 -26.89 47.29
N ARG E 9 2.03 -26.24 46.24
CA ARG E 9 1.70 -24.87 45.95
C ARG E 9 0.71 -24.84 44.79
N LEU E 10 -0.30 -23.98 44.90
CA LEU E 10 -1.21 -23.67 43.81
C LEU E 10 -1.08 -22.19 43.47
N GLU E 11 -1.29 -21.86 42.19
CA GLU E 11 -1.46 -20.48 41.77
C GLU E 11 -2.89 -20.29 41.28
N LEU E 12 -3.60 -19.38 41.95
CA LEU E 12 -4.86 -18.85 41.47
C LEU E 12 -4.57 -17.46 40.90
N GLY E 13 -5.34 -17.06 39.90
CA GLY E 13 -5.18 -15.73 39.34
C GLY E 13 -6.26 -15.46 38.31
N HIS E 14 -6.26 -14.22 37.81
CA HIS E 14 -7.24 -13.83 36.82
C HIS E 14 -6.74 -12.59 36.07
N ARG E 15 -7.23 -12.43 34.84
CA ARG E 15 -7.02 -11.22 34.06
C ARG E 15 -8.38 -10.64 33.71
N ALA E 16 -8.42 -9.32 33.51
CA ALA E 16 -9.61 -8.64 33.06
C ALA E 16 -9.22 -7.36 32.32
N GLN E 17 -10.03 -6.99 31.32
CA GLN E 17 -9.81 -5.77 30.55
C GLN E 17 -11.13 -5.34 29.91
N LEU E 18 -11.20 -4.05 29.57
CA LEU E 18 -12.34 -3.49 28.86
C LEU E 18 -12.36 -4.09 27.46
N ARG E 19 -13.54 -4.52 27.01
CA ARG E 19 -13.78 -4.80 25.61
C ARG E 19 -13.77 -3.48 24.84
N LYS E 20 -13.32 -3.54 23.59
CA LYS E 20 -13.35 -2.36 22.72
C LYS E 20 -14.78 -2.01 22.37
N LYS E 21 -15.63 -3.04 22.30
CA LYS E 21 -17.04 -2.86 21.99
C LYS E 21 -17.87 -3.67 22.98
N PRO E 22 -18.70 -3.02 23.82
CA PRO E 22 -19.69 -3.75 24.62
C PRO E 22 -20.52 -4.72 23.79
N THR E 23 -20.84 -5.88 24.36
CA THR E 23 -21.69 -6.86 23.69
C THR E 23 -23.11 -6.31 23.66
N THR E 24 -24.00 -7.02 22.96
CA THR E 24 -25.39 -6.58 22.85
C THR E 24 -26.07 -6.57 24.22
N GLU E 25 -25.61 -7.44 25.13
CA GLU E 25 -26.18 -7.53 26.47
C GLU E 25 -25.68 -6.40 27.37
N GLY E 26 -24.65 -5.67 26.92
CA GLY E 26 -24.07 -4.59 27.71
C GLY E 26 -22.85 -5.04 28.53
N PHE E 27 -22.26 -6.20 28.20
CA PHE E 27 -21.09 -6.71 28.90
C PHE E 27 -19.87 -5.90 28.48
N THR E 28 -19.20 -5.29 29.47
CA THR E 28 -18.16 -4.30 29.24
C THR E 28 -16.77 -4.93 29.24
N HIS E 29 -16.61 -6.11 29.87
CA HIS E 29 -15.29 -6.66 30.10
C HIS E 29 -15.19 -8.10 29.63
N ASP E 30 -13.96 -8.49 29.26
CA ASP E 30 -13.58 -9.89 29.16
C ASP E 30 -12.67 -10.23 30.33
N TRP E 31 -12.81 -11.45 30.87
CA TRP E 31 -11.96 -11.90 31.94
C TRP E 31 -11.66 -13.38 31.84
N MET E 32 -10.64 -13.80 32.57
CA MET E 32 -10.19 -15.18 32.57
C MET E 32 -9.68 -15.50 33.98
N VAL E 33 -10.12 -16.63 34.53
CA VAL E 33 -9.73 -17.09 35.86
C VAL E 33 -9.03 -18.43 35.71
N PHE E 34 -8.02 -18.69 36.54
CA PHE E 34 -7.29 -19.94 36.40
C PHE E 34 -6.81 -20.47 37.75
N VAL E 35 -6.66 -21.80 37.77
CA VAL E 35 -5.88 -22.51 38.77
C VAL E 35 -4.79 -23.26 38.02
N ARG E 36 -3.55 -23.10 38.46
CA ARG E 36 -2.42 -23.77 37.84
C ARG E 36 -1.33 -24.00 38.89
N GLY E 37 -0.28 -24.73 38.55
CA GLY E 37 0.86 -24.86 39.43
C GLY E 37 1.89 -23.78 39.18
N PRO E 38 2.84 -23.57 40.11
CA PRO E 38 3.96 -22.64 39.87
C PRO E 38 4.88 -23.21 38.79
N GLU E 39 5.70 -22.34 38.21
CA GLU E 39 6.86 -22.78 37.44
C GLU E 39 6.47 -23.93 36.51
N GLN E 40 7.25 -25.01 36.53
CA GLN E 40 7.04 -26.17 35.66
C GLN E 40 6.50 -27.27 36.55
N CYS E 41 5.44 -26.92 37.27
CA CYS E 41 4.71 -27.87 38.14
C CYS E 41 3.37 -28.23 37.50
N ASP E 42 3.20 -29.52 37.19
CA ASP E 42 1.95 -30.04 36.69
C ASP E 42 1.09 -30.54 37.84
N ILE E 43 0.06 -29.77 38.18
CA ILE E 43 -0.80 -30.08 39.34
C ILE E 43 -1.78 -31.21 38.99
N GLN E 44 -1.88 -31.53 37.69
CA GLN E 44 -2.74 -32.61 37.25
C GLN E 44 -2.40 -33.95 37.93
N HIS E 45 -1.13 -34.09 38.39
CA HIS E 45 -0.73 -35.28 39.11
C HIS E 45 -1.61 -35.54 40.33
N PHE E 46 -2.06 -34.48 41.01
CA PHE E 46 -2.84 -34.64 42.24
C PHE E 46 -4.21 -34.01 42.16
N VAL E 47 -4.54 -33.28 41.08
CA VAL E 47 -5.84 -32.61 40.98
C VAL E 47 -6.74 -33.41 40.04
N GLU E 48 -7.87 -33.87 40.55
CA GLU E 48 -8.87 -34.57 39.77
C GLU E 48 -9.58 -33.56 38.85
N LYS E 49 -10.08 -32.48 39.44
CA LYS E 49 -10.82 -31.47 38.69
C LYS E 49 -10.91 -30.18 39.48
N VAL E 50 -11.23 -29.08 38.78
CA VAL E 50 -11.47 -27.79 39.39
C VAL E 50 -12.87 -27.34 38.98
N VAL E 51 -13.68 -26.94 39.97
CA VAL E 51 -15.01 -26.42 39.74
C VAL E 51 -15.00 -24.91 40.04
N PHE E 52 -15.42 -24.13 39.04
CA PHE E 52 -15.55 -22.69 39.18
C PHE E 52 -17.02 -22.33 39.33
N TRP E 53 -17.40 -21.78 40.47
CA TRP E 53 -18.77 -21.38 40.74
C TRP E 53 -18.96 -19.91 40.41
N LEU E 54 -19.51 -19.63 39.23
CA LEU E 54 -19.80 -18.26 38.82
C LEU E 54 -21.07 -17.77 39.53
N HIS E 55 -21.27 -16.45 39.47
CA HIS E 55 -22.45 -15.78 40.01
C HIS E 55 -23.71 -16.35 39.38
N ASP E 56 -24.79 -16.45 40.18
CA ASP E 56 -26.06 -17.04 39.72
C ASP E 56 -26.63 -16.33 38.50
N SER E 57 -26.15 -15.10 38.23
CA SER E 57 -26.60 -14.33 37.07
C SER E 57 -26.09 -14.93 35.77
N PHE E 58 -25.06 -15.78 35.84
CA PHE E 58 -24.58 -16.49 34.67
C PHE E 58 -25.44 -17.74 34.47
N PRO E 59 -25.73 -18.12 33.21
CA PRO E 59 -26.37 -19.41 32.92
C PRO E 59 -25.32 -20.51 33.09
N LYS E 60 -25.78 -21.66 33.60
CA LYS E 60 -24.92 -22.79 33.90
C LYS E 60 -23.69 -22.27 34.64
N PRO E 61 -23.88 -21.71 35.86
CA PRO E 61 -22.78 -21.10 36.62
C PRO E 61 -21.68 -22.05 37.10
N ARG E 62 -22.00 -23.34 37.18
CA ARG E 62 -21.06 -24.34 37.66
C ARG E 62 -20.19 -24.85 36.50
N ARG E 63 -18.95 -24.36 36.42
CA ARG E 63 -18.07 -24.66 35.31
C ARG E 63 -16.97 -25.62 35.76
N VAL E 64 -16.83 -26.76 35.07
CA VAL E 64 -15.90 -27.81 35.48
C VAL E 64 -14.77 -27.96 34.45
N CYS E 65 -13.54 -28.03 34.95
CA CYS E 65 -12.40 -28.49 34.15
C CYS E 65 -11.84 -29.76 34.77
N LYS E 66 -11.86 -30.86 34.01
CA LYS E 66 -11.38 -32.15 34.48
C LYS E 66 -9.91 -32.32 34.11
N GLU E 67 -9.34 -31.37 33.35
CA GLU E 67 -7.94 -31.46 32.98
C GLU E 67 -7.42 -30.07 32.63
N PRO E 68 -6.08 -29.87 32.57
CA PRO E 68 -5.51 -28.56 32.26
C PRO E 68 -5.88 -28.12 30.85
N PRO E 69 -5.94 -26.80 30.58
CA PRO E 69 -5.76 -25.77 31.62
C PRO E 69 -7.03 -25.67 32.46
N TYR E 70 -6.86 -25.51 33.77
CA TYR E 70 -8.01 -25.32 34.65
C TYR E 70 -8.35 -23.83 34.60
N LYS E 71 -9.34 -23.46 33.78
CA LYS E 71 -9.66 -22.07 33.60
C LYS E 71 -11.02 -21.86 32.95
N VAL E 72 -11.53 -20.63 33.12
CA VAL E 72 -12.78 -20.18 32.55
C VAL E 72 -12.54 -18.81 31.93
N GLU E 73 -12.98 -18.64 30.67
CA GLU E 73 -12.97 -17.36 29.98
C GLU E 73 -14.42 -16.90 29.78
N GLU E 74 -14.70 -15.65 30.15
CA GLU E 74 -16.06 -15.13 30.11
C GLU E 74 -16.07 -13.63 29.83
N SER E 75 -17.28 -13.12 29.61
CA SER E 75 -17.55 -11.70 29.44
C SER E 75 -18.65 -11.28 30.40
N GLY E 76 -18.54 -10.06 30.96
CA GLY E 76 -19.51 -9.59 31.92
C GLY E 76 -19.39 -8.09 32.19
N TYR E 77 -20.18 -7.60 33.16
CA TYR E 77 -20.29 -6.18 33.42
C TYR E 77 -19.83 -5.84 34.84
N ALA E 78 -19.59 -6.85 35.69
CA ALA E 78 -19.27 -6.60 37.09
C ALA E 78 -18.47 -7.76 37.69
N GLY E 79 -17.66 -7.41 38.70
CA GLY E 79 -16.90 -8.38 39.47
C GLY E 79 -17.73 -9.00 40.59
N PHE E 80 -17.20 -10.07 41.19
CA PHE E 80 -17.92 -10.84 42.19
C PHE E 80 -17.00 -11.85 42.86
N ILE E 81 -17.51 -12.48 43.93
CA ILE E 81 -16.81 -13.51 44.66
C ILE E 81 -17.14 -14.85 44.02
N MET E 82 -16.07 -15.59 43.65
CA MET E 82 -16.19 -16.85 42.93
C MET E 82 -15.60 -17.97 43.79
N PRO E 83 -16.44 -18.85 44.38
CA PRO E 83 -15.94 -20.08 44.97
C PRO E 83 -15.24 -20.92 43.90
N ILE E 84 -14.08 -21.47 44.25
CA ILE E 84 -13.34 -22.38 43.41
C ILE E 84 -13.01 -23.61 44.24
N GLU E 85 -13.52 -24.78 43.82
CA GLU E 85 -13.23 -26.02 44.48
C GLU E 85 -12.15 -26.77 43.71
N VAL E 86 -11.08 -27.16 44.42
CA VAL E 86 -10.07 -28.01 43.82
C VAL E 86 -10.22 -29.39 44.43
N HIS E 87 -10.52 -30.38 43.59
CA HIS E 87 -10.74 -31.76 44.00
C HIS E 87 -9.44 -32.54 43.77
N PHE E 88 -9.08 -33.43 44.71
CA PHE E 88 -7.81 -34.12 44.69
C PHE E 88 -8.00 -35.57 44.25
N LYS E 89 -6.94 -36.16 43.67
CA LYS E 89 -6.92 -37.57 43.33
C LYS E 89 -6.51 -38.36 44.57
N ASN E 90 -7.35 -38.28 45.60
CA ASN E 90 -7.06 -38.78 46.93
C ASN E 90 -8.19 -39.73 47.32
N LYS E 91 -7.85 -40.78 48.10
CA LYS E 91 -8.84 -41.78 48.49
C LYS E 91 -9.33 -41.53 49.93
N GLU E 92 -8.68 -40.65 50.69
CA GLU E 92 -9.16 -40.29 52.01
C GLU E 92 -9.25 -38.78 52.11
N GLU E 93 -9.68 -38.28 53.27
CA GLU E 93 -9.82 -36.84 53.47
C GLU E 93 -8.44 -36.22 53.64
N PRO E 94 -8.25 -34.94 53.27
CA PRO E 94 -9.26 -34.13 52.58
C PRO E 94 -9.38 -34.48 51.09
N ARG E 95 -10.62 -34.54 50.61
CA ARG E 95 -10.95 -34.86 49.24
C ARG E 95 -10.86 -33.63 48.35
N LYS E 96 -10.96 -32.45 48.95
CA LYS E 96 -11.01 -31.22 48.19
C LYS E 96 -10.79 -30.03 49.12
N VAL E 97 -10.61 -28.85 48.51
CA VAL E 97 -10.52 -27.60 49.24
C VAL E 97 -11.28 -26.55 48.44
N CYS E 98 -11.94 -25.61 49.14
CA CYS E 98 -12.69 -24.56 48.50
CA CYS E 98 -12.69 -24.56 48.49
C CYS E 98 -12.06 -23.20 48.81
N PHE E 99 -11.54 -22.53 47.77
CA PHE E 99 -11.08 -21.16 47.90
C PHE E 99 -12.25 -20.22 47.59
N THR E 100 -12.24 -19.02 48.17
CA THR E 100 -13.14 -17.96 47.73
C THR E 100 -12.29 -16.90 47.02
N TYR E 101 -12.55 -16.74 45.71
CA TYR E 101 -11.70 -15.94 44.84
C TYR E 101 -12.42 -14.64 44.49
N ASP E 102 -11.70 -13.52 44.60
CA ASP E 102 -12.23 -12.22 44.28
C ASP E 102 -11.96 -11.92 42.81
N LEU E 103 -12.98 -12.10 41.98
CA LEU E 103 -12.89 -11.75 40.57
CA LEU E 103 -12.89 -11.75 40.57
C LEU E 103 -13.29 -10.29 40.40
N PHE E 104 -12.30 -9.40 40.43
CA PHE E 104 -12.57 -7.97 40.36
C PHE E 104 -12.12 -7.47 38.98
N LEU E 105 -12.84 -6.47 38.47
CA LEU E 105 -12.58 -5.89 37.17
C LEU E 105 -11.86 -4.56 37.34
N ASN E 106 -11.25 -4.09 36.26
CA ASN E 106 -10.63 -2.78 36.23
C ASN E 106 -11.68 -1.74 35.85
N LEU E 107 -11.51 -0.53 36.38
CA LEU E 107 -12.37 0.59 36.04
C LEU E 107 -11.88 1.21 34.73
N GLU E 108 -12.84 1.69 33.92
CA GLU E 108 -12.52 2.16 32.58
C GLU E 108 -11.51 3.32 32.69
N GLY E 109 -10.39 3.20 31.97
CA GLY E 109 -9.33 4.19 32.03
C GLY E 109 -8.11 3.69 32.80
N ASN E 110 -8.31 2.67 33.64
CA ASN E 110 -7.23 2.10 34.45
C ASN E 110 -6.64 0.88 33.73
N PRO E 111 -5.42 0.43 34.09
CA PRO E 111 -4.79 -0.70 33.43
C PRO E 111 -5.58 -2.01 33.57
N PRO E 112 -5.39 -2.99 32.65
CA PRO E 112 -6.00 -4.31 32.80
C PRO E 112 -5.61 -4.95 34.12
N VAL E 113 -6.51 -5.75 34.69
CA VAL E 113 -6.21 -6.55 35.86
C VAL E 113 -5.30 -7.69 35.43
N ASN E 114 -4.26 -7.93 36.22
CA ASN E 114 -3.44 -9.12 36.09
C ASN E 114 -3.02 -9.56 37.49
N HIS E 115 -3.88 -10.34 38.16
CA HIS E 115 -3.74 -10.65 39.57
C HIS E 115 -3.25 -12.10 39.73
N LEU E 116 -2.26 -12.27 40.62
CA LEU E 116 -1.76 -13.57 40.99
C LEU E 116 -1.89 -13.80 42.49
N ARG E 117 -2.29 -15.03 42.83
CA ARG E 117 -2.54 -15.44 44.20
C ARG E 117 -1.93 -16.83 44.42
N CYS E 118 -0.95 -16.91 45.33
CA CYS E 118 -0.26 -18.15 45.61
CA CYS E 118 -0.26 -18.15 45.61
C CYS E 118 -0.86 -18.78 46.86
N GLU E 119 -1.25 -20.05 46.72
CA GLU E 119 -1.81 -20.79 47.84
C GLU E 119 -0.88 -21.96 48.14
N LYS E 120 -0.87 -22.33 49.41
CA LYS E 120 -0.10 -23.43 49.94
C LYS E 120 -1.07 -24.39 50.63
N LEU E 121 -0.98 -25.67 50.28
CA LEU E 121 -1.80 -26.69 50.89
C LEU E 121 -0.90 -27.64 51.65
N THR E 122 -1.35 -28.01 52.86
CA THR E 122 -0.61 -28.90 53.74
C THR E 122 -1.41 -30.17 53.93
N PHE E 123 -0.77 -31.30 53.61
CA PHE E 123 -1.36 -32.62 53.78
C PHE E 123 -0.59 -33.35 54.88
N ASN E 124 -1.30 -33.73 55.95
CA ASN E 124 -0.70 -34.54 57.02
C ASN E 124 -0.87 -36.02 56.68
N ASN E 125 0.23 -36.77 56.80
CA ASN E 125 0.24 -38.22 56.69
C ASN E 125 -0.58 -38.68 55.50
N PRO E 126 -0.27 -38.28 54.26
CA PRO E 126 -0.95 -38.82 53.09
C PRO E 126 -0.53 -40.27 52.86
N THR E 127 -1.38 -41.05 52.19
CA THR E 127 -1.02 -42.39 51.77
C THR E 127 0.25 -42.27 50.93
N THR E 128 0.93 -43.41 50.75
CA THR E 128 2.12 -43.48 49.92
C THR E 128 1.75 -43.06 48.50
N GLU E 129 0.64 -43.60 47.99
CA GLU E 129 0.20 -43.36 46.64
C GLU E 129 -0.04 -41.86 46.41
N PHE E 130 -0.65 -41.18 47.39
CA PHE E 130 -1.04 -39.79 47.22
C PHE E 130 0.18 -38.89 47.43
N ARG E 131 1.11 -39.33 48.30
CA ARG E 131 2.34 -38.58 48.53
C ARG E 131 3.12 -38.47 47.23
N TYR E 132 3.20 -39.57 46.47
CA TYR E 132 3.93 -39.60 45.21
C TYR E 132 3.29 -38.60 44.24
N LYS E 133 1.96 -38.61 44.16
CA LYS E 133 1.24 -37.69 43.29
C LYS E 133 1.59 -36.23 43.66
N LEU E 134 1.64 -35.94 44.96
CA LEU E 134 1.92 -34.59 45.42
C LEU E 134 3.35 -34.20 45.07
N LEU E 135 4.29 -35.14 45.14
CA LEU E 135 5.69 -34.86 44.90
C LEU E 135 5.93 -34.64 43.41
N ARG E 136 5.23 -35.39 42.57
CA ARG E 136 5.34 -35.23 41.12
C ARG E 136 4.76 -33.88 40.70
N ALA E 137 3.92 -33.28 41.54
CA ALA E 137 3.36 -31.98 41.24
C ALA E 137 4.22 -30.85 41.85
N GLY E 138 5.38 -31.16 42.41
CA GLY E 138 6.25 -30.15 42.99
C GLY E 138 6.05 -29.94 44.49
N GLY E 139 5.41 -30.89 45.14
CA GLY E 139 5.27 -30.89 46.58
C GLY E 139 6.60 -31.17 47.30
N VAL E 140 6.71 -30.68 48.52
CA VAL E 140 7.90 -30.85 49.34
C VAL E 140 7.47 -31.37 50.70
N MET E 141 8.23 -32.32 51.26
CA MET E 141 8.03 -32.75 52.65
C MET E 141 8.59 -31.69 53.58
N VAL E 142 7.85 -31.43 54.69
CA VAL E 142 8.13 -30.32 55.60
C VAL E 142 8.18 -30.87 57.04
N CYS F 4 24.39 -38.35 12.88
CA CYS F 4 24.69 -37.81 11.52
C CYS F 4 23.84 -36.56 11.27
N THR F 5 24.46 -35.44 10.90
CA THR F 5 23.75 -34.20 10.64
C THR F 5 24.23 -33.63 9.31
N VAL F 6 23.28 -33.34 8.41
CA VAL F 6 23.59 -32.85 7.09
C VAL F 6 23.00 -31.45 6.92
N GLN F 7 23.84 -30.56 6.38
CA GLN F 7 23.42 -29.18 6.08
C GLN F 7 23.47 -28.94 4.57
N VAL F 8 22.42 -28.35 4.00
CA VAL F 8 22.37 -27.96 2.59
C VAL F 8 21.97 -26.51 2.53
N ARG F 9 22.47 -25.77 1.54
CA ARG F 9 22.16 -24.36 1.35
C ARG F 9 21.14 -24.22 0.23
N LEU F 10 20.17 -23.32 0.42
CA LEU F 10 19.26 -22.89 -0.64
C LEU F 10 19.47 -21.40 -0.90
N GLU F 11 19.30 -21.00 -2.16
CA GLU F 11 19.25 -19.60 -2.52
C GLU F 11 17.84 -19.26 -3.02
N LEU F 12 17.20 -18.33 -2.31
CA LEU F 12 15.98 -17.68 -2.77
C LEU F 12 16.37 -16.29 -3.28
N GLY F 13 15.64 -15.80 -4.27
CA GLY F 13 15.90 -14.46 -4.79
C GLY F 13 14.84 -14.06 -5.81
N HIS F 14 14.91 -12.82 -6.27
CA HIS F 14 13.95 -12.31 -7.24
C HIS F 14 14.53 -11.09 -7.97
N ARG F 15 14.04 -10.84 -9.18
CA ARG F 15 14.32 -9.63 -9.93
C ARG F 15 13.01 -8.96 -10.26
N ALA F 16 13.05 -7.63 -10.40
CA ALA F 16 11.90 -6.87 -10.86
C ALA F 16 12.37 -5.61 -11.58
N GLN F 17 11.59 -5.16 -12.57
CA GLN F 17 11.88 -3.93 -13.31
C GLN F 17 10.60 -3.40 -13.95
N LEU F 18 10.61 -2.10 -14.26
CA LEU F 18 9.50 -1.48 -14.97
C LEU F 18 9.45 -2.04 -16.39
N ARG F 19 8.25 -2.40 -16.84
CA ARG F 19 7.99 -2.63 -18.26
C ARG F 19 8.07 -1.30 -18.99
N LYS F 20 8.50 -1.34 -20.26
CA LYS F 20 8.54 -0.15 -21.09
C LYS F 20 7.11 0.29 -21.40
N LYS F 21 6.21 -0.69 -21.50
CA LYS F 21 4.82 -0.46 -21.82
C LYS F 21 3.94 -1.24 -20.86
N PRO F 22 3.12 -0.57 -20.02
CA PRO F 22 2.10 -1.26 -19.24
C PRO F 22 1.25 -2.20 -20.10
N THR F 23 0.87 -3.35 -19.54
CA THR F 23 -0.02 -4.28 -20.23
C THR F 23 -1.42 -3.66 -20.26
N THR F 24 -2.34 -4.32 -20.98
CA THR F 24 -3.70 -3.83 -21.11
C THR F 24 -4.39 -3.79 -19.74
N GLU F 25 -3.98 -4.68 -18.82
CA GLU F 25 -4.56 -4.74 -17.49
C GLU F 25 -4.00 -3.65 -16.57
N GLY F 26 -2.92 -2.97 -17.01
CA GLY F 26 -2.29 -1.93 -16.21
C GLY F 26 -1.11 -2.43 -15.39
N PHE F 27 -0.58 -3.62 -15.72
CA PHE F 27 0.55 -4.21 -15.02
C PHE F 27 1.83 -3.46 -15.42
N THR F 28 2.53 -2.90 -14.43
CA THR F 28 3.63 -1.97 -14.64
C THR F 28 4.98 -2.68 -14.64
N HIS F 29 5.07 -3.86 -14.04
CA HIS F 29 6.36 -4.49 -13.80
C HIS F 29 6.39 -5.93 -14.31
N ASP F 30 7.59 -6.37 -14.69
CA ASP F 30 7.90 -7.78 -14.82
C ASP F 30 8.78 -8.20 -13.65
N TRP F 31 8.56 -9.42 -13.15
CA TRP F 31 9.38 -9.95 -12.08
C TRP F 31 9.58 -11.45 -12.23
N MET F 32 10.58 -11.95 -11.50
CA MET F 32 10.94 -13.35 -11.52
C MET F 32 11.41 -13.73 -10.12
N VAL F 33 10.89 -14.84 -9.60
CA VAL F 33 11.25 -15.36 -8.29
C VAL F 33 11.87 -16.74 -8.48
N PHE F 34 12.87 -17.11 -7.66
CA PHE F 34 13.49 -18.40 -7.85
C PHE F 34 13.94 -19.01 -6.52
N VAL F 35 13.99 -20.36 -6.54
CA VAL F 35 14.72 -21.15 -5.58
C VAL F 35 15.74 -21.96 -6.37
N ARG F 36 17.00 -21.90 -5.94
CA ARG F 36 18.06 -22.67 -6.57
C ARG F 36 19.12 -23.02 -5.54
N GLY F 37 20.07 -23.87 -5.94
CA GLY F 37 21.23 -24.20 -5.13
C GLY F 37 22.36 -23.20 -5.41
N PRO F 38 23.35 -23.08 -4.49
CA PRO F 38 24.51 -22.28 -4.80
C PRO F 38 25.35 -22.97 -5.87
N GLU F 39 26.29 -22.25 -6.48
CA GLU F 39 27.12 -22.73 -7.56
C GLU F 39 27.53 -24.20 -7.32
N GLN F 40 27.27 -25.06 -8.32
CA GLN F 40 27.71 -26.44 -8.36
C GLN F 40 26.77 -27.37 -7.60
N CYS F 41 25.64 -26.84 -7.08
CA CYS F 41 24.72 -27.64 -6.31
C CYS F 41 23.44 -27.83 -7.11
N ASP F 42 23.15 -29.08 -7.47
CA ASP F 42 21.87 -29.41 -8.09
C ASP F 42 20.93 -29.89 -6.98
N ILE F 43 19.99 -29.03 -6.58
CA ILE F 43 19.13 -29.31 -5.44
C ILE F 43 18.03 -30.31 -5.83
N GLN F 44 17.88 -30.55 -7.13
CA GLN F 44 16.92 -31.51 -7.65
C GLN F 44 17.11 -32.90 -7.05
N HIS F 45 18.33 -33.21 -6.60
CA HIS F 45 18.61 -34.49 -6.01
C HIS F 45 17.74 -34.73 -4.77
N PHE F 46 17.43 -33.65 -4.01
CA PHE F 46 16.66 -33.81 -2.79
C PHE F 46 15.35 -33.03 -2.79
N VAL F 47 15.10 -32.21 -3.83
CA VAL F 47 13.87 -31.42 -3.88
C VAL F 47 12.90 -32.08 -4.84
N GLU F 48 11.71 -32.45 -4.32
CA GLU F 48 10.65 -33.05 -5.11
C GLU F 48 10.03 -31.95 -5.98
N LYS F 49 9.65 -30.84 -5.34
CA LYS F 49 9.02 -29.74 -6.03
C LYS F 49 9.06 -28.49 -5.17
N VAL F 50 8.86 -27.34 -5.82
CA VAL F 50 8.73 -26.06 -5.16
C VAL F 50 7.38 -25.48 -5.54
N VAL F 51 6.61 -25.06 -4.53
CA VAL F 51 5.31 -24.44 -4.70
C VAL F 51 5.45 -22.96 -4.36
N PHE F 52 5.08 -22.10 -5.32
CA PHE F 52 5.06 -20.67 -5.13
C PHE F 52 3.61 -20.23 -4.97
N TRP F 53 3.27 -19.68 -3.79
CA TRP F 53 1.93 -19.21 -3.50
C TRP F 53 1.83 -17.72 -3.79
N LEU F 54 1.29 -17.39 -4.97
CA LEU F 54 1.09 -16.00 -5.35
C LEU F 54 -0.14 -15.44 -4.64
N HIS F 55 -0.25 -14.11 -4.68
CA HIS F 55 -1.38 -13.37 -4.15
C HIS F 55 -2.68 -13.86 -4.80
N ASP F 56 -3.77 -13.91 -4.03
CA ASP F 56 -5.06 -14.41 -4.51
C ASP F 56 -5.57 -13.62 -5.72
N SER F 57 -5.02 -12.42 -5.95
CA SER F 57 -5.39 -11.60 -7.10
C SER F 57 -4.91 -12.20 -8.41
N PHE F 58 -3.94 -13.13 -8.34
CA PHE F 58 -3.48 -13.84 -9.52
C PHE F 58 -4.42 -15.02 -9.76
N PRO F 59 -4.73 -15.37 -11.03
CA PRO F 59 -5.47 -16.58 -11.35
C PRO F 59 -4.53 -17.78 -11.17
N LYS F 60 -5.08 -18.90 -10.68
CA LYS F 60 -4.29 -20.09 -10.39
C LYS F 60 -3.03 -19.67 -9.63
N PRO F 61 -3.20 -19.12 -8.40
CA PRO F 61 -2.05 -18.58 -7.64
C PRO F 61 -1.03 -19.60 -7.17
N ARG F 62 -1.42 -20.88 -7.10
CA ARG F 62 -0.55 -21.95 -6.64
C ARG F 62 0.29 -22.48 -7.81
N ARG F 63 1.54 -22.07 -7.90
CA ARG F 63 2.40 -22.35 -9.03
C ARG F 63 3.47 -23.38 -8.65
N VAL F 64 3.51 -24.49 -9.39
CA VAL F 64 4.34 -25.62 -9.04
C VAL F 64 5.44 -25.79 -10.07
N CYS F 65 6.68 -25.97 -9.60
CA CYS F 65 7.77 -26.46 -10.42
C CYS F 65 8.24 -27.81 -9.85
N LYS F 66 8.12 -28.87 -10.66
CA LYS F 66 8.52 -30.19 -10.26
C LYS F 66 9.98 -30.45 -10.65
N GLU F 67 10.59 -29.51 -11.38
CA GLU F 67 11.99 -29.67 -11.78
C GLU F 67 12.61 -28.31 -12.06
N PRO F 68 13.96 -28.21 -12.11
CA PRO F 68 14.62 -26.94 -12.36
C PRO F 68 14.29 -26.40 -13.76
N PRO F 69 14.32 -25.07 -13.97
CA PRO F 69 14.57 -24.11 -12.89
C PRO F 69 13.32 -23.96 -12.03
N TYR F 70 13.50 -23.87 -10.71
CA TYR F 70 12.38 -23.65 -9.81
C TYR F 70 12.14 -22.14 -9.78
N LYS F 71 11.17 -21.67 -10.57
CA LYS F 71 10.96 -20.25 -10.70
C LYS F 71 9.59 -19.93 -11.30
N VAL F 72 9.19 -18.68 -11.07
CA VAL F 72 7.97 -18.11 -11.63
C VAL F 72 8.32 -16.76 -12.24
N GLU F 73 7.91 -16.58 -13.50
CA GLU F 73 8.03 -15.30 -14.19
C GLU F 73 6.63 -14.74 -14.41
N GLU F 74 6.42 -13.48 -13.99
CA GLU F 74 5.10 -12.88 -14.01
C GLU F 74 5.18 -11.38 -14.26
N SER F 75 4.00 -10.79 -14.46
CA SER F 75 3.81 -9.37 -14.59
C SER F 75 2.75 -8.92 -13.59
N GLY F 76 2.93 -7.71 -13.03
CA GLY F 76 1.98 -7.21 -12.05
C GLY F 76 2.18 -5.73 -11.76
N TYR F 77 1.41 -5.21 -10.80
CA TYR F 77 1.40 -3.79 -10.49
C TYR F 77 1.88 -3.52 -9.06
N ALA F 78 2.05 -4.56 -8.25
CA ALA F 78 2.38 -4.38 -6.84
C ALA F 78 3.11 -5.60 -6.27
N GLY F 79 3.93 -5.34 -5.25
CA GLY F 79 4.65 -6.37 -4.51
C GLY F 79 3.78 -6.96 -3.41
N PHE F 80 4.23 -8.09 -2.82
CA PHE F 80 3.47 -8.82 -1.83
C PHE F 80 4.32 -9.90 -1.18
N ILE F 81 3.76 -10.53 -0.14
CA ILE F 81 4.40 -11.62 0.57
C ILE F 81 4.01 -12.92 -0.10
N MET F 82 5.02 -13.72 -0.47
CA MET F 82 4.84 -14.94 -1.22
C MET F 82 5.36 -16.12 -0.39
N PRO F 83 4.47 -16.95 0.19
CA PRO F 83 4.89 -18.24 0.74
C PRO F 83 5.52 -19.10 -0.36
N ILE F 84 6.63 -19.73 -0.03
CA ILE F 84 7.31 -20.66 -0.92
C ILE F 84 7.56 -21.96 -0.14
N GLU F 85 6.95 -23.06 -0.59
CA GLU F 85 7.15 -24.36 0.03
C GLU F 85 8.14 -25.16 -0.79
N VAL F 86 9.19 -25.67 -0.12
CA VAL F 86 10.13 -26.57 -0.77
C VAL F 86 9.87 -27.97 -0.21
N HIS F 87 9.48 -28.88 -1.10
CA HIS F 87 9.15 -30.25 -0.74
C HIS F 87 10.35 -31.14 -1.02
N PHE F 88 10.61 -32.10 -0.13
CA PHE F 88 11.81 -32.93 -0.20
C PHE F 88 11.48 -34.33 -0.70
N LYS F 89 12.45 -34.98 -1.34
CA LYS F 89 12.29 -36.36 -1.79
C LYS F 89 12.60 -37.30 -0.63
N ASN F 90 11.80 -37.19 0.42
CA ASN F 90 12.07 -37.79 1.72
C ASN F 90 10.85 -38.63 2.09
N LYS F 91 11.06 -39.71 2.83
CA LYS F 91 10.00 -40.64 3.19
C LYS F 91 9.54 -40.40 4.63
N GLU F 92 10.30 -39.62 5.43
CA GLU F 92 9.88 -39.30 6.78
C GLU F 92 9.96 -37.78 6.95
N GLU F 93 9.62 -37.30 8.13
CA GLU F 93 9.64 -35.87 8.42
C GLU F 93 11.08 -35.41 8.57
N PRO F 94 11.42 -34.13 8.26
CA PRO F 94 10.49 -33.19 7.64
C PRO F 94 10.29 -33.46 6.14
N ARG F 95 9.03 -33.34 5.71
CA ARG F 95 8.64 -33.55 4.32
C ARG F 95 8.86 -32.28 3.51
N LYS F 96 8.90 -31.12 4.19
CA LYS F 96 8.95 -29.85 3.48
C LYS F 96 9.30 -28.73 4.44
N VAL F 97 9.57 -27.55 3.88
CA VAL F 97 9.78 -26.34 4.67
C VAL F 97 9.12 -25.19 3.92
N CYS F 98 8.55 -24.24 4.67
N CYS F 98 8.54 -24.25 4.66
CA CYS F 98 7.84 -23.11 4.08
CA CYS F 98 7.85 -23.11 4.07
C CYS F 98 8.55 -21.81 4.42
C CYS F 98 8.56 -21.82 4.42
N PHE F 99 9.10 -21.12 3.41
CA PHE F 99 9.67 -19.80 3.59
C PHE F 99 8.59 -18.77 3.31
N THR F 100 8.68 -17.58 3.93
CA THR F 100 7.85 -16.45 3.53
C THR F 100 8.74 -15.41 2.84
N TYR F 101 8.49 -15.18 1.55
CA TYR F 101 9.37 -14.38 0.72
C TYR F 101 8.73 -13.03 0.40
N ASP F 102 9.51 -11.95 0.56
CA ASP F 102 9.06 -10.61 0.25
C ASP F 102 9.35 -10.29 -1.21
N LEU F 103 8.33 -10.39 -2.06
CA LEU F 103 8.44 -9.97 -3.44
C LEU F 103 8.15 -8.46 -3.55
N PHE F 104 9.19 -7.64 -3.49
CA PHE F 104 9.01 -6.20 -3.54
C PHE F 104 9.48 -5.69 -4.90
N LEU F 105 8.82 -4.64 -5.38
CA LEU F 105 9.11 -4.05 -6.68
C LEU F 105 9.89 -2.76 -6.49
N ASN F 106 10.52 -2.30 -7.57
CA ASN F 106 11.21 -1.02 -7.57
C ASN F 106 10.21 0.08 -7.93
N LEU F 107 10.43 1.27 -7.40
CA LEU F 107 9.64 2.44 -7.74
C LEU F 107 10.22 3.04 -9.03
N GLU F 108 9.33 3.59 -9.87
CA GLU F 108 9.72 4.13 -11.16
C GLU F 108 10.78 5.21 -10.97
N GLY F 109 11.92 5.06 -11.66
CA GLY F 109 13.04 5.98 -11.52
C GLY F 109 14.19 5.37 -10.74
N ASN F 110 13.90 4.32 -9.95
CA ASN F 110 14.92 3.64 -9.15
C ASN F 110 15.44 2.42 -9.92
N PRO F 111 16.64 1.88 -9.57
CA PRO F 111 17.20 0.73 -10.28
C PRO F 111 16.32 -0.52 -10.18
N PRO F 112 16.45 -1.48 -11.12
CA PRO F 112 15.76 -2.77 -11.01
C PRO F 112 16.13 -3.48 -9.71
N VAL F 113 15.17 -4.23 -9.16
CA VAL F 113 15.42 -5.07 -7.99
C VAL F 113 16.26 -6.25 -8.44
N ASN F 114 17.29 -6.57 -7.65
CA ASN F 114 18.02 -7.82 -7.82
C ASN F 114 18.42 -8.33 -6.44
N HIS F 115 17.51 -9.09 -5.81
CA HIS F 115 17.65 -9.48 -4.41
C HIS F 115 18.04 -10.96 -4.28
N LEU F 116 18.99 -11.25 -3.39
CA LEU F 116 19.39 -12.61 -3.09
C LEU F 116 19.25 -12.90 -1.59
N ARG F 117 18.81 -14.11 -1.26
CA ARG F 117 18.58 -14.55 0.11
C ARG F 117 19.07 -15.99 0.26
N CYS F 118 20.02 -16.22 1.16
CA CYS F 118 20.61 -17.52 1.38
C CYS F 118 19.98 -18.17 2.60
N GLU F 119 19.50 -19.41 2.44
CA GLU F 119 18.91 -20.17 3.52
C GLU F 119 19.74 -21.42 3.76
N LYS F 120 19.67 -21.94 4.98
CA LYS F 120 20.45 -23.11 5.39
C LYS F 120 19.50 -24.12 6.03
N LEU F 121 19.56 -25.38 5.61
CA LEU F 121 18.68 -26.41 6.16
C LEU F 121 19.54 -27.47 6.84
N THR F 122 19.11 -27.90 8.02
CA THR F 122 19.80 -28.93 8.78
C THR F 122 18.87 -30.13 8.92
N PHE F 123 19.35 -31.30 8.51
CA PHE F 123 18.64 -32.55 8.65
C PHE F 123 19.37 -33.46 9.64
N ASN F 124 18.70 -33.82 10.74
CA ASN F 124 19.26 -34.77 11.69
C ASN F 124 18.88 -36.20 11.28
N ASN F 125 19.87 -37.09 11.31
CA ASN F 125 19.68 -38.52 11.14
C ASN F 125 18.73 -38.82 10.00
N PRO F 126 19.03 -38.41 8.75
CA PRO F 126 18.23 -38.82 7.61
C PRO F 126 18.44 -40.30 7.31
N THR F 127 17.46 -40.92 6.65
CA THR F 127 17.63 -42.28 6.15
C THR F 127 18.88 -42.31 5.27
N THR F 128 19.40 -43.51 5.01
CA THR F 128 20.54 -43.71 4.13
C THR F 128 20.19 -43.14 2.76
N GLU F 129 19.01 -43.49 2.26
CA GLU F 129 18.57 -43.10 0.92
C GLU F 129 18.55 -41.57 0.79
N PHE F 130 18.06 -40.89 1.83
CA PHE F 130 17.87 -39.45 1.77
C PHE F 130 19.21 -38.74 2.00
N ARG F 131 20.08 -39.35 2.81
CA ARG F 131 21.42 -38.81 3.06
C ARG F 131 22.17 -38.69 1.73
N TYR F 132 22.08 -39.74 0.91
CA TYR F 132 22.76 -39.79 -0.37
C TYR F 132 22.26 -38.65 -1.24
N LYS F 133 20.93 -38.48 -1.30
CA LYS F 133 20.33 -37.42 -2.09
C LYS F 133 20.85 -36.05 -1.63
N LEU F 134 20.96 -35.85 -0.32
CA LEU F 134 21.41 -34.56 0.20
C LEU F 134 22.87 -34.33 -0.17
N LEU F 135 23.69 -35.38 -0.17
CA LEU F 135 25.11 -35.21 -0.44
C LEU F 135 25.33 -34.96 -1.92
N ARG F 136 24.54 -35.61 -2.78
CA ARG F 136 24.62 -35.38 -4.21
C ARG F 136 24.22 -33.93 -4.54
N ALA F 137 23.45 -33.30 -3.65
CA ALA F 137 23.02 -31.92 -3.87
C ALA F 137 24.02 -30.93 -3.27
N GLY F 138 25.15 -31.40 -2.77
CA GLY F 138 26.16 -30.50 -2.20
C GLY F 138 26.01 -30.33 -0.69
N GLY F 139 25.29 -31.25 -0.04
CA GLY F 139 25.16 -31.23 1.40
C GLY F 139 26.49 -31.61 2.07
N VAL F 140 26.70 -31.11 3.30
CA VAL F 140 27.91 -31.36 4.05
C VAL F 140 27.52 -31.88 5.44
N MET F 141 28.26 -32.89 5.91
CA MET F 141 28.02 -33.46 7.22
C MET F 141 28.60 -32.52 8.26
N VAL F 142 27.87 -32.37 9.39
CA VAL F 142 28.23 -31.51 10.51
C VAL F 142 28.23 -32.34 11.81
N CYS G 4 -13.23 -22.80 22.92
CA CYS G 4 -12.24 -23.16 21.88
C CYS G 4 -11.59 -24.50 22.20
N THR G 5 -11.95 -25.54 21.46
CA THR G 5 -11.30 -26.81 21.66
C THR G 5 -10.59 -27.22 20.38
N VAL G 6 -9.30 -27.53 20.50
CA VAL G 6 -8.46 -27.86 19.35
C VAL G 6 -7.98 -29.31 19.48
N GLN G 7 -8.12 -30.05 18.39
CA GLN G 7 -7.66 -31.43 18.28
C GLN G 7 -6.53 -31.51 17.27
N VAL G 8 -5.47 -32.25 17.63
CA VAL G 8 -4.38 -32.58 16.72
C VAL G 8 -4.15 -34.08 16.79
N ARG G 9 -3.76 -34.67 15.66
CA ARG G 9 -3.47 -36.10 15.58
C ARG G 9 -1.96 -36.31 15.60
N LEU G 10 -1.52 -37.32 16.36
CA LEU G 10 -0.15 -37.79 16.32
C LEU G 10 -0.15 -39.24 15.83
N GLU G 11 0.91 -39.61 15.11
CA GLU G 11 1.14 -40.99 14.73
C GLU G 11 2.40 -41.49 15.42
N LEU G 12 2.24 -42.52 16.26
CA LEU G 12 3.34 -43.29 16.81
C LEU G 12 3.40 -44.60 16.02
N GLY G 13 4.60 -45.15 15.87
CA GLY G 13 4.75 -46.43 15.20
C GLY G 13 6.18 -46.92 15.27
N HIS G 14 6.42 -48.14 14.77
CA HIS G 14 7.74 -48.74 14.80
C HIS G 14 7.82 -49.86 13.76
N ARG G 15 9.05 -50.11 13.29
CA ARG G 15 9.33 -51.27 12.46
C ARG G 15 10.43 -52.10 13.14
N ALA G 16 10.40 -53.41 12.90
CA ALA G 16 11.44 -54.30 13.39
C ALA G 16 11.57 -55.50 12.47
N GLN G 17 12.80 -56.02 12.35
CA GLN G 17 13.07 -57.19 11.53
C GLN G 17 14.37 -57.85 11.98
N LEU G 18 14.50 -59.15 11.65
CA LEU G 18 15.72 -59.89 11.95
C LEU G 18 16.84 -59.31 11.08
N ARG G 19 18.00 -59.09 11.70
CA ARG G 19 19.23 -58.85 10.96
C ARG G 19 19.65 -60.15 10.28
N LYS G 20 20.28 -60.02 9.11
CA LYS G 20 20.81 -61.17 8.41
C LYS G 20 21.99 -61.75 9.17
N LYS G 21 22.72 -60.87 9.87
CA LYS G 21 23.88 -61.26 10.65
C LYS G 21 23.79 -60.59 12.01
N PRO G 22 23.67 -61.38 13.12
CA PRO G 22 23.79 -60.82 14.46
C PRO G 22 25.06 -59.97 14.61
N THR G 23 24.96 -58.88 15.38
CA THR G 23 26.12 -58.03 15.67
C THR G 23 27.05 -58.79 16.60
N THR G 24 28.23 -58.22 16.87
CA THR G 24 29.21 -58.85 17.73
C THR G 24 28.65 -59.01 19.15
N GLU G 25 27.75 -58.11 19.55
CA GLU G 25 27.15 -58.15 20.89
C GLU G 25 26.04 -59.20 20.97
N GLY G 26 25.61 -59.74 19.83
CA GLY G 26 24.53 -60.73 19.80
C GLY G 26 23.15 -60.11 19.54
N PHE G 27 23.12 -58.87 19.04
CA PHE G 27 21.86 -58.18 18.75
C PHE G 27 21.26 -58.78 17.47
N THR G 28 20.02 -59.27 17.58
CA THR G 28 19.39 -60.08 16.54
C THR G 28 18.53 -59.22 15.60
N HIS G 29 18.10 -58.04 16.06
CA HIS G 29 17.11 -57.26 15.32
C HIS G 29 17.57 -55.82 15.11
N ASP G 30 17.09 -55.23 14.02
CA ASP G 30 17.08 -53.78 13.85
C ASP G 30 15.66 -53.26 14.00
N TRP G 31 15.53 -52.08 14.62
CA TRP G 31 14.22 -51.49 14.76
C TRP G 31 14.29 -49.97 14.69
N MET G 32 13.11 -49.37 14.47
CA MET G 32 12.99 -47.93 14.36
C MET G 32 11.64 -47.54 14.96
N VAL G 33 11.66 -46.53 15.84
CA VAL G 33 10.46 -45.99 16.47
C VAL G 33 10.29 -44.55 16.05
N PHE G 34 9.05 -44.08 15.89
CA PHE G 34 8.85 -42.70 15.46
C PHE G 34 7.60 -42.09 16.06
N VAL G 35 7.66 -40.76 16.18
CA VAL G 35 6.50 -39.90 16.35
C VAL G 35 6.46 -38.94 15.17
N ARG G 36 5.30 -38.83 14.52
CA ARG G 36 5.15 -37.89 13.41
C ARG G 36 3.70 -37.45 13.32
N GLY G 37 3.46 -36.45 12.46
CA GLY G 37 2.13 -35.98 12.12
C GLY G 37 1.54 -36.80 10.98
N PRO G 38 0.22 -36.79 10.77
CA PRO G 38 -0.38 -37.41 9.59
C PRO G 38 -0.01 -36.57 8.36
N GLU G 39 -0.12 -37.18 7.17
CA GLU G 39 0.37 -36.58 5.95
C GLU G 39 -0.01 -35.11 5.89
N GLN G 40 1.00 -34.26 5.60
CA GLN G 40 0.84 -32.83 5.35
C GLN G 40 0.78 -32.02 6.65
N CYS G 41 1.01 -32.68 7.80
CA CYS G 41 0.98 -32.01 9.07
C CYS G 41 2.39 -31.92 9.62
N ASP G 42 2.88 -30.69 9.79
CA ASP G 42 4.16 -30.47 10.43
C ASP G 42 3.91 -30.20 11.91
N ILE G 43 4.17 -31.21 12.76
CA ILE G 43 3.86 -31.12 14.18
C ILE G 43 4.89 -30.27 14.90
N GLN G 44 6.00 -29.97 14.24
CA GLN G 44 7.06 -29.14 14.76
C GLN G 44 6.54 -27.76 15.18
N HIS G 45 5.44 -27.31 14.59
CA HIS G 45 4.85 -26.03 14.96
C HIS G 45 4.45 -26.00 16.44
N PHE G 46 4.03 -27.15 16.99
CA PHE G 46 3.58 -27.18 18.38
C PHE G 46 4.42 -28.14 19.25
N VAL G 47 5.34 -28.91 18.67
CA VAL G 47 6.14 -29.84 19.44
C VAL G 47 7.53 -29.27 19.63
N GLU G 48 7.91 -29.08 20.90
CA GLU G 48 9.23 -28.60 21.28
C GLU G 48 10.25 -29.70 21.02
N LYS G 49 9.96 -30.90 21.56
CA LYS G 49 10.86 -32.04 21.43
C LYS G 49 10.12 -33.32 21.80
N VAL G 50 10.70 -34.45 21.36
CA VAL G 50 10.23 -35.76 21.74
C VAL G 50 11.39 -36.49 22.42
N VAL G 51 11.11 -37.05 23.60
CA VAL G 51 12.08 -37.81 24.38
C VAL G 51 11.67 -39.27 24.34
N PHE G 52 12.61 -40.13 23.88
CA PHE G 52 12.41 -41.56 23.84
C PHE G 52 13.20 -42.19 24.98
N TRP G 53 12.50 -42.83 25.92
CA TRP G 53 13.14 -43.47 27.07
C TRP G 53 13.35 -44.94 26.78
N LEU G 54 14.57 -45.30 26.38
CA LEU G 54 14.92 -46.69 26.12
C LEU G 54 15.17 -47.41 27.44
N HIS G 55 15.17 -48.75 27.37
CA HIS G 55 15.49 -49.62 28.50
C HIS G 55 16.88 -49.29 29.05
N ASP G 56 17.06 -49.38 30.37
CA ASP G 56 18.31 -49.07 31.05
C ASP G 56 19.48 -49.89 30.52
N SER G 57 19.21 -50.99 29.82
CA SER G 57 20.24 -51.83 29.22
C SER G 57 20.92 -51.15 28.05
N PHE G 58 20.28 -50.10 27.49
CA PHE G 58 20.91 -49.30 26.45
C PHE G 58 21.80 -48.24 27.12
N PRO G 59 22.96 -47.92 26.52
CA PRO G 59 23.77 -46.78 26.98
C PRO G 59 23.09 -45.49 26.53
N LYS G 60 23.17 -44.46 27.38
CA LYS G 60 22.49 -43.19 27.13
C LYS G 60 21.06 -43.47 26.69
N PRO G 61 20.23 -44.06 27.57
CA PRO G 61 18.87 -44.47 27.20
C PRO G 61 17.89 -43.34 26.88
N ARG G 62 18.20 -42.12 27.36
CA ARG G 62 17.34 -40.97 27.14
C ARG G 62 17.70 -40.29 25.82
N ARG G 63 16.89 -40.54 24.78
CA ARG G 63 17.18 -40.05 23.44
C ARG G 63 16.24 -38.91 23.08
N VAL G 64 16.81 -37.76 22.71
CA VAL G 64 16.03 -36.55 22.48
C VAL G 64 16.12 -36.18 20.99
N CYS G 65 14.95 -35.89 20.40
CA CYS G 65 14.89 -35.22 19.11
C CYS G 65 14.20 -33.87 19.28
N LYS G 66 14.93 -32.79 18.99
CA LYS G 66 14.42 -31.44 19.14
C LYS G 66 13.76 -30.98 17.84
N GLU G 67 13.87 -31.79 16.78
CA GLU G 67 13.28 -31.45 15.50
C GLU G 67 13.05 -32.72 14.69
N PRO G 68 12.21 -32.65 13.63
CA PRO G 68 11.93 -33.83 12.81
C PRO G 68 13.18 -34.32 12.10
N PRO G 69 13.28 -35.63 11.77
CA PRO G 69 12.28 -36.62 12.16
C PRO G 69 12.42 -36.96 13.63
N TYR G 70 11.29 -37.10 14.34
CA TYR G 70 11.31 -37.53 15.73
C TYR G 70 11.39 -39.05 15.71
N LYS G 71 12.60 -39.60 15.89
CA LYS G 71 12.75 -41.05 15.78
C LYS G 71 14.03 -41.54 16.44
N VAL G 72 14.08 -42.85 16.68
CA VAL G 72 15.28 -43.55 17.13
C VAL G 72 15.42 -44.80 16.27
N GLU G 73 16.64 -45.02 15.75
CA GLU G 73 16.99 -46.26 15.05
C GLU G 73 18.03 -47.00 15.89
N GLU G 74 17.80 -48.29 16.14
CA GLU G 74 18.65 -49.06 17.04
C GLU G 74 18.72 -50.52 16.60
N SER G 75 19.61 -51.25 17.28
CA SER G 75 19.70 -52.69 17.18
C SER G 75 19.61 -53.29 18.59
N GLY G 76 18.99 -54.46 18.71
CA GLY G 76 18.87 -55.12 20.00
C GLY G 76 18.43 -56.57 19.89
N TYR G 77 18.17 -57.19 21.05
CA TYR G 77 17.90 -58.62 21.14
C TYR G 77 16.50 -58.89 21.71
N ALA G 78 15.83 -57.84 22.22
CA ALA G 78 14.55 -58.03 22.89
C ALA G 78 13.71 -56.75 22.86
N GLY G 79 12.37 -56.95 22.90
CA GLY G 79 11.43 -55.86 22.96
C GLY G 79 11.21 -55.40 24.40
N PHE G 80 10.52 -54.25 24.55
CA PHE G 80 10.32 -53.65 25.85
C PHE G 80 9.33 -52.49 25.75
N ILE G 81 8.94 -51.99 26.92
CA ILE G 81 8.04 -50.85 27.03
C ILE G 81 8.89 -49.58 27.04
N MET G 82 8.54 -48.66 26.12
CA MET G 82 9.29 -47.43 25.91
C MET G 82 8.39 -46.24 26.20
N PRO G 83 8.57 -45.54 27.33
CA PRO G 83 7.93 -44.23 27.52
C PRO G 83 8.40 -43.27 26.43
N ILE G 84 7.44 -42.52 25.87
CA ILE G 84 7.73 -41.48 24.90
C ILE G 84 7.04 -40.21 25.36
N GLU G 85 7.83 -39.18 25.67
CA GLU G 85 7.29 -37.89 26.08
C GLU G 85 7.28 -36.94 24.89
N VAL G 86 6.12 -36.36 24.61
CA VAL G 86 6.03 -35.31 23.60
C VAL G 86 5.82 -34.00 24.34
N HIS G 87 6.79 -33.08 24.19
CA HIS G 87 6.78 -31.78 24.84
C HIS G 87 6.24 -30.75 23.88
N PHE G 88 5.41 -29.83 24.38
CA PHE G 88 4.71 -28.87 23.55
C PHE G 88 5.36 -27.50 23.70
N LYS G 89 5.24 -26.67 22.65
CA LYS G 89 5.69 -25.28 22.68
C LYS G 89 4.59 -24.44 23.33
N ASN G 90 4.31 -24.74 24.60
CA ASN G 90 3.18 -24.22 25.34
C ASN G 90 3.71 -23.58 26.62
N LYS G 91 3.05 -22.51 27.09
CA LYS G 91 3.49 -21.78 28.27
C LYS G 91 2.68 -22.17 29.51
N GLU G 92 1.55 -22.88 29.32
CA GLU G 92 0.77 -23.35 30.46
C GLU G 92 0.56 -24.85 30.31
N GLU G 93 -0.14 -25.46 31.28
CA GLU G 93 -0.41 -26.88 31.24
C GLU G 93 -1.49 -27.18 30.20
N PRO G 94 -1.51 -28.36 29.55
CA PRO G 94 -0.44 -29.35 29.69
C PRO G 94 0.81 -29.00 28.89
N ARG G 95 1.99 -29.18 29.52
CA ARG G 95 3.26 -28.86 28.87
C ARG G 95 3.76 -30.04 28.05
N LYS G 96 3.24 -31.22 28.32
CA LYS G 96 3.69 -32.43 27.65
C LYS G 96 2.69 -33.54 27.90
N VAL G 97 2.90 -34.65 27.19
CA VAL G 97 2.13 -35.87 27.38
C VAL G 97 3.10 -37.03 27.26
N CYS G 98 2.87 -38.08 28.06
CA CYS G 98 3.71 -39.26 28.04
C CYS G 98 2.89 -40.46 27.55
N PHE G 99 3.28 -41.00 26.38
CA PHE G 99 2.70 -42.25 25.89
C PHE G 99 3.57 -43.39 26.38
N THR G 100 2.97 -44.58 26.56
CA THR G 100 3.75 -45.77 26.87
C THR G 100 3.67 -46.68 25.64
N TYR G 101 4.82 -46.90 25.00
CA TYR G 101 4.85 -47.52 23.69
C TYR G 101 5.44 -48.93 23.81
N ASP G 102 4.75 -49.90 23.20
CA ASP G 102 5.20 -51.27 23.22
C ASP G 102 6.09 -51.51 22.01
N LEU G 103 7.40 -51.51 22.23
CA LEU G 103 8.37 -51.82 21.13
C LEU G 103 8.60 -53.33 21.11
N PHE G 104 7.80 -54.05 20.34
CA PHE G 104 7.85 -55.50 20.31
C PHE G 104 8.51 -55.90 19.00
N LEU G 105 9.24 -57.03 19.08
CA LEU G 105 9.98 -57.57 17.96
C LEU G 105 9.22 -58.74 17.38
N ASN G 106 9.58 -59.11 16.15
CA ASN G 106 9.03 -60.28 15.50
C ASN G 106 9.88 -61.49 15.89
N LEU G 107 9.22 -62.64 15.94
CA LEU G 107 9.90 -63.90 16.19
C LEU G 107 10.47 -64.40 14.85
N GLU G 108 11.64 -65.05 14.91
CA GLU G 108 12.33 -65.51 13.73
C GLU G 108 11.41 -66.46 12.96
N GLY G 109 11.22 -66.18 11.67
CA GLY G 109 10.32 -66.95 10.83
C GLY G 109 9.03 -66.20 10.52
N ASN G 110 8.69 -65.21 11.36
CA ASN G 110 7.47 -64.43 11.18
C ASN G 110 7.79 -63.14 10.42
N PRO G 111 6.78 -62.46 9.81
CA PRO G 111 7.02 -61.23 9.06
C PRO G 111 7.60 -60.11 9.92
N PRO G 112 8.28 -59.11 9.30
CA PRO G 112 8.75 -57.93 10.02
C PRO G 112 7.58 -57.21 10.68
N VAL G 113 7.84 -56.59 11.83
CA VAL G 113 6.86 -55.75 12.49
C VAL G 113 6.74 -54.45 11.70
N ASN G 114 5.49 -54.03 11.47
CA ASN G 114 5.21 -52.72 10.94
C ASN G 114 3.95 -52.19 11.61
N HIS G 115 4.12 -51.55 12.77
CA HIS G 115 3.01 -51.19 13.64
C HIS G 115 2.76 -49.68 13.58
N LEU G 116 1.48 -49.30 13.47
CA LEU G 116 1.08 -47.91 13.49
C LEU G 116 0.05 -47.68 14.60
N ARG G 117 0.19 -46.55 15.28
CA ARG G 117 -0.67 -46.19 16.39
C ARG G 117 -1.03 -44.71 16.28
N CYS G 118 -2.32 -44.42 16.15
CA CYS G 118 -2.82 -43.06 15.98
C CYS G 118 -3.31 -42.53 17.32
N GLU G 119 -2.82 -41.36 17.71
CA GLU G 119 -3.24 -40.73 18.95
C GLU G 119 -3.89 -39.41 18.60
N LYS G 120 -4.79 -39.00 19.50
CA LYS G 120 -5.57 -37.77 19.34
C LYS G 120 -5.36 -36.95 20.61
N LEU G 121 -5.00 -35.68 20.45
CA LEU G 121 -4.84 -34.79 21.57
C LEU G 121 -5.88 -33.68 21.48
N THR G 122 -6.52 -33.41 22.63
CA THR G 122 -7.52 -32.37 22.74
C THR G 122 -7.00 -31.32 23.71
N PHE G 123 -6.95 -30.07 23.25
CA PHE G 123 -6.55 -28.94 24.07
C PHE G 123 -7.75 -28.01 24.27
N ASN G 124 -8.18 -27.82 25.51
CA ASN G 124 -9.27 -26.91 25.81
C ASN G 124 -8.69 -25.52 26.09
N ASN G 125 -9.30 -24.50 25.46
CA ASN G 125 -9.00 -23.10 25.71
C ASN G 125 -7.50 -22.87 25.77
N PRO G 126 -6.74 -23.16 24.70
CA PRO G 126 -5.32 -22.82 24.67
C PRO G 126 -5.14 -21.32 24.56
N THR G 127 -3.96 -20.81 24.97
CA THR G 127 -3.61 -19.42 24.76
C THR G 127 -3.73 -19.14 23.26
N THR G 128 -3.80 -17.85 22.91
CA THR G 128 -3.85 -17.42 21.53
C THR G 128 -2.62 -17.92 20.80
N GLU G 129 -1.46 -17.72 21.44
CA GLU G 129 -0.17 -18.05 20.86
C GLU G 129 -0.13 -19.55 20.52
N PHE G 130 -0.63 -20.39 21.44
CA PHE G 130 -0.52 -21.83 21.30
C PHE G 130 -1.58 -22.34 20.33
N ARG G 131 -2.74 -21.67 20.27
CA ARG G 131 -3.80 -22.04 19.35
C ARG G 131 -3.26 -21.94 17.91
N TYR G 132 -2.53 -20.85 17.63
CA TYR G 132 -1.99 -20.60 16.32
C TYR G 132 -1.03 -21.73 15.95
N LYS G 133 -0.15 -22.09 16.90
CA LYS G 133 0.81 -23.16 16.67
C LYS G 133 0.10 -24.46 16.35
N LEU G 134 -0.99 -24.76 17.07
CA LEU G 134 -1.70 -26.01 16.87
C LEU G 134 -2.35 -26.01 15.48
N LEU G 135 -2.84 -24.85 15.03
CA LEU G 135 -3.56 -24.79 13.76
C LEU G 135 -2.57 -24.90 12.60
N ARG G 136 -1.39 -24.29 12.76
CA ARG G 136 -0.34 -24.39 11.75
C ARG G 136 0.12 -25.85 11.62
N ALA G 137 -0.08 -26.66 12.66
CA ALA G 137 0.33 -28.05 12.63
C ALA G 137 -0.77 -28.95 12.08
N GLY G 138 -1.89 -28.38 11.62
CA GLY G 138 -2.98 -29.18 11.08
C GLY G 138 -4.02 -29.50 12.14
N GLY G 139 -4.02 -28.76 13.27
CA GLY G 139 -5.06 -28.93 14.26
C GLY G 139 -6.37 -28.34 13.76
N VAL G 140 -7.47 -28.86 14.31
CA VAL G 140 -8.80 -28.44 13.91
C VAL G 140 -9.57 -28.07 15.17
N MET G 141 -10.31 -26.95 15.11
CA MET G 141 -11.22 -26.56 16.17
C MET G 141 -12.44 -27.47 16.13
N VAL G 142 -12.89 -27.95 17.29
CA VAL G 142 -13.85 -29.04 17.37
C VAL G 142 -14.93 -28.64 18.35
N MET G 143 -16.06 -29.36 18.25
CA MET G 143 -17.20 -29.14 19.12
C MET G 143 -18.22 -30.27 18.93
N PRO G 144 -18.89 -30.76 20.00
CA PRO G 144 -19.92 -31.80 19.85
C PRO G 144 -21.12 -31.33 19.02
N GLN H 3 5.71 -21.86 -19.38
CA GLN H 3 5.46 -20.79 -20.39
C GLN H 3 6.34 -20.98 -21.63
N CYS H 4 7.41 -21.79 -21.47
CA CYS H 4 8.36 -22.07 -22.58
C CYS H 4 9.08 -23.42 -22.35
N THR H 5 9.09 -24.32 -23.33
CA THR H 5 9.84 -25.55 -23.18
C THR H 5 10.69 -25.78 -24.43
N VAL H 6 12.00 -25.99 -24.24
CA VAL H 6 12.92 -26.20 -25.32
C VAL H 6 13.51 -27.61 -25.25
N GLN H 7 13.51 -28.30 -26.39
CA GLN H 7 14.11 -29.62 -26.53
C GLN H 7 15.32 -29.54 -27.45
N VAL H 8 16.42 -30.17 -27.06
CA VAL H 8 17.65 -30.21 -27.86
C VAL H 8 18.15 -31.65 -27.86
N ARG H 9 18.72 -32.08 -28.99
CA ARG H 9 19.14 -33.46 -29.18
C ARG H 9 20.65 -33.55 -29.03
N LEU H 10 21.12 -34.60 -28.33
CA LEU H 10 22.54 -34.95 -28.28
C LEU H 10 22.73 -36.33 -28.88
N GLU H 11 23.90 -36.56 -29.48
CA GLU H 11 24.32 -37.88 -29.90
C GLU H 11 25.55 -38.30 -29.08
N LEU H 12 25.39 -39.39 -28.34
CA LEU H 12 26.51 -40.10 -27.71
C LEU H 12 26.80 -41.33 -28.55
N GLY H 13 28.07 -41.74 -28.58
CA GLY H 13 28.44 -42.94 -29.30
C GLY H 13 29.90 -43.29 -29.06
N HIS H 14 30.32 -44.43 -29.62
CA HIS H 14 31.69 -44.88 -29.47
C HIS H 14 32.03 -45.90 -30.56
N ARG H 15 33.32 -46.00 -30.89
CA ARG H 15 33.84 -47.04 -31.75
C ARG H 15 34.91 -47.80 -30.97
N ALA H 16 35.06 -49.08 -31.32
CA ALA H 16 36.12 -49.90 -30.76
C ALA H 16 36.51 -50.98 -31.78
N GLN H 17 37.80 -51.35 -31.76
CA GLN H 17 38.32 -52.39 -32.64
C GLN H 17 39.60 -52.96 -32.05
N LEU H 18 39.93 -54.19 -32.48
CA LEU H 18 41.18 -54.83 -32.11
C LEU H 18 42.33 -54.04 -32.74
N ARG H 19 43.36 -53.78 -31.93
CA ARG H 19 44.63 -53.30 -32.46
C ARG H 19 45.30 -54.40 -33.28
N LYS H 20 46.06 -53.98 -34.27
CA LYS H 20 46.83 -54.88 -35.10
C LYS H 20 47.95 -55.50 -34.27
N LYS H 21 48.46 -54.71 -33.32
CA LYS H 21 49.55 -55.12 -32.44
C LYS H 21 49.20 -54.70 -31.03
N PRO H 22 49.01 -55.64 -30.07
CA PRO H 22 48.90 -55.26 -28.65
C PRO H 22 50.04 -54.35 -28.22
N THR H 23 49.73 -53.37 -27.35
CA THR H 23 50.77 -52.47 -26.84
C THR H 23 51.63 -53.25 -25.86
N THR H 24 52.70 -52.63 -25.38
CA THR H 24 53.62 -53.27 -24.45
C THR H 24 52.90 -53.62 -23.15
N GLU H 25 51.88 -52.84 -22.79
CA GLU H 25 51.12 -53.05 -21.57
C GLU H 25 50.11 -54.20 -21.72
N GLY H 26 49.87 -54.64 -22.96
CA GLY H 26 48.91 -55.70 -23.24
C GLY H 26 47.53 -55.17 -23.60
N PHE H 27 47.44 -53.88 -23.99
CA PHE H 27 46.18 -53.28 -24.40
C PHE H 27 45.80 -53.80 -25.79
N THR H 28 44.61 -54.40 -25.89
CA THR H 28 44.21 -55.15 -27.07
C THR H 28 43.39 -54.27 -28.02
N HIS H 29 42.78 -53.18 -27.52
CA HIS H 29 41.82 -52.45 -28.32
C HIS H 29 42.13 -50.96 -28.34
N ASP H 30 41.74 -50.32 -29.45
CA ASP H 30 41.58 -48.88 -29.51
C ASP H 30 40.10 -48.55 -29.50
N TRP H 31 39.75 -47.46 -28.81
CA TRP H 31 38.38 -47.00 -28.80
C TRP H 31 38.31 -45.47 -28.75
N MET H 32 37.12 -44.98 -29.10
CA MET H 32 36.85 -43.57 -29.16
C MET H 32 35.41 -43.35 -28.73
N VAL H 33 35.19 -42.41 -27.81
CA VAL H 33 33.88 -42.06 -27.29
C VAL H 33 33.61 -40.61 -27.63
N PHE H 34 32.35 -40.25 -27.93
CA PHE H 34 32.06 -38.89 -28.32
C PHE H 34 30.68 -38.45 -27.85
N VAL H 35 30.57 -37.13 -27.68
CA VAL H 35 29.33 -36.40 -27.61
C VAL H 35 29.35 -35.38 -28.75
N ARG H 36 28.26 -35.36 -29.53
CA ARG H 36 28.13 -34.39 -30.61
C ARG H 36 26.66 -34.09 -30.85
N GLY H 37 26.38 -33.11 -31.70
CA GLY H 37 25.04 -32.79 -32.14
C GLY H 37 24.65 -33.60 -33.36
N PRO H 38 23.34 -33.72 -33.65
CA PRO H 38 22.90 -34.31 -34.92
C PRO H 38 23.27 -33.40 -36.07
N GLU H 39 23.31 -33.96 -37.28
CA GLU H 39 23.77 -33.27 -38.48
C GLU H 39 23.25 -31.82 -38.48
N GLN H 40 24.17 -30.86 -38.66
CA GLN H 40 23.88 -29.44 -38.83
C GLN H 40 23.70 -28.72 -37.50
N CYS H 41 23.90 -29.42 -36.37
CA CYS H 41 23.70 -28.82 -35.06
C CYS H 41 25.06 -28.64 -34.39
N ASP H 42 25.42 -27.38 -34.12
CA ASP H 42 26.60 -27.08 -33.32
C ASP H 42 26.18 -26.93 -31.86
N ILE H 43 26.47 -27.95 -31.05
CA ILE H 43 26.03 -27.98 -29.66
C ILE H 43 26.88 -27.07 -28.79
N GLN H 44 28.02 -26.62 -29.34
CA GLN H 44 28.92 -25.71 -28.66
C GLN H 44 28.22 -24.43 -28.23
N HIS H 45 27.13 -24.06 -28.94
CA HIS H 45 26.35 -22.89 -28.57
C HIS H 45 25.84 -22.98 -27.14
N PHE H 46 25.50 -24.20 -26.66
CA PHE H 46 24.92 -24.35 -25.33
C PHE H 46 25.75 -25.25 -24.42
N VAL H 47 26.80 -25.89 -24.94
CA VAL H 47 27.60 -26.80 -24.13
C VAL H 47 28.90 -26.10 -23.75
N GLU H 48 29.12 -25.95 -22.43
CA GLU H 48 30.34 -25.37 -21.90
C GLU H 48 31.47 -26.38 -22.08
N LYS H 49 31.25 -27.62 -21.63
CA LYS H 49 32.25 -28.65 -21.68
C LYS H 49 31.62 -30.02 -21.48
N VAL H 50 32.36 -31.06 -21.87
CA VAL H 50 31.99 -32.43 -21.63
C VAL H 50 33.10 -33.09 -20.82
N VAL H 51 32.72 -33.74 -19.71
CA VAL H 51 33.64 -34.48 -18.87
C VAL H 51 33.39 -35.98 -19.06
N PHE H 52 34.44 -36.71 -19.44
CA PHE H 52 34.39 -38.15 -19.57
C PHE H 52 35.11 -38.78 -18.38
N TRP H 53 34.36 -39.54 -17.58
CA TRP H 53 34.92 -40.19 -16.40
C TRP H 53 35.31 -41.63 -16.75
N LEU H 54 36.60 -41.83 -17.00
CA LEU H 54 37.12 -43.16 -17.27
C LEU H 54 37.25 -43.96 -15.99
N HIS H 55 37.43 -45.27 -16.14
CA HIS H 55 37.66 -46.21 -15.05
C HIS H 55 38.90 -45.79 -14.27
N ASP H 56 38.88 -45.98 -12.93
CA ASP H 56 39.98 -45.57 -12.06
C ASP H 56 41.31 -46.22 -12.44
N SER H 57 41.25 -47.30 -13.23
CA SER H 57 42.45 -47.98 -13.70
C SER H 57 43.23 -47.13 -14.70
N PHE H 58 42.57 -46.12 -15.30
CA PHE H 58 43.25 -45.19 -16.18
C PHE H 58 43.90 -44.10 -15.33
N PRO H 59 45.10 -43.62 -15.73
CA PRO H 59 45.70 -42.45 -15.08
C PRO H 59 44.96 -41.20 -15.54
N LYS H 60 44.79 -40.24 -14.62
CA LYS H 60 44.04 -39.02 -14.90
C LYS H 60 42.74 -39.40 -15.58
N PRO H 61 41.84 -40.13 -14.89
CA PRO H 61 40.62 -40.64 -15.50
C PRO H 61 39.58 -39.58 -15.89
N ARG H 62 39.68 -38.39 -15.31
CA ARG H 62 38.74 -37.30 -15.57
C ARG H 62 39.21 -36.51 -16.79
N ARG H 63 38.58 -36.75 -17.95
CA ARG H 63 39.01 -36.16 -19.21
C ARG H 63 38.02 -35.10 -19.66
N VAL H 64 38.51 -33.88 -19.88
CA VAL H 64 37.66 -32.72 -20.15
C VAL H 64 37.90 -32.23 -21.58
N CYS H 65 36.81 -31.97 -22.30
CA CYS H 65 36.85 -31.25 -23.56
C CYS H 65 36.01 -29.98 -23.42
N LYS H 66 36.67 -28.82 -23.59
CA LYS H 66 36.02 -27.55 -23.46
C LYS H 66 35.50 -27.06 -24.79
N GLU H 67 35.80 -27.79 -25.87
CA GLU H 67 35.31 -27.41 -27.20
C GLU H 67 35.31 -28.63 -28.12
N PRO H 68 34.61 -28.59 -29.26
CA PRO H 68 34.56 -29.71 -30.17
C PRO H 68 35.95 -30.04 -30.74
N PRO H 69 36.24 -31.31 -31.11
CA PRO H 69 35.30 -32.41 -30.92
C PRO H 69 35.27 -32.83 -29.46
N TYR H 70 34.06 -33.11 -28.92
CA TYR H 70 33.97 -33.60 -27.55
C TYR H 70 34.18 -35.11 -27.60
N LYS H 71 35.41 -35.55 -27.29
CA LYS H 71 35.74 -36.95 -27.46
C LYS H 71 36.99 -37.33 -26.66
N VAL H 72 37.12 -38.65 -26.45
CA VAL H 72 38.30 -39.26 -25.87
C VAL H 72 38.70 -40.43 -26.76
N GLU H 73 39.99 -40.47 -27.12
CA GLU H 73 40.58 -41.61 -27.82
C GLU H 73 41.56 -42.30 -26.88
N GLU H 74 41.42 -43.62 -26.75
CA GLU H 74 42.21 -44.38 -25.79
C GLU H 74 42.47 -45.79 -26.30
N SER H 75 43.35 -46.48 -25.56
CA SER H 75 43.65 -47.88 -25.75
C SER H 75 43.47 -48.60 -24.42
N GLY H 76 42.97 -49.85 -24.49
CA GLY H 76 42.75 -50.61 -23.28
C GLY H 76 42.48 -52.09 -23.57
N TYR H 77 42.15 -52.83 -22.52
CA TYR H 77 41.99 -54.27 -22.59
C TYR H 77 40.55 -54.69 -22.24
N ALA H 78 39.72 -53.75 -21.74
CA ALA H 78 38.39 -54.11 -21.25
C ALA H 78 37.42 -52.93 -21.32
N GLY H 79 36.14 -53.26 -21.45
CA GLY H 79 35.06 -52.29 -21.46
C GLY H 79 34.60 -51.99 -20.03
N PHE H 80 33.77 -50.95 -19.89
CA PHE H 80 33.33 -50.47 -18.59
C PHE H 80 32.24 -49.42 -18.73
N ILE H 81 31.65 -49.05 -17.59
CA ILE H 81 30.63 -48.03 -17.52
C ILE H 81 31.32 -46.68 -17.32
N MET H 82 30.99 -45.73 -18.20
CA MET H 82 31.63 -44.43 -18.24
C MET H 82 30.60 -43.35 -17.99
N PRO H 83 30.58 -42.71 -16.81
CA PRO H 83 29.80 -41.48 -16.62
C PRO H 83 30.30 -40.41 -17.60
N ILE H 84 29.34 -39.70 -18.22
CA ILE H 84 29.64 -38.58 -19.09
C ILE H 84 28.78 -37.41 -18.64
N GLU H 85 29.43 -36.33 -18.20
CA GLU H 85 28.73 -35.12 -17.80
C GLU H 85 28.78 -34.12 -18.94
N VAL H 86 27.60 -33.60 -19.32
CA VAL H 86 27.54 -32.50 -20.26
C VAL H 86 27.14 -31.25 -19.48
N HIS H 87 28.04 -30.26 -19.48
CA HIS H 87 27.84 -29.00 -18.76
C HIS H 87 27.32 -27.96 -19.75
N PHE H 88 26.37 -27.13 -19.29
CA PHE H 88 25.68 -26.18 -20.14
C PHE H 88 26.17 -24.76 -19.87
N LYS H 89 26.08 -23.90 -20.89
CA LYS H 89 26.44 -22.50 -20.75
C LYS H 89 25.25 -21.74 -20.15
N ASN H 90 24.89 -22.12 -18.93
CA ASN H 90 23.64 -21.73 -18.30
C ASN H 90 24.00 -21.14 -16.94
N LYS H 91 23.21 -20.15 -16.48
CA LYS H 91 23.48 -19.48 -15.22
C LYS H 91 22.58 -20.01 -14.11
N GLU H 92 21.54 -20.78 -14.44
CA GLU H 92 20.69 -21.38 -13.42
C GLU H 92 20.60 -22.87 -13.67
N GLU H 93 19.84 -23.58 -12.83
CA GLU H 93 19.69 -25.01 -12.98
C GLU H 93 18.74 -25.31 -14.14
N PRO H 94 18.89 -26.47 -14.83
CA PRO H 94 20.01 -27.39 -14.61
C PRO H 94 21.31 -26.93 -15.25
N ARG H 95 22.42 -27.11 -14.57
CA ARG H 95 23.72 -26.62 -15.09
C ARG H 95 24.38 -27.75 -15.88
N LYS H 96 23.93 -28.97 -15.66
CA LYS H 96 24.56 -30.09 -16.32
C LYS H 96 23.63 -31.31 -16.27
N VAL H 97 24.01 -32.35 -17.02
CA VAL H 97 23.33 -33.62 -16.98
C VAL H 97 24.39 -34.71 -17.07
N CYS H 98 24.16 -35.83 -16.36
CA CYS H 98 25.11 -36.93 -16.34
CA CYS H 98 25.11 -36.93 -16.34
C CYS H 98 24.47 -38.17 -16.96
N PHE H 99 25.03 -38.61 -18.10
CA PHE H 99 24.63 -39.87 -18.72
C PHE H 99 25.55 -40.97 -18.19
N THR H 100 25.05 -42.21 -18.15
CA THR H 100 25.91 -43.35 -17.85
C THR H 100 26.05 -44.17 -19.14
N TYR H 101 27.27 -44.23 -19.66
CA TYR H 101 27.51 -44.75 -20.99
C TYR H 101 28.23 -46.10 -20.90
N ASP H 102 27.73 -47.07 -21.67
CA ASP H 102 28.34 -48.39 -21.71
C ASP H 102 29.41 -48.43 -22.79
N LEU H 103 30.66 -48.32 -22.39
CA LEU H 103 31.78 -48.46 -23.31
C LEU H 103 32.17 -49.93 -23.43
N PHE H 104 31.60 -50.62 -24.39
CA PHE H 104 31.82 -52.05 -24.54
C PHE H 104 32.69 -52.29 -25.77
N LEU H 105 33.52 -53.33 -25.68
CA LEU H 105 34.45 -53.67 -26.74
C LEU H 105 33.91 -54.86 -27.52
N ASN H 106 34.47 -55.06 -28.72
CA ASN H 106 34.16 -56.22 -29.52
C ASN H 106 35.08 -57.36 -29.11
N LEU H 107 34.58 -58.59 -29.24
CA LEU H 107 35.38 -59.78 -29.00
C LEU H 107 36.17 -60.09 -30.26
N GLU H 108 37.41 -60.61 -30.08
CA GLU H 108 38.29 -60.89 -31.19
C GLU H 108 37.62 -61.85 -32.15
N GLY H 109 37.56 -61.46 -33.44
CA GLY H 109 36.89 -62.24 -34.46
C GLY H 109 35.58 -61.59 -34.90
N ASN H 110 35.01 -60.74 -34.04
CA ASN H 110 33.72 -60.10 -34.31
C ASN H 110 33.96 -58.71 -34.92
N PRO H 111 32.95 -58.11 -35.59
CA PRO H 111 33.11 -56.80 -36.21
C PRO H 111 33.45 -55.68 -35.21
N PRO H 112 34.08 -54.57 -35.66
CA PRO H 112 34.30 -53.43 -34.79
C PRO H 112 32.98 -52.90 -34.23
N VAL H 113 33.02 -52.35 -33.00
CA VAL H 113 31.88 -51.69 -32.42
C VAL H 113 31.71 -50.34 -33.13
N ASN H 114 30.47 -50.02 -33.48
CA ASN H 114 30.13 -48.69 -33.96
C ASN H 114 28.74 -48.34 -33.43
N HIS H 115 28.69 -47.82 -32.21
CA HIS H 115 27.44 -47.65 -31.48
C HIS H 115 27.03 -46.18 -31.44
N LEU H 116 25.75 -45.93 -31.69
CA LEU H 116 25.18 -44.59 -31.60
C LEU H 116 24.01 -44.57 -30.62
N ARG H 117 23.91 -43.49 -29.86
CA ARG H 117 22.88 -43.31 -28.85
C ARG H 117 22.38 -41.86 -28.89
N CYS H 118 21.10 -41.68 -29.17
CA CYS H 118 20.50 -40.37 -29.31
C CYS H 118 19.76 -40.01 -28.03
N GLU H 119 20.09 -38.84 -27.48
CA GLU H 119 19.47 -38.37 -26.26
C GLU H 119 18.74 -37.07 -26.55
N LYS H 120 17.70 -36.82 -25.75
CA LYS H 120 16.85 -35.65 -25.86
C LYS H 120 16.83 -34.97 -24.50
N LEU H 121 17.08 -33.65 -24.48
CA LEU H 121 17.06 -32.87 -23.26
C LEU H 121 15.94 -31.85 -23.33
N THR H 122 15.22 -31.70 -22.22
CA THR H 122 14.10 -30.80 -22.10
C THR H 122 14.43 -29.75 -21.06
N PHE H 123 14.37 -28.47 -21.45
CA PHE H 123 14.59 -27.35 -20.58
C PHE H 123 13.30 -26.57 -20.39
N ASN H 124 12.83 -26.46 -19.13
CA ASN H 124 11.68 -25.63 -18.84
C ASN H 124 12.11 -24.21 -18.53
N ASN H 125 11.41 -23.25 -19.14
CA ASN H 125 11.54 -21.82 -18.85
C ASN H 125 13.00 -21.42 -18.71
N PRO H 126 13.84 -21.59 -19.75
CA PRO H 126 15.21 -21.09 -19.69
C PRO H 126 15.21 -19.56 -19.77
N THR H 127 16.28 -18.93 -19.26
CA THR H 127 16.47 -17.50 -19.45
C THR H 127 16.42 -17.21 -20.95
N THR H 128 16.22 -15.94 -21.30
CA THR H 128 16.22 -15.49 -22.68
C THR H 128 17.59 -15.83 -23.30
N GLU H 129 18.65 -15.51 -22.58
CA GLU H 129 20.02 -15.69 -23.06
C GLU H 129 20.27 -17.16 -23.39
N PHE H 130 19.79 -18.06 -22.53
CA PHE H 130 20.07 -19.48 -22.67
C PHE H 130 19.17 -20.10 -23.73
N ARG H 131 17.95 -19.55 -23.86
CA ARG H 131 17.02 -20.02 -24.89
C ARG H 131 17.64 -19.81 -26.26
N TYR H 132 18.26 -18.65 -26.46
CA TYR H 132 18.88 -18.31 -27.74
C TYR H 132 19.99 -19.31 -28.03
N LYS H 133 20.83 -19.59 -27.03
CA LYS H 133 21.91 -20.54 -27.19
C LYS H 133 21.36 -21.92 -27.60
N LEU H 134 20.26 -22.34 -26.98
CA LEU H 134 19.69 -23.65 -27.27
C LEU H 134 19.16 -23.67 -28.71
N LEU H 135 18.58 -22.55 -29.17
CA LEU H 135 17.98 -22.51 -30.48
C LEU H 135 19.05 -22.48 -31.56
N ARG H 136 20.16 -21.77 -31.30
CA ARG H 136 21.28 -21.73 -32.22
C ARG H 136 21.90 -23.11 -32.37
N ALA H 137 21.71 -23.98 -31.36
CA ALA H 137 22.25 -25.33 -31.40
C ALA H 137 21.25 -26.31 -32.03
N GLY H 138 20.13 -25.83 -32.57
CA GLY H 138 19.16 -26.72 -33.20
C GLY H 138 18.03 -27.15 -32.25
N GLY H 139 17.89 -26.45 -31.13
CA GLY H 139 16.78 -26.72 -30.22
C GLY H 139 15.47 -26.22 -30.80
N VAL H 140 14.37 -26.82 -30.35
CA VAL H 140 13.03 -26.48 -30.82
C VAL H 140 12.16 -26.23 -29.59
N MET H 141 11.34 -25.17 -29.64
CA MET H 141 10.32 -24.93 -28.62
C MET H 141 9.18 -25.93 -28.80
N VAL H 142 8.69 -26.50 -27.71
CA VAL H 142 7.77 -27.64 -27.76
C VAL H 142 6.63 -27.36 -26.81
N MET H 143 5.55 -28.17 -26.89
CA MET H 143 4.40 -28.03 -26.02
C MET H 143 3.51 -29.26 -26.15
N PRO H 144 2.81 -29.71 -25.09
CA PRO H 144 1.75 -30.72 -25.24
C PRO H 144 0.39 -30.08 -25.52
N GLN I 3 -18.46 -37.85 6.75
CA GLN I 3 -17.06 -38.04 7.21
C GLN I 3 -16.46 -36.74 7.77
N CYS I 4 -17.09 -35.60 7.45
CA CYS I 4 -16.58 -34.32 7.93
C CYS I 4 -17.66 -33.24 7.84
N THR I 5 -17.94 -32.56 8.95
CA THR I 5 -18.97 -31.52 9.00
C THR I 5 -18.37 -30.26 9.62
N VAL I 6 -18.50 -29.14 8.91
CA VAL I 6 -17.94 -27.88 9.37
C VAL I 6 -19.09 -26.90 9.62
N GLN I 7 -19.04 -26.26 10.80
CA GLN I 7 -19.97 -25.21 11.18
C GLN I 7 -19.21 -23.88 11.26
N VAL I 8 -19.83 -22.83 10.70
CA VAL I 8 -19.32 -21.46 10.82
C VAL I 8 -20.47 -20.58 11.29
N ARG I 9 -20.12 -19.57 12.09
CA ARG I 9 -21.09 -18.62 12.58
C ARG I 9 -21.01 -17.34 11.76
N LEU I 10 -22.17 -16.77 11.45
CA LEU I 10 -22.28 -15.41 10.92
C LEU I 10 -23.04 -14.56 11.92
N GLU I 11 -22.70 -13.28 11.98
CA GLU I 11 -23.48 -12.30 12.73
C GLU I 11 -24.09 -11.31 11.74
N LEU I 12 -25.43 -11.26 11.72
CA LEU I 12 -26.19 -10.21 11.06
C LEU I 12 -26.66 -9.27 12.15
N GLY I 13 -26.80 -7.99 11.81
CA GLY I 13 -27.33 -7.03 12.76
C GLY I 13 -27.52 -5.67 12.10
N HIS I 14 -28.08 -4.74 12.87
CA HIS I 14 -28.33 -3.40 12.36
C HIS I 14 -28.50 -2.43 13.53
N ARG I 15 -28.19 -1.15 13.27
CA ARG I 15 -28.48 -0.08 14.19
C ARG I 15 -29.37 0.95 13.48
N ALA I 16 -30.20 1.64 14.26
CA ALA I 16 -31.02 2.73 13.72
C ALA I 16 -31.30 3.75 14.83
N GLN I 17 -31.41 5.02 14.43
CA GLN I 17 -31.71 6.10 15.36
C GLN I 17 -32.30 7.29 14.61
N LEU I 18 -33.03 8.13 15.34
CA LEU I 18 -33.57 9.36 14.80
C LEU I 18 -32.42 10.29 14.46
N ARG I 19 -32.47 10.90 13.27
CA ARG I 19 -31.62 12.04 12.95
C ARG I 19 -32.08 13.24 13.78
N LYS I 20 -31.15 14.11 14.14
CA LYS I 20 -31.49 15.35 14.83
C LYS I 20 -32.23 16.28 13.88
N LYS I 21 -31.90 16.19 12.60
CA LYS I 21 -32.50 17.04 11.58
C LYS I 21 -32.89 16.15 10.40
N PRO I 22 -34.20 16.06 10.06
CA PRO I 22 -34.62 15.41 8.82
C PRO I 22 -33.86 15.95 7.61
N THR I 23 -33.55 15.09 6.64
CA THR I 23 -32.90 15.50 5.41
C THR I 23 -33.92 16.27 4.58
N THR I 24 -33.45 16.84 3.46
CA THR I 24 -34.31 17.62 2.57
C THR I 24 -35.44 16.74 2.02
N GLU I 25 -35.18 15.43 1.87
CA GLU I 25 -36.16 14.50 1.32
C GLU I 25 -37.20 14.10 2.38
N GLY I 26 -36.93 14.41 3.66
CA GLY I 26 -37.82 14.04 4.76
C GLY I 26 -37.43 12.73 5.43
N PHE I 27 -36.19 12.28 5.23
CA PHE I 27 -35.68 11.05 5.85
C PHE I 27 -35.42 11.32 7.34
N THR I 28 -36.05 10.52 8.20
CA THR I 28 -36.09 10.77 9.64
C THR I 28 -34.97 10.01 10.37
N HIS I 29 -34.46 8.93 9.76
CA HIS I 29 -33.56 8.04 10.49
C HIS I 29 -32.28 7.77 9.71
N ASP I 30 -31.21 7.50 10.46
CA ASP I 30 -30.02 6.85 9.93
C ASP I 30 -29.97 5.42 10.41
N TRP I 31 -29.50 4.52 9.54
CA TRP I 31 -29.35 3.12 9.92
C TRP I 31 -28.15 2.49 9.24
N MET I 32 -27.75 1.35 9.78
CA MET I 32 -26.61 0.60 9.30
C MET I 32 -26.91 -0.88 9.47
N VAL I 33 -26.67 -1.65 8.40
CA VAL I 33 -26.88 -3.10 8.42
C VAL I 33 -25.53 -3.77 8.15
N PHE I 34 -25.28 -4.92 8.76
CA PHE I 34 -24.00 -5.58 8.56
C PHE I 34 -24.12 -7.10 8.60
N VAL I 35 -23.17 -7.72 7.90
CA VAL I 35 -22.82 -9.13 8.04
C VAL I 35 -21.35 -9.17 8.45
N ARG I 36 -21.04 -9.90 9.52
CA ARG I 36 -19.66 -10.04 9.97
C ARG I 36 -19.50 -11.37 10.67
N GLY I 37 -18.24 -11.72 10.97
CA GLY I 37 -17.91 -12.89 11.76
C GLY I 37 -17.90 -12.56 13.24
N PRO I 38 -18.00 -13.57 14.13
CA PRO I 38 -17.81 -13.32 15.55
C PRO I 38 -16.37 -12.93 15.82
N GLU I 39 -16.13 -12.40 17.01
CA GLU I 39 -14.79 -11.96 17.39
C GLU I 39 -13.74 -13.00 16.96
N GLN I 40 -12.70 -12.51 16.26
CA GLN I 40 -11.53 -13.28 15.87
C GLN I 40 -11.77 -14.06 14.57
N CYS I 41 -12.94 -13.89 13.94
CA CYS I 41 -13.26 -14.65 12.75
C CYS I 41 -13.28 -13.72 11.55
N ASP I 42 -12.38 -13.95 10.60
CA ASP I 42 -12.40 -13.25 9.33
C ASP I 42 -13.16 -14.12 8.33
N ILE I 43 -14.41 -13.73 8.04
CA ILE I 43 -15.29 -14.55 7.20
C ILE I 43 -14.92 -14.40 5.72
N GLN I 44 -14.08 -13.42 5.42
CA GLN I 44 -13.59 -13.16 4.07
C GLN I 44 -12.90 -14.40 3.48
N HIS I 45 -12.39 -15.27 4.33
CA HIS I 45 -11.75 -16.49 3.87
C HIS I 45 -12.71 -17.36 3.07
N PHE I 46 -14.01 -17.35 3.43
CA PHE I 46 -14.99 -18.19 2.74
C PHE I 46 -16.11 -17.39 2.09
N VAL I 47 -16.17 -16.08 2.29
CA VAL I 47 -17.24 -15.27 1.72
C VAL I 47 -16.70 -14.50 0.52
N GLU I 48 -17.29 -14.75 -0.66
CA GLU I 48 -16.94 -14.05 -1.88
C GLU I 48 -17.45 -12.62 -1.80
N LYS I 49 -18.74 -12.48 -1.49
CA LYS I 49 -19.38 -11.16 -1.43
C LYS I 49 -20.70 -11.27 -0.69
N VAL I 50 -21.19 -10.11 -0.23
CA VAL I 50 -22.51 -10.00 0.36
C VAL I 50 -23.30 -8.98 -0.44
N VAL I 51 -24.52 -9.36 -0.84
CA VAL I 51 -25.43 -8.49 -1.58
C VAL I 51 -26.58 -8.10 -0.65
N PHE I 52 -26.77 -6.79 -0.48
CA PHE I 52 -27.88 -6.26 0.31
C PHE I 52 -28.94 -5.72 -0.65
N TRP I 53 -30.13 -6.32 -0.62
CA TRP I 53 -31.23 -5.92 -1.48
C TRP I 53 -32.14 -4.95 -0.73
N LEU I 54 -31.96 -3.65 -0.98
CA LEU I 54 -32.80 -2.62 -0.39
C LEU I 54 -34.15 -2.57 -1.10
N HIS I 55 -35.10 -1.89 -0.46
CA HIS I 55 -36.43 -1.66 -1.01
C HIS I 55 -36.31 -0.90 -2.34
N ASP I 56 -37.20 -1.23 -3.31
CA ASP I 56 -37.19 -0.63 -4.64
C ASP I 56 -37.28 0.90 -4.61
N SER I 57 -37.71 1.46 -3.48
CA SER I 57 -37.82 2.90 -3.31
C SER I 57 -36.45 3.56 -3.21
N PHE I 58 -35.41 2.77 -2.93
CA PHE I 58 -34.05 3.27 -2.95
C PHE I 58 -33.52 3.22 -4.38
N PRO I 59 -32.71 4.22 -4.80
CA PRO I 59 -32.02 4.15 -6.08
C PRO I 59 -30.86 3.17 -5.98
N LYS I 60 -30.62 2.41 -7.05
CA LYS I 60 -29.61 1.37 -7.06
C LYS I 60 -29.75 0.53 -5.80
N PRO I 61 -30.89 -0.18 -5.63
CA PRO I 61 -31.17 -0.92 -4.40
C PRO I 61 -30.25 -2.12 -4.12
N ARG I 62 -29.59 -2.64 -5.16
CA ARG I 62 -28.72 -3.79 -5.04
C ARG I 62 -27.31 -3.33 -4.65
N ARG I 63 -26.97 -3.48 -3.37
CA ARG I 63 -25.72 -2.98 -2.84
C ARG I 63 -24.76 -4.15 -2.56
N VAL I 64 -23.56 -4.09 -3.14
CA VAL I 64 -22.61 -5.19 -3.08
C VAL I 64 -21.39 -4.77 -2.27
N CYS I 65 -20.98 -5.64 -1.34
CA CYS I 65 -19.67 -5.56 -0.72
C CYS I 65 -18.88 -6.81 -1.06
N LYS I 66 -17.75 -6.63 -1.74
CA LYS I 66 -16.90 -7.74 -2.14
C LYS I 66 -15.85 -8.01 -1.07
N GLU I 67 -15.79 -7.15 -0.04
CA GLU I 67 -14.79 -7.32 1.01
C GLU I 67 -15.26 -6.61 2.28
N PRO I 68 -14.67 -6.94 3.45
CA PRO I 68 -15.09 -6.34 4.71
C PRO I 68 -14.81 -4.85 4.73
N PRO I 69 -15.58 -4.04 5.50
CA PRO I 69 -16.74 -4.53 6.24
C PRO I 69 -17.90 -4.76 5.29
N TYR I 70 -18.64 -5.86 5.49
CA TYR I 70 -19.83 -6.12 4.70
C TYR I 70 -20.97 -5.34 5.34
N LYS I 71 -21.29 -4.17 4.79
CA LYS I 71 -22.30 -3.32 5.41
C LYS I 71 -22.80 -2.24 4.46
N VAL I 72 -23.97 -1.69 4.84
CA VAL I 72 -24.60 -0.58 4.16
C VAL I 72 -25.01 0.43 5.21
N GLU I 73 -24.66 1.71 4.98
CA GLU I 73 -25.11 2.82 5.80
C GLU I 73 -26.03 3.70 4.95
N GLU I 74 -27.21 4.02 5.49
CA GLU I 74 -28.22 4.74 4.73
C GLU I 74 -29.06 5.63 5.65
N SER I 75 -29.92 6.44 5.01
CA SER I 75 -30.93 7.23 5.67
C SER I 75 -32.27 6.95 5.03
N GLY I 76 -33.34 6.98 5.84
CA GLY I 76 -34.68 6.72 5.32
C GLY I 76 -35.77 7.13 6.30
N TYR I 77 -37.01 6.80 5.94
CA TYR I 77 -38.18 7.21 6.72
C TYR I 77 -38.94 6.00 7.27
N ALA I 78 -38.59 4.79 6.83
CA ALA I 78 -39.36 3.60 7.17
C ALA I 78 -38.50 2.34 7.10
N GLY I 79 -38.90 1.35 7.91
CA GLY I 79 -38.25 0.04 7.92
C GLY I 79 -38.86 -0.87 6.86
N PHE I 80 -38.21 -2.02 6.62
CA PHE I 80 -38.62 -2.94 5.56
C PHE I 80 -37.84 -4.24 5.68
N ILE I 81 -38.27 -5.22 4.85
CA ILE I 81 -37.62 -6.51 4.77
C ILE I 81 -36.53 -6.44 3.72
N MET I 82 -35.32 -6.82 4.13
CA MET I 82 -34.13 -6.72 3.30
C MET I 82 -33.56 -8.11 3.07
N PRO I 83 -33.71 -8.71 1.87
CA PRO I 83 -32.94 -9.90 1.51
C PRO I 83 -31.45 -9.59 1.56
N ILE I 84 -30.69 -10.51 2.14
CA ILE I 84 -29.24 -10.42 2.19
C ILE I 84 -28.68 -11.76 1.70
N GLU I 85 -27.95 -11.73 0.58
CA GLU I 85 -27.34 -12.92 0.03
C GLU I 85 -25.86 -12.96 0.43
N VAL I 86 -25.44 -14.07 1.02
CA VAL I 86 -24.03 -14.28 1.31
C VAL I 86 -23.54 -15.33 0.32
N HIS I 87 -22.58 -14.93 -0.53
CA HIS I 87 -22.01 -15.81 -1.55
C HIS I 87 -20.71 -16.39 -1.01
N PHE I 88 -20.46 -17.67 -1.29
CA PHE I 88 -19.32 -18.37 -0.74
C PHE I 88 -18.25 -18.56 -1.81
N LYS I 89 -16.99 -18.67 -1.39
CA LYS I 89 -15.88 -18.99 -2.27
C LYS I 89 -15.82 -20.51 -2.43
N ASN I 90 -16.90 -21.06 -3.02
CA ASN I 90 -17.13 -22.49 -3.09
C ASN I 90 -17.34 -22.86 -4.55
N LYS I 91 -16.93 -24.06 -4.94
CA LYS I 91 -17.02 -24.50 -6.33
C LYS I 91 -18.22 -25.45 -6.52
N GLU I 92 -18.85 -25.92 -5.43
CA GLU I 92 -20.03 -26.77 -5.54
C GLU I 92 -21.12 -26.17 -4.67
N GLU I 93 -22.30 -26.81 -4.66
CA GLU I 93 -23.42 -26.31 -3.87
C GLU I 93 -23.17 -26.63 -2.40
N PRO I 94 -23.71 -25.83 -1.45
CA PRO I 94 -24.39 -24.56 -1.75
C PRO I 94 -23.43 -23.43 -2.09
N ARG I 95 -23.79 -22.64 -3.08
CA ARG I 95 -22.97 -21.54 -3.61
C ARG I 95 -23.19 -20.27 -2.78
N LYS I 96 -24.36 -20.21 -2.11
CA LYS I 96 -24.76 -19.01 -1.41
C LYS I 96 -25.94 -19.37 -0.51
N VAL I 97 -26.30 -18.40 0.36
CA VAL I 97 -27.49 -18.51 1.18
C VAL I 97 -28.13 -17.13 1.23
N CYS I 98 -29.47 -17.09 1.26
CA CYS I 98 -30.20 -15.83 1.32
C CYS I 98 -30.94 -15.74 2.64
N PHE I 99 -30.56 -14.77 3.48
CA PHE I 99 -31.29 -14.47 4.70
C PHE I 99 -32.33 -13.39 4.38
N THR I 100 -33.45 -13.38 5.10
CA THR I 100 -34.40 -12.29 5.01
C THR I 100 -34.33 -11.51 6.32
N TYR I 101 -33.89 -10.25 6.22
CA TYR I 101 -33.51 -9.48 7.38
C TYR I 101 -34.56 -8.39 7.59
N ASP I 102 -35.01 -8.26 8.85
CA ASP I 102 -35.99 -7.25 9.20
C ASP I 102 -35.25 -6.00 9.64
N LEU I 103 -35.19 -5.01 8.73
CA LEU I 103 -34.62 -3.72 9.05
C LEU I 103 -35.71 -2.83 9.63
N PHE I 104 -35.83 -2.81 10.96
CA PHE I 104 -36.90 -2.08 11.61
C PHE I 104 -36.27 -0.87 12.30
N LEU I 105 -37.03 0.22 12.35
CA LEU I 105 -36.59 1.46 12.95
C LEU I 105 -37.23 1.63 14.31
N ASN I 106 -36.66 2.54 15.11
CA ASN I 106 -37.23 2.90 16.40
C ASN I 106 -38.24 4.01 16.18
N LEU I 107 -39.26 4.03 17.03
CA LEU I 107 -40.24 5.10 17.03
C LEU I 107 -39.67 6.27 17.86
N GLU I 108 -39.99 7.49 17.44
CA GLU I 108 -39.46 8.69 18.09
C GLU I 108 -39.84 8.67 19.57
N GLY I 109 -38.82 8.81 20.44
CA GLY I 109 -39.04 8.74 21.87
C GLY I 109 -38.54 7.43 22.48
N ASN I 110 -38.36 6.40 21.64
CA ASN I 110 -37.84 5.12 22.08
C ASN I 110 -36.33 5.06 21.85
N PRO I 111 -35.60 4.16 22.54
CA PRO I 111 -34.15 4.03 22.36
C PRO I 111 -33.75 3.66 20.93
N PRO I 112 -32.50 3.95 20.51
CA PRO I 112 -32.00 3.50 19.22
C PRO I 112 -32.08 1.98 19.11
N VAL I 113 -32.30 1.48 17.90
CA VAL I 113 -32.25 0.05 17.63
C VAL I 113 -30.79 -0.37 17.66
N ASN I 114 -30.54 -1.50 18.33
CA ASN I 114 -29.25 -2.17 18.26
C ASN I 114 -29.48 -3.68 18.28
N HIS I 115 -29.73 -4.25 17.10
CA HIS I 115 -30.18 -5.63 16.99
C HIS I 115 -29.06 -6.52 16.48
N LEU I 116 -28.92 -7.69 17.13
CA LEU I 116 -27.95 -8.70 16.74
C LEU I 116 -28.67 -10.02 16.44
N ARG I 117 -28.21 -10.69 15.37
CA ARG I 117 -28.76 -11.95 14.93
C ARG I 117 -27.61 -12.88 14.57
N CYS I 118 -27.51 -14.02 15.27
CA CYS I 118 -26.47 -14.99 15.04
C CYS I 118 -27.01 -16.10 14.15
N GLU I 119 -26.29 -16.38 13.06
CA GLU I 119 -26.67 -17.43 12.14
C GLU I 119 -25.56 -18.47 12.13
N LYS I 120 -25.97 -19.70 11.87
CA LYS I 120 -25.11 -20.88 11.94
C LYS I 120 -25.24 -21.61 10.61
N LEU I 121 -24.11 -21.90 9.98
CA LEU I 121 -24.12 -22.62 8.71
C LEU I 121 -23.40 -23.93 8.93
N THR I 122 -23.98 -25.02 8.42
CA THR I 122 -23.38 -26.33 8.45
C THR I 122 -23.11 -26.78 7.03
N PHE I 123 -21.85 -27.12 6.76
CA PHE I 123 -21.44 -27.67 5.47
C PHE I 123 -21.01 -29.13 5.66
N ASN I 124 -21.70 -30.06 5.00
CA ASN I 124 -21.34 -31.48 5.06
C ASN I 124 -20.37 -31.79 3.92
N ASN I 125 -19.28 -32.49 4.26
CA ASN I 125 -18.33 -32.99 3.29
C ASN I 125 -17.99 -31.93 2.25
N PRO I 126 -17.45 -30.76 2.64
CA PRO I 126 -16.97 -29.78 1.67
C PRO I 126 -15.70 -30.30 1.00
N THR I 127 -15.40 -29.78 -0.18
CA THR I 127 -14.13 -30.04 -0.85
C THR I 127 -13.02 -29.69 0.12
N THR I 128 -11.82 -30.21 -0.16
CA THR I 128 -10.64 -29.94 0.65
C THR I 128 -10.39 -28.43 0.64
N GLU I 129 -10.45 -27.83 -0.55
CA GLU I 129 -10.15 -26.42 -0.75
C GLU I 129 -11.09 -25.57 0.11
N PHE I 130 -12.38 -25.93 0.14
CA PHE I 130 -13.38 -25.10 0.80
C PHE I 130 -13.35 -25.36 2.30
N ARG I 131 -12.97 -26.58 2.72
CA ARG I 131 -12.84 -26.91 4.13
C ARG I 131 -11.80 -25.99 4.76
N TYR I 132 -10.67 -25.81 4.06
CA TYR I 132 -9.59 -25.00 4.55
C TYR I 132 -10.06 -23.57 4.74
N LYS I 133 -10.78 -23.05 3.73
CA LYS I 133 -11.30 -21.70 3.79
C LYS I 133 -12.21 -21.52 5.00
N LEU I 134 -13.06 -22.52 5.26
CA LEU I 134 -14.00 -22.43 6.37
C LEU I 134 -13.26 -22.45 7.70
N LEU I 135 -12.16 -23.22 7.79
CA LEU I 135 -11.44 -23.34 9.04
C LEU I 135 -10.63 -22.07 9.31
N ARG I 136 -10.08 -21.46 8.25
CA ARG I 136 -9.37 -20.21 8.40
C ARG I 136 -10.32 -19.10 8.85
N ALA I 137 -11.62 -19.27 8.60
CA ALA I 137 -12.60 -18.28 9.01
C ALA I 137 -13.14 -18.56 10.41
N GLY I 138 -12.58 -19.55 11.12
CA GLY I 138 -13.02 -19.85 12.48
C GLY I 138 -14.09 -20.94 12.51
N GLY I 139 -14.21 -21.72 11.42
CA GLY I 139 -15.12 -22.84 11.39
C GLY I 139 -14.62 -23.98 12.28
N VAL I 140 -15.55 -24.80 12.78
CA VAL I 140 -15.30 -25.84 13.74
C VAL I 140 -15.89 -27.14 13.20
N MET I 141 -15.16 -28.25 13.40
CA MET I 141 -15.62 -29.54 12.96
C MET I 141 -16.65 -30.07 13.94
N VAL I 142 -17.56 -30.91 13.44
CA VAL I 142 -18.52 -31.62 14.27
C VAL I 142 -18.42 -33.12 13.97
N ASN J 2 8.19 -37.24 -37.88
CA ASN J 2 7.92 -36.44 -39.12
C ASN J 2 6.52 -35.83 -39.10
N GLN J 3 5.57 -36.53 -38.48
CA GLN J 3 4.34 -35.90 -38.00
C GLN J 3 4.75 -34.68 -37.17
N CYS J 4 4.13 -33.51 -37.42
CA CYS J 4 4.66 -32.27 -36.87
C CYS J 4 3.61 -31.16 -36.92
N THR J 5 3.34 -30.52 -35.78
CA THR J 5 2.36 -29.45 -35.70
C THR J 5 3.00 -28.25 -35.01
N VAL J 6 2.91 -27.08 -35.66
CA VAL J 6 3.51 -25.88 -35.13
C VAL J 6 2.40 -24.87 -34.83
N GLN J 7 2.47 -24.30 -33.62
CA GLN J 7 1.59 -23.24 -33.19
C GLN J 7 2.40 -21.94 -33.08
N VAL J 8 1.81 -20.84 -33.60
CA VAL J 8 2.34 -19.51 -33.38
C VAL J 8 1.20 -18.65 -32.83
N ARG J 9 1.57 -17.72 -31.96
CA ARG J 9 0.63 -16.78 -31.38
C ARG J 9 0.76 -15.45 -32.13
N LEU J 10 -0.41 -14.84 -32.42
CA LEU J 10 -0.46 -13.47 -32.88
C LEU J 10 -1.20 -12.67 -31.80
N GLU J 11 -0.78 -11.40 -31.64
CA GLU J 11 -1.52 -10.44 -30.85
C GLU J 11 -2.09 -9.37 -31.79
N LEU J 12 -3.43 -9.28 -31.79
CA LEU J 12 -4.14 -8.17 -32.39
C LEU J 12 -4.58 -7.27 -31.24
N GLY J 13 -4.66 -5.97 -31.49
CA GLY J 13 -5.14 -5.06 -30.47
C GLY J 13 -5.26 -3.66 -31.02
N HIS J 14 -5.78 -2.76 -30.19
CA HIS J 14 -5.97 -1.38 -30.59
C HIS J 14 -6.10 -0.49 -29.36
N ARG J 15 -5.74 0.79 -29.52
CA ARG J 15 -5.98 1.81 -28.53
C ARG J 15 -6.83 2.91 -29.16
N ALA J 16 -7.61 3.61 -28.33
CA ALA J 16 -8.36 4.76 -28.77
C ALA J 16 -8.58 5.70 -27.58
N GLN J 17 -8.62 7.01 -27.87
CA GLN J 17 -8.88 8.01 -26.85
C GLN J 17 -9.39 9.29 -27.51
N LEU J 18 -10.09 10.10 -26.70
CA LEU J 18 -10.56 11.41 -27.15
C LEU J 18 -9.34 12.28 -27.40
N ARG J 19 -9.35 13.01 -28.54
CA ARG J 19 -8.43 14.10 -28.76
C ARG J 19 -8.79 15.26 -27.83
N LYS J 20 -7.79 16.02 -27.43
CA LYS J 20 -7.99 17.21 -26.62
C LYS J 20 -8.71 18.27 -27.44
N LYS J 21 -8.43 18.27 -28.76
CA LYS J 21 -9.02 19.22 -29.68
C LYS J 21 -9.49 18.45 -30.91
N PRO J 22 -10.80 18.44 -31.23
CA PRO J 22 -11.26 17.92 -32.52
C PRO J 22 -10.51 18.54 -33.69
N THR J 23 -10.23 17.75 -34.73
CA THR J 23 -9.57 18.25 -35.92
C THR J 23 -10.57 19.13 -36.68
N THR J 24 -10.10 19.79 -37.74
CA THR J 24 -10.94 20.68 -38.52
C THR J 24 -12.08 19.89 -39.18
N GLU J 25 -11.86 18.60 -39.45
CA GLU J 25 -12.87 17.76 -40.08
C GLU J 25 -13.92 17.30 -39.07
N GLY J 26 -13.64 17.48 -37.77
CA GLY J 26 -14.55 17.05 -36.72
C GLY J 26 -14.20 15.67 -36.16
N PHE J 27 -12.97 15.19 -36.41
CA PHE J 27 -12.52 13.90 -35.90
C PHE J 27 -12.25 14.02 -34.41
N THR J 28 -12.93 13.18 -33.61
CA THR J 28 -12.95 13.31 -32.16
C THR J 28 -11.89 12.44 -31.50
N HIS J 29 -11.41 11.39 -32.19
CA HIS J 29 -10.56 10.41 -31.55
C HIS J 29 -9.29 10.15 -32.34
N ASP J 30 -8.25 9.75 -31.61
CA ASP J 30 -7.09 9.11 -32.21
C ASP J 30 -7.12 7.62 -31.86
N TRP J 31 -6.72 6.77 -32.81
CA TRP J 31 -6.65 5.36 -32.53
C TRP J 31 -5.47 4.71 -33.25
N MET J 32 -5.13 3.52 -32.78
CA MET J 32 -4.03 2.75 -33.33
C MET J 32 -4.41 1.27 -33.28
N VAL J 33 -4.21 0.56 -34.39
CA VAL J 33 -4.49 -0.86 -34.49
C VAL J 33 -3.18 -1.58 -34.82
N PHE J 34 -2.98 -2.79 -34.31
CA PHE J 34 -1.72 -3.48 -34.56
C PHE J 34 -1.92 -4.99 -34.64
N VAL J 35 -1.00 -5.61 -35.39
CA VAL J 35 -0.71 -7.03 -35.33
C VAL J 35 0.74 -7.17 -34.95
N ARG J 36 1.02 -7.97 -33.92
CA ARG J 36 2.39 -8.19 -33.49
C ARG J 36 2.51 -9.58 -32.88
N GLY J 37 3.77 -9.97 -32.63
CA GLY J 37 4.06 -11.20 -31.92
C GLY J 37 4.09 -10.95 -30.41
N PRO J 38 3.92 -11.97 -29.55
CA PRO J 38 4.14 -11.82 -28.12
C PRO J 38 5.62 -11.56 -27.85
N GLU J 39 5.93 -11.01 -26.68
CA GLU J 39 7.28 -10.57 -26.34
C GLU J 39 8.31 -11.60 -26.82
N GLN J 40 9.33 -11.09 -27.53
CA GLN J 40 10.50 -11.85 -27.98
C GLN J 40 10.22 -12.62 -29.28
N CYS J 41 9.04 -12.40 -29.88
CA CYS J 41 8.68 -13.09 -31.10
C CYS J 41 8.68 -12.09 -32.25
N ASP J 42 9.58 -12.31 -33.22
CA ASP J 42 9.58 -11.51 -34.44
C ASP J 42 8.79 -12.29 -35.49
N ILE J 43 7.55 -11.86 -35.76
CA ILE J 43 6.65 -12.58 -36.63
C ILE J 43 7.00 -12.36 -38.09
N GLN J 44 7.88 -11.38 -38.34
CA GLN J 44 8.37 -11.08 -39.68
C GLN J 44 9.00 -12.29 -40.36
N HIS J 45 9.49 -13.24 -39.57
CA HIS J 45 10.10 -14.44 -40.12
C HIS J 45 9.08 -15.22 -40.95
N PHE J 46 7.79 -15.20 -40.57
CA PHE J 46 6.79 -15.97 -41.30
C PHE J 46 5.68 -15.11 -41.90
N VAL J 47 5.66 -13.79 -41.61
CA VAL J 47 4.61 -12.92 -42.13
C VAL J 47 5.18 -12.12 -43.29
N GLU J 48 4.56 -12.27 -44.46
CA GLU J 48 4.93 -11.52 -45.65
C GLU J 48 4.48 -10.07 -45.48
N LYS J 49 3.20 -9.90 -45.13
CA LYS J 49 2.62 -8.57 -44.98
C LYS J 49 1.30 -8.68 -44.21
N VAL J 50 0.88 -7.54 -43.66
CA VAL J 50 -0.42 -7.40 -43.05
C VAL J 50 -1.16 -6.29 -43.79
N VAL J 51 -2.40 -6.60 -44.20
CA VAL J 51 -3.27 -5.64 -44.88
C VAL J 51 -4.39 -5.28 -43.92
N PHE J 52 -4.54 -3.97 -43.65
CA PHE J 52 -5.61 -3.44 -42.84
C PHE J 52 -6.64 -2.79 -43.76
N TRP J 53 -7.86 -3.33 -43.77
CA TRP J 53 -8.92 -2.81 -44.61
C TRP J 53 -9.79 -1.85 -43.80
N LEU J 54 -9.53 -0.55 -43.95
CA LEU J 54 -10.32 0.47 -43.27
C LEU J 54 -11.63 0.68 -44.00
N HIS J 55 -12.56 1.35 -43.30
CA HIS J 55 -13.85 1.74 -43.86
C HIS J 55 -13.65 2.61 -45.10
N ASP J 56 -14.54 2.45 -46.11
CA ASP J 56 -14.45 3.16 -47.38
C ASP J 56 -14.46 4.68 -47.20
N SER J 57 -14.86 5.15 -46.03
CA SER J 57 -14.88 6.60 -45.73
C SER J 57 -13.44 7.12 -45.65
N PHE J 58 -12.50 6.25 -45.34
CA PHE J 58 -11.10 6.66 -45.30
C PHE J 58 -10.57 6.71 -46.73
N PRO J 59 -9.69 7.68 -47.04
CA PRO J 59 -8.99 7.69 -48.34
C PRO J 59 -7.91 6.62 -48.32
N LYS J 60 -7.70 5.96 -49.46
CA LYS J 60 -6.76 4.85 -49.55
C LYS J 60 -6.99 3.91 -48.37
N PRO J 61 -8.17 3.26 -48.29
CA PRO J 61 -8.54 2.44 -47.13
C PRO J 61 -7.73 1.15 -46.96
N ARG J 62 -7.08 0.68 -48.03
CA ARG J 62 -6.29 -0.53 -47.99
C ARG J 62 -4.86 -0.18 -47.56
N ARG J 63 -4.53 -0.45 -46.29
CA ARG J 63 -3.27 -0.06 -45.71
C ARG J 63 -2.38 -1.29 -45.52
N VAL J 64 -1.17 -1.23 -46.10
CA VAL J 64 -0.30 -2.38 -46.17
C VAL J 64 0.95 -2.07 -45.35
N CYS J 65 1.32 -3.03 -44.48
CA CYS J 65 2.62 -3.04 -43.84
C CYS J 65 3.35 -4.31 -44.28
N LYS J 66 4.48 -4.12 -44.99
CA LYS J 66 5.27 -5.23 -45.47
C LYS J 66 6.34 -5.60 -44.43
N GLU J 67 6.44 -4.80 -43.37
CA GLU J 67 7.42 -5.05 -42.33
C GLU J 67 6.97 -4.41 -41.02
N PRO J 68 7.55 -4.83 -39.88
CA PRO J 68 7.16 -4.28 -38.58
C PRO J 68 7.48 -2.80 -38.49
N PRO J 69 6.75 -2.02 -37.66
CA PRO J 69 5.59 -2.53 -36.92
C PRO J 69 4.40 -2.68 -37.87
N TYR J 70 3.63 -3.76 -37.71
CA TYR J 70 2.42 -3.94 -38.49
C TYR J 70 1.31 -3.17 -37.79
N LYS J 71 1.02 -1.95 -38.26
CA LYS J 71 0.05 -1.11 -37.56
C LYS J 71 -0.45 0.02 -38.46
N VAL J 72 -1.55 0.62 -38.00
CA VAL J 72 -2.12 1.83 -38.58
C VAL J 72 -2.43 2.78 -37.42
N GLU J 73 -2.01 4.04 -37.56
CA GLU J 73 -2.43 5.11 -36.68
C GLU J 73 -3.29 6.10 -37.44
N GLU J 74 -4.46 6.44 -36.88
CA GLU J 74 -5.42 7.27 -37.57
C GLU J 74 -6.19 8.15 -36.59
N SER J 75 -6.99 9.05 -37.17
CA SER J 75 -7.95 9.86 -36.43
C SER J 75 -9.31 9.71 -37.10
N GLY J 76 -10.38 9.74 -36.28
CA GLY J 76 -11.71 9.59 -36.81
C GLY J 76 -12.79 9.95 -35.79
N TYR J 77 -14.05 9.73 -36.17
CA TYR J 77 -15.20 10.10 -35.36
C TYR J 77 -16.01 8.87 -34.94
N ALA J 78 -15.71 7.69 -35.50
CA ALA J 78 -16.53 6.51 -35.26
C ALA J 78 -15.76 5.21 -35.43
N GLY J 79 -16.20 4.19 -34.69
CA GLY J 79 -15.65 2.85 -34.78
C GLY J 79 -16.31 2.05 -35.91
N PHE J 80 -15.72 0.89 -36.24
CA PHE J 80 -16.17 0.06 -37.34
C PHE J 80 -15.47 -1.29 -37.33
N ILE J 81 -15.94 -2.18 -38.20
CA ILE J 81 -15.37 -3.50 -38.37
C ILE J 81 -14.27 -3.42 -39.43
N MET J 82 -13.07 -3.89 -39.05
CA MET J 82 -11.90 -3.80 -39.89
C MET J 82 -11.38 -5.20 -40.20
N PRO J 83 -11.57 -5.70 -41.44
CA PRO J 83 -10.86 -6.90 -41.87
C PRO J 83 -9.35 -6.67 -41.81
N ILE J 84 -8.63 -7.66 -41.28
CA ILE J 84 -7.18 -7.64 -41.23
C ILE J 84 -6.68 -8.97 -41.82
N GLU J 85 -5.96 -8.90 -42.93
CA GLU J 85 -5.39 -10.08 -43.56
C GLU J 85 -3.92 -10.20 -43.17
N VAL J 86 -3.54 -11.36 -42.65
CA VAL J 86 -2.14 -11.65 -42.38
C VAL J 86 -1.70 -12.68 -43.42
N HIS J 87 -0.73 -12.26 -44.27
CA HIS J 87 -0.21 -13.10 -45.34
C HIS J 87 1.08 -13.76 -44.85
N PHE J 88 1.27 -15.04 -45.20
CA PHE J 88 2.39 -15.81 -44.70
C PHE J 88 3.43 -15.98 -45.80
N LYS J 89 4.70 -16.16 -45.40
CA LYS J 89 5.78 -16.46 -46.34
C LYS J 89 5.77 -17.97 -46.61
N ASN J 90 4.67 -18.45 -47.17
CA ASN J 90 4.37 -19.87 -47.30
C ASN J 90 4.07 -20.15 -48.78
N LYS J 91 4.45 -21.36 -49.25
CA LYS J 91 4.26 -21.72 -50.65
C LYS J 91 3.02 -22.61 -50.84
N GLU J 92 2.43 -23.12 -49.75
CA GLU J 92 1.22 -23.92 -49.86
C GLU J 92 0.16 -23.30 -48.92
N GLU J 93 -1.03 -23.91 -48.91
CA GLU J 93 -2.10 -23.42 -48.07
C GLU J 93 -1.83 -23.81 -46.62
N PRO J 94 -2.32 -23.04 -45.63
CA PRO J 94 -2.96 -21.74 -45.86
C PRO J 94 -1.94 -20.63 -46.18
N ARG J 95 -2.31 -19.77 -47.10
CA ARG J 95 -1.37 -18.72 -47.57
C ARG J 95 -1.60 -17.44 -46.79
N LYS J 96 -2.72 -17.37 -46.10
CA LYS J 96 -3.08 -16.19 -45.33
C LYS J 96 -4.27 -16.55 -44.45
N VAL J 97 -4.59 -15.63 -43.54
CA VAL J 97 -5.77 -15.71 -42.71
C VAL J 97 -6.36 -14.31 -42.60
N CYS J 98 -7.68 -14.22 -42.58
CA CYS J 98 -8.37 -12.94 -42.45
C CYS J 98 -9.12 -12.91 -41.12
N PHE J 99 -8.70 -12.00 -40.22
CA PHE J 99 -9.41 -11.74 -38.99
C PHE J 99 -10.40 -10.62 -39.25
N THR J 100 -11.53 -10.60 -38.52
CA THR J 100 -12.43 -9.46 -38.55
C THR J 100 -12.33 -8.77 -37.19
N TYR J 101 -11.82 -7.53 -37.20
CA TYR J 101 -11.42 -6.85 -35.98
C TYR J 101 -12.41 -5.74 -35.70
N ASP J 102 -12.87 -5.68 -34.44
CA ASP J 102 -13.79 -4.64 -34.02
C ASP J 102 -12.99 -3.46 -33.49
N LEU J 103 -12.86 -2.42 -34.34
CA LEU J 103 -12.23 -1.18 -33.92
C LEU J 103 -13.28 -0.27 -33.29
N PHE J 104 -13.41 -0.35 -31.97
CA PHE J 104 -14.44 0.40 -31.26
C PHE J 104 -13.75 1.51 -30.48
N LEU J 105 -14.45 2.64 -30.37
CA LEU J 105 -13.94 3.82 -29.67
C LEU J 105 -14.60 3.90 -28.30
N ASN J 106 -14.00 4.72 -27.44
CA ASN J 106 -14.58 5.00 -26.14
C ASN J 106 -15.53 6.18 -26.27
N LEU J 107 -16.58 6.18 -25.47
CA LEU J 107 -17.47 7.35 -25.45
C LEU J 107 -16.85 8.38 -24.51
N GLU J 108 -17.10 9.64 -24.76
CA GLU J 108 -16.49 10.71 -23.98
C GLU J 108 -16.92 10.61 -22.52
N GLY J 109 -15.96 10.56 -21.60
CA GLY J 109 -16.23 10.37 -20.19
C GLY J 109 -15.88 8.95 -19.70
N ASN J 110 -15.73 8.02 -20.65
CA ASN J 110 -15.27 6.67 -20.34
C ASN J 110 -13.76 6.56 -20.55
N PRO J 111 -13.08 5.58 -19.93
CA PRO J 111 -11.63 5.44 -20.08
C PRO J 111 -11.19 5.19 -21.52
N PRO J 112 -9.91 5.49 -21.88
CA PRO J 112 -9.38 5.14 -23.20
C PRO J 112 -9.49 3.64 -23.45
N VAL J 113 -9.72 3.25 -24.71
CA VAL J 113 -9.73 1.86 -25.09
C VAL J 113 -8.30 1.37 -25.09
N ASN J 114 -8.08 0.19 -24.51
CA ASN J 114 -6.80 -0.51 -24.63
C ASN J 114 -7.08 -2.00 -24.69
N HIS J 115 -7.36 -2.49 -25.91
CA HIS J 115 -7.89 -3.82 -26.12
C HIS J 115 -6.82 -4.74 -26.69
N LEU J 116 -6.75 -5.95 -26.14
CA LEU J 116 -5.83 -6.96 -26.61
C LEU J 116 -6.64 -8.22 -27.01
N ARG J 117 -6.23 -8.81 -28.12
CA ARG J 117 -6.83 -10.02 -28.65
C ARG J 117 -5.71 -10.98 -29.08
N CYS J 118 -5.68 -12.16 -28.45
CA CYS J 118 -4.65 -13.16 -28.72
C CYS J 118 -5.22 -14.20 -29.66
N GLU J 119 -4.51 -14.45 -30.76
CA GLU J 119 -4.93 -15.41 -31.75
C GLU J 119 -3.86 -16.49 -31.84
N LYS J 120 -4.30 -17.68 -32.21
CA LYS J 120 -3.47 -18.88 -32.22
C LYS J 120 -3.60 -19.50 -33.60
N LEU J 121 -2.46 -19.76 -34.25
CA LEU J 121 -2.48 -20.39 -35.56
C LEU J 121 -1.79 -21.73 -35.44
N THR J 122 -2.40 -22.75 -36.03
CA THR J 122 -1.86 -24.11 -36.03
C THR J 122 -1.59 -24.49 -37.48
N PHE J 123 -0.32 -24.86 -37.75
CA PHE J 123 0.09 -25.33 -39.06
C PHE J 123 0.47 -26.82 -38.94
N ASN J 124 -0.26 -27.69 -39.65
CA ASN J 124 0.05 -29.12 -39.65
C ASN J 124 1.02 -29.41 -40.79
N ASN J 125 2.08 -30.16 -40.48
CA ASN J 125 3.02 -30.66 -41.47
C ASN J 125 3.41 -29.57 -42.46
N PRO J 126 3.99 -28.45 -42.00
CA PRO J 126 4.49 -27.43 -42.93
C PRO J 126 5.74 -27.96 -43.63
N THR J 127 6.07 -27.39 -44.79
CA THR J 127 7.30 -27.67 -45.48
C THR J 127 8.43 -27.38 -44.51
N THR J 128 9.63 -27.92 -44.83
CA THR J 128 10.82 -27.70 -44.02
C THR J 128 11.09 -26.20 -43.96
N GLU J 129 11.03 -25.54 -45.13
CA GLU J 129 11.36 -24.15 -45.26
C GLU J 129 10.46 -23.30 -44.36
N PHE J 130 9.15 -23.64 -44.34
CA PHE J 130 8.17 -22.83 -43.63
C PHE J 130 8.23 -23.13 -42.13
N ARG J 131 8.57 -24.38 -41.79
CA ARG J 131 8.70 -24.78 -40.40
C ARG J 131 9.79 -23.93 -39.73
N TYR J 132 10.91 -23.75 -40.44
CA TYR J 132 12.02 -22.99 -39.92
C TYR J 132 11.58 -21.56 -39.65
N LYS J 133 10.87 -20.97 -40.62
CA LYS J 133 10.39 -19.61 -40.48
C LYS J 133 9.49 -19.49 -39.25
N LEU J 134 8.61 -20.48 -39.03
CA LEU J 134 7.68 -20.43 -37.92
C LEU J 134 8.44 -20.51 -36.60
N LEU J 135 9.50 -21.32 -36.56
CA LEU J 135 10.22 -21.53 -35.31
C LEU J 135 11.06 -20.30 -34.98
N ARG J 136 11.63 -19.65 -36.01
CA ARG J 136 12.38 -18.42 -35.80
C ARG J 136 11.46 -17.32 -35.29
N ALA J 137 10.15 -17.44 -35.54
CA ALA J 137 9.19 -16.46 -35.09
C ALA J 137 8.64 -16.78 -33.71
N GLY J 138 9.18 -17.82 -33.04
CA GLY J 138 8.74 -18.19 -31.72
C GLY J 138 7.61 -19.22 -31.74
N GLY J 139 7.49 -19.96 -32.86
CA GLY J 139 6.53 -21.04 -32.93
C GLY J 139 6.99 -22.22 -32.06
N VAL J 140 6.02 -23.02 -31.59
CA VAL J 140 6.29 -24.15 -30.74
C VAL J 140 5.64 -25.39 -31.36
N MET J 141 6.37 -26.49 -31.27
CA MET J 141 5.89 -27.78 -31.81
C MET J 141 4.97 -28.45 -30.79
N VAL J 142 3.86 -28.96 -31.26
CA VAL J 142 2.95 -29.71 -30.39
C VAL J 142 3.04 -31.22 -30.65
N MET J 143 3.07 -31.97 -29.53
CA MET J 143 3.45 -33.38 -29.47
C MET J 143 2.22 -34.25 -29.11
N CYS K 4 -18.58 5.72 1.50
CA CYS K 4 -17.38 6.47 1.98
C CYS K 4 -16.20 5.50 2.12
N THR K 5 -15.05 5.82 1.49
CA THR K 5 -13.88 4.98 1.55
C THR K 5 -12.68 5.84 1.92
N VAL K 6 -11.95 5.40 2.96
CA VAL K 6 -10.79 6.15 3.43
C VAL K 6 -9.55 5.29 3.26
N GLN K 7 -8.51 5.90 2.67
CA GLN K 7 -7.21 5.30 2.50
C GLN K 7 -6.19 6.03 3.39
N VAL K 8 -5.34 5.24 4.07
CA VAL K 8 -4.22 5.78 4.83
C VAL K 8 -2.98 5.02 4.40
N ARG K 9 -1.84 5.73 4.41
CA ARG K 9 -0.56 5.15 4.09
C ARG K 9 0.20 4.86 5.37
N LEU K 10 0.86 3.70 5.39
CA LEU K 10 1.85 3.37 6.41
C LEU K 10 3.20 3.20 5.72
N GLU K 11 4.27 3.56 6.44
CA GLU K 11 5.63 3.24 6.01
C GLU K 11 6.23 2.25 7.00
N LEU K 12 6.59 1.07 6.49
CA LEU K 12 7.42 0.12 7.20
C LEU K 12 8.82 0.24 6.61
N GLY K 13 9.83 -0.02 7.43
CA GLY K 13 11.20 0.00 6.93
C GLY K 13 12.17 -0.45 8.00
N HIS K 14 13.44 -0.55 7.62
CA HIS K 14 14.48 -0.98 8.55
C HIS K 14 15.84 -0.54 8.03
N ARG K 15 16.78 -0.36 8.97
CA ARG K 15 18.19 -0.15 8.65
C ARG K 15 19.01 -1.24 9.33
N ALA K 16 20.14 -1.59 8.71
CA ALA K 16 21.07 -2.53 9.30
C ALA K 16 22.48 -2.22 8.81
N GLN K 17 23.47 -2.47 9.68
CA GLN K 17 24.86 -2.25 9.35
C GLN K 17 25.75 -3.09 10.26
N LEU K 18 26.97 -3.35 9.78
CA LEU K 18 27.96 -4.05 10.58
C LEU K 18 28.36 -3.16 11.75
N ARG K 19 28.43 -3.76 12.95
CA ARG K 19 29.09 -3.12 14.08
C ARG K 19 30.59 -3.09 13.81
N LYS K 20 31.27 -2.05 14.33
CA LYS K 20 32.71 -1.97 14.22
C LYS K 20 33.35 -3.04 15.11
N LYS K 21 32.66 -3.36 16.20
CA LYS K 21 33.15 -4.33 17.18
C LYS K 21 31.99 -5.27 17.53
N PRO K 22 32.12 -6.58 17.22
CA PRO K 22 31.14 -7.57 17.71
C PRO K 22 30.93 -7.45 19.21
N THR K 23 29.69 -7.67 19.67
CA THR K 23 29.40 -7.68 21.09
C THR K 23 30.00 -8.93 21.71
N THR K 24 29.93 -9.04 23.04
CA THR K 24 30.48 -10.18 23.75
C THR K 24 29.78 -11.48 23.33
N GLU K 25 28.50 -11.37 22.93
CA GLU K 25 27.71 -12.53 22.52
C GLU K 25 28.05 -12.94 21.08
N GLY K 26 28.78 -12.09 20.34
CA GLY K 26 29.12 -12.36 18.95
C GLY K 26 28.15 -11.76 17.94
N PHE K 27 27.34 -10.78 18.38
CA PHE K 27 26.39 -10.11 17.52
C PHE K 27 27.14 -9.15 16.59
N THR K 28 26.96 -9.33 15.28
CA THR K 28 27.76 -8.67 14.25
C THR K 28 27.10 -7.38 13.77
N HIS K 29 25.78 -7.23 13.94
CA HIS K 29 25.05 -6.14 13.32
C HIS K 29 24.19 -5.39 14.32
N ASP K 30 23.97 -4.10 14.03
CA ASP K 30 22.90 -3.33 14.62
C ASP K 30 21.82 -3.11 13.58
N TRP K 31 20.56 -3.15 14.04
CA TRP K 31 19.45 -2.87 13.14
C TRP K 31 18.32 -2.16 13.86
N MET K 32 17.44 -1.57 13.04
CA MET K 32 16.31 -0.81 13.55
C MET K 32 15.15 -1.03 12.57
N VAL K 33 13.98 -1.35 13.14
CA VAL K 33 12.77 -1.57 12.36
C VAL K 33 11.74 -0.53 12.81
N PHE K 34 10.90 -0.05 11.87
CA PHE K 34 9.94 0.97 12.24
C PHE K 34 8.64 0.83 11.44
N VAL K 35 7.57 1.31 12.08
CA VAL K 35 6.32 1.65 11.43
C VAL K 35 6.07 3.13 11.70
N ARG K 36 5.81 3.91 10.65
CA ARG K 36 5.53 5.33 10.80
C ARG K 36 4.60 5.79 9.68
N GLY K 37 4.12 7.03 9.82
CA GLY K 37 3.34 7.68 8.79
C GLY K 37 4.24 8.41 7.81
N PRO K 38 3.79 8.68 6.56
CA PRO K 38 4.55 9.53 5.64
C PRO K 38 4.56 10.96 6.18
N GLU K 39 5.50 11.77 5.70
CA GLU K 39 5.70 13.14 6.16
C GLU K 39 4.34 13.82 6.41
N GLN K 40 4.23 14.42 7.60
CA GLN K 40 3.10 15.24 8.02
C GLN K 40 1.95 14.39 8.57
N CYS K 41 2.12 13.06 8.65
CA CYS K 41 1.05 12.19 9.07
C CYS K 41 1.37 11.62 10.44
N ASP K 42 0.55 11.96 11.44
CA ASP K 42 0.66 11.34 12.75
C ASP K 42 -0.33 10.16 12.80
N ILE K 43 0.19 8.94 12.69
CA ILE K 43 -0.64 7.75 12.59
C ILE K 43 -1.22 7.36 13.96
N GLN K 44 -0.69 7.98 15.02
CA GLN K 44 -1.14 7.76 16.38
C GLN K 44 -2.63 8.04 16.53
N HIS K 45 -3.19 8.89 15.66
CA HIS K 45 -4.61 9.20 15.71
C HIS K 45 -5.45 7.95 15.51
N PHE K 46 -4.97 6.98 14.70
CA PHE K 46 -5.75 5.78 14.42
C PHE K 46 -5.04 4.49 14.85
N VAL K 47 -3.79 4.57 15.31
CA VAL K 47 -3.05 3.37 15.70
C VAL K 47 -3.01 3.29 17.22
N GLU K 48 -3.57 2.21 17.76
CA GLU K 48 -3.54 1.94 19.20
C GLU K 48 -2.13 1.56 19.62
N LYS K 49 -1.55 0.59 18.91
CA LYS K 49 -0.22 0.08 19.23
C LYS K 49 0.32 -0.73 18.06
N VAL K 50 1.64 -0.91 18.06
CA VAL K 50 2.32 -1.78 17.11
C VAL K 50 3.08 -2.83 17.91
N VAL K 51 2.88 -4.10 17.53
CA VAL K 51 3.56 -5.23 18.15
C VAL K 51 4.57 -5.79 17.15
N PHE K 52 5.84 -5.85 17.55
CA PHE K 52 6.92 -6.42 16.75
C PHE K 52 7.25 -7.80 17.31
N TRP K 53 7.03 -8.85 16.51
CA TRP K 53 7.31 -10.20 16.92
C TRP K 53 8.69 -10.63 16.44
N LEU K 54 9.69 -10.54 17.32
CA LEU K 54 11.03 -10.97 17.00
C LEU K 54 11.14 -12.49 17.04
N HIS K 55 12.22 -13.01 16.49
CA HIS K 55 12.56 -14.43 16.49
C HIS K 55 12.65 -14.93 17.95
N ASP K 56 12.21 -16.18 18.18
CA ASP K 56 12.18 -16.79 19.51
C ASP K 56 13.58 -16.80 20.17
N SER K 57 14.63 -16.62 19.38
CA SER K 57 15.99 -16.59 19.88
C SER K 57 16.26 -15.31 20.68
N PHE K 58 15.43 -14.29 20.51
CA PHE K 58 15.52 -13.08 21.30
C PHE K 58 14.77 -13.30 22.62
N PRO K 59 15.27 -12.75 23.75
CA PRO K 59 14.52 -12.77 24.99
C PRO K 59 13.40 -11.73 24.91
N LYS K 60 12.24 -12.06 25.49
CA LYS K 60 11.05 -11.21 25.41
C LYS K 60 10.86 -10.76 23.97
N PRO K 61 10.60 -11.72 23.05
CA PRO K 61 10.52 -11.40 21.62
C PRO K 61 9.34 -10.51 21.19
N ARG K 62 8.30 -10.44 22.03
CA ARG K 62 7.11 -9.66 21.74
C ARG K 62 7.31 -8.22 22.22
N ARG K 63 7.62 -7.31 21.29
CA ARG K 63 7.95 -5.94 21.63
C ARG K 63 6.81 -5.00 21.25
N VAL K 64 6.32 -4.23 22.22
CA VAL K 64 5.15 -3.40 22.05
C VAL K 64 5.54 -1.93 22.11
N CYS K 65 5.06 -1.14 21.14
CA CYS K 65 5.06 0.31 21.24
C CYS K 65 3.62 0.81 21.23
N LYS K 66 3.22 1.47 22.31
CA LYS K 66 1.86 2.01 22.44
C LYS K 66 1.81 3.43 21.91
N GLU K 67 2.97 4.00 21.56
CA GLU K 67 3.01 5.36 21.07
C GLU K 67 4.27 5.59 20.22
N PRO K 68 4.32 6.66 19.41
CA PRO K 68 5.47 6.90 18.54
C PRO K 68 6.72 7.19 19.37
N PRO K 69 7.93 6.90 18.84
CA PRO K 69 8.09 6.24 17.55
C PRO K 69 7.79 4.75 17.70
N TYR K 70 7.09 4.17 16.71
CA TYR K 70 6.83 2.75 16.71
C TYR K 70 8.05 2.08 16.11
N LYS K 71 8.95 1.56 16.96
CA LYS K 71 10.19 1.00 16.46
C LYS K 71 10.87 0.11 17.50
N VAL K 72 11.80 -0.70 17.00
CA VAL K 72 12.66 -1.56 17.79
C VAL K 72 14.09 -1.38 17.29
N GLU K 73 15.02 -1.15 18.22
CA GLU K 73 16.45 -1.12 17.94
C GLU K 73 17.10 -2.32 18.64
N GLU K 74 17.91 -3.08 17.89
CA GLU K 74 18.47 -4.31 18.41
C GLU K 74 19.85 -4.57 17.79
N SER K 75 20.50 -5.60 18.33
CA SER K 75 21.74 -6.13 17.78
C SER K 75 21.57 -7.64 17.60
N GLY K 76 22.20 -8.19 16.55
CA GLY K 76 22.10 -9.62 16.29
C GLY K 76 23.13 -10.09 15.27
N TYR K 77 22.99 -11.37 14.88
CA TYR K 77 23.95 -12.02 13.99
C TYR K 77 23.29 -12.46 12.68
N ALA K 78 21.95 -12.38 12.58
CA ALA K 78 21.25 -12.94 11.44
C ALA K 78 19.89 -12.27 11.24
N GLY K 79 19.44 -12.24 9.98
CA GLY K 79 18.15 -11.73 9.60
C GLY K 79 17.06 -12.79 9.75
N PHE K 80 15.80 -12.36 9.65
CA PHE K 80 14.66 -13.25 9.87
C PHE K 80 13.36 -12.56 9.47
N ILE K 81 12.28 -13.34 9.47
CA ILE K 81 10.95 -12.86 9.17
C ILE K 81 10.31 -12.39 10.46
N MET K 82 9.83 -11.14 10.47
CA MET K 82 9.28 -10.50 11.64
C MET K 82 7.83 -10.13 11.38
N PRO K 83 6.85 -10.85 11.97
CA PRO K 83 5.47 -10.39 11.99
C PRO K 83 5.39 -9.05 12.72
N ILE K 84 4.64 -8.12 12.13
CA ILE K 84 4.37 -6.82 12.74
C ILE K 84 2.86 -6.60 12.71
N GLU K 85 2.25 -6.50 13.89
CA GLU K 85 0.81 -6.24 13.99
C GLU K 85 0.59 -4.77 14.27
N VAL K 86 -0.25 -4.13 13.45
CA VAL K 86 -0.67 -2.77 13.70
C VAL K 86 -2.12 -2.83 14.16
N HIS K 87 -2.36 -2.38 15.41
CA HIS K 87 -3.69 -2.39 16.01
C HIS K 87 -4.30 -1.01 15.85
N PHE K 88 -5.60 -0.96 15.55
CA PHE K 88 -6.27 0.30 15.26
C PHE K 88 -7.14 0.72 16.44
N LYS K 89 -7.37 2.03 16.57
CA LYS K 89 -8.29 2.57 17.55
C LYS K 89 -9.71 2.50 16.99
N ASN K 90 -10.16 1.27 16.74
CA ASN K 90 -11.38 0.98 15.99
C ASN K 90 -12.25 0.10 16.86
N LYS K 91 -13.57 0.23 16.75
CA LYS K 91 -14.51 -0.53 17.57
C LYS K 91 -15.12 -1.68 16.77
N GLU K 92 -14.94 -1.72 15.45
CA GLU K 92 -15.42 -2.83 14.64
C GLU K 92 -14.27 -3.35 13.80
N GLU K 93 -14.54 -4.39 13.00
CA GLU K 93 -13.49 -5.00 12.19
C GLU K 93 -13.22 -4.09 10.99
N PRO K 94 -11.99 -4.08 10.41
CA PRO K 94 -10.85 -4.79 10.98
C PRO K 94 -10.23 -4.08 12.19
N ARG K 95 -9.87 -4.86 13.20
CA ARG K 95 -9.33 -4.36 14.46
C ARG K 95 -7.81 -4.13 14.34
N LYS K 96 -7.19 -4.82 13.39
CA LYS K 96 -5.75 -4.82 13.24
C LYS K 96 -5.40 -5.43 11.90
N VAL K 97 -4.12 -5.31 11.53
CA VAL K 97 -3.57 -5.97 10.36
C VAL K 97 -2.19 -6.47 10.74
N CYS K 98 -1.81 -7.63 10.18
CA CYS K 98 -0.50 -8.21 10.43
C CYS K 98 0.31 -8.22 9.13
N PHE K 99 1.41 -7.46 9.11
CA PHE K 99 2.36 -7.50 8.01
C PHE K 99 3.42 -8.53 8.36
N THR K 100 4.01 -9.17 7.33
CA THR K 100 5.16 -10.04 7.54
CA THR K 100 5.15 -10.04 7.52
C THR K 100 6.36 -9.33 6.92
N TYR K 101 7.32 -8.98 7.78
CA TYR K 101 8.39 -8.07 7.40
C TYR K 101 9.70 -8.86 7.33
N ASP K 102 10.43 -8.65 6.22
CA ASP K 102 11.70 -9.32 6.04
C ASP K 102 12.80 -8.43 6.60
N LEU K 103 13.27 -8.77 7.80
CA LEU K 103 14.40 -8.09 8.40
C LEU K 103 15.70 -8.75 7.93
N PHE K 104 16.27 -8.22 6.85
CA PHE K 104 17.45 -8.82 6.26
C PHE K 104 18.64 -7.90 6.54
N LEU K 105 19.81 -8.52 6.72
CA LEU K 105 21.04 -7.82 7.04
C LEU K 105 21.90 -7.72 5.78
N ASN K 106 22.87 -6.82 5.83
CA ASN K 106 23.86 -6.70 4.77
C ASN K 106 25.00 -7.67 5.08
N LEU K 107 25.62 -8.15 4.00
CA LEU K 107 26.82 -8.98 4.12
C LEU K 107 28.03 -8.06 4.26
N GLU K 108 29.01 -8.51 5.05
CA GLU K 108 30.19 -7.71 5.33
C GLU K 108 30.88 -7.33 4.03
N GLY K 109 31.10 -6.02 3.82
CA GLY K 109 31.69 -5.52 2.60
C GLY K 109 30.67 -4.83 1.70
N ASN K 110 29.38 -5.11 1.92
CA ASN K 110 28.30 -4.49 1.16
C ASN K 110 27.76 -3.27 1.92
N PRO K 111 27.05 -2.34 1.24
CA PRO K 111 26.51 -1.15 1.91
C PRO K 111 25.51 -1.49 3.01
N PRO K 112 25.29 -0.57 3.98
CA PRO K 112 24.24 -0.75 4.99
C PRO K 112 22.88 -0.90 4.32
N VAL K 113 22.00 -1.69 4.94
CA VAL K 113 20.62 -1.82 4.48
C VAL K 113 19.90 -0.53 4.86
N ASN K 114 19.12 -0.01 3.91
CA ASN K 114 18.20 1.07 4.18
C ASN K 114 16.94 0.85 3.35
N HIS K 115 16.01 0.05 3.89
CA HIS K 115 14.87 -0.43 3.14
C HIS K 115 13.60 0.30 3.56
N LEU K 116 12.80 0.70 2.58
CA LEU K 116 11.52 1.35 2.81
C LEU K 116 10.41 0.56 2.11
N ARG K 117 9.29 0.43 2.80
CA ARG K 117 8.14 -0.33 2.31
C ARG K 117 6.87 0.45 2.63
N CYS K 118 6.15 0.84 1.56
CA CYS K 118 4.95 1.64 1.70
C CYS K 118 3.73 0.73 1.63
N GLU K 119 2.86 0.85 2.63
CA GLU K 119 1.65 0.06 2.69
C GLU K 119 0.46 1.02 2.64
N LYS K 120 -0.63 0.50 2.08
CA LYS K 120 -1.85 1.25 1.86
C LYS K 120 -2.99 0.48 2.51
N LEU K 121 -3.77 1.16 3.36
CA LEU K 121 -4.91 0.53 3.98
C LEU K 121 -6.17 1.24 3.48
N THR K 122 -7.17 0.46 3.11
CA THR K 122 -8.46 0.98 2.68
C THR K 122 -9.51 0.51 3.67
N PHE K 123 -10.24 1.48 4.24
CA PHE K 123 -11.35 1.22 5.14
C PHE K 123 -12.65 1.64 4.45
N ASN K 124 -13.57 0.70 4.22
CA ASN K 124 -14.86 1.00 3.65
C ASN K 124 -15.84 1.30 4.78
N ASN K 125 -16.60 2.40 4.63
CA ASN K 125 -17.68 2.77 5.53
C ASN K 125 -17.25 2.60 6.99
N PRO K 126 -16.19 3.29 7.45
CA PRO K 126 -15.84 3.26 8.87
C PRO K 126 -16.88 4.04 9.67
N THR K 127 -16.98 3.75 10.96
CA THR K 127 -17.82 4.52 11.87
C THR K 127 -17.39 5.97 11.76
N THR K 128 -18.27 6.87 12.22
CA THR K 128 -17.99 8.30 12.21
C THR K 128 -16.72 8.55 13.04
N GLU K 129 -16.68 7.93 14.23
CA GLU K 129 -15.60 8.13 15.18
C GLU K 129 -14.26 7.76 14.53
N PHE K 130 -14.25 6.63 13.81
CA PHE K 130 -13.01 6.09 13.28
C PHE K 130 -12.61 6.84 12.00
N ARG K 131 -13.61 7.33 11.26
CA ARG K 131 -13.34 8.12 10.06
C ARG K 131 -12.53 9.36 10.44
N TYR K 132 -12.96 10.01 11.53
CA TYR K 132 -12.31 11.23 11.98
C TYR K 132 -10.87 10.93 12.33
N LYS K 133 -10.64 9.83 13.05
CA LYS K 133 -9.30 9.44 13.45
C LYS K 133 -8.43 9.22 12.22
N LEU K 134 -8.98 8.58 11.18
CA LEU K 134 -8.22 8.29 9.99
C LEU K 134 -7.86 9.58 9.25
N LEU K 135 -8.78 10.56 9.26
CA LEU K 135 -8.55 11.80 8.52
C LEU K 135 -7.53 12.66 9.26
N ARG K 136 -7.56 12.65 10.60
CA ARG K 136 -6.58 13.37 11.39
C ARG K 136 -5.19 12.79 11.18
N ALA K 137 -5.12 11.53 10.76
CA ALA K 137 -3.84 10.88 10.52
C ALA K 137 -3.36 11.07 9.08
N GLY K 138 -4.07 11.88 8.28
CA GLY K 138 -3.67 12.13 6.91
C GLY K 138 -4.34 11.19 5.91
N GLY K 139 -5.45 10.55 6.33
CA GLY K 139 -6.21 9.71 5.44
C GLY K 139 -6.96 10.55 4.42
N VAL K 140 -7.25 9.94 3.26
CA VAL K 140 -7.83 10.62 2.12
C VAL K 140 -9.06 9.80 1.68
N MET K 141 -10.14 10.52 1.34
CA MET K 141 -11.35 9.88 0.86
C MET K 141 -11.13 9.48 -0.59
N VAL K 142 -11.64 8.30 -0.95
CA VAL K 142 -11.51 7.82 -2.33
C VAL K 142 -12.87 7.74 -3.04
N MET K 143 -12.88 8.17 -4.31
CA MET K 143 -14.06 8.63 -5.01
C MET K 143 -14.97 9.43 -4.05
N ASP L 1 -2.32 11.57 -44.89
CA ASP L 1 -2.23 12.59 -43.81
C ASP L 1 -1.85 11.97 -42.46
N ASN L 2 -2.09 10.66 -42.28
CA ASN L 2 -1.79 9.96 -41.02
C ASN L 2 -0.86 8.76 -41.26
N GLN L 3 -0.96 8.13 -42.45
CA GLN L 3 0.13 7.35 -43.02
C GLN L 3 1.41 8.18 -42.89
N CYS L 4 2.44 7.61 -42.25
CA CYS L 4 3.68 8.39 -41.95
C CYS L 4 4.90 7.46 -41.80
N THR L 5 5.97 7.76 -42.52
CA THR L 5 7.18 6.95 -42.48
C THR L 5 8.36 7.87 -42.19
N VAL L 6 9.13 7.51 -41.15
CA VAL L 6 10.27 8.32 -40.74
C VAL L 6 11.54 7.50 -40.92
N GLN L 7 12.52 8.17 -41.54
CA GLN L 7 13.84 7.57 -41.75
C GLN L 7 14.88 8.35 -40.96
N VAL L 8 15.71 7.65 -40.19
CA VAL L 8 16.82 8.24 -39.46
C VAL L 8 18.08 7.53 -39.90
N ARG L 9 19.16 8.32 -39.98
CA ARG L 9 20.45 7.80 -40.41
C ARG L 9 21.31 7.59 -39.16
N LEU L 10 22.02 6.45 -39.13
CA LEU L 10 23.06 6.22 -38.14
C LEU L 10 24.38 6.10 -38.90
N GLU L 11 25.44 6.58 -38.25
CA GLU L 11 26.80 6.32 -38.72
C GLU L 11 27.50 5.41 -37.71
N LEU L 12 27.91 4.24 -38.20
CA LEU L 12 28.81 3.34 -37.50
C LEU L 12 30.17 3.53 -38.15
N GLY L 13 31.23 3.37 -37.37
CA GLY L 13 32.57 3.47 -37.93
C GLY L 13 33.60 3.13 -36.88
N HIS L 14 34.86 3.08 -37.31
CA HIS L 14 35.95 2.77 -36.42
C HIS L 14 37.27 3.26 -37.00
N ARG L 15 38.24 3.53 -36.12
CA ARG L 15 39.61 3.81 -36.50
C ARG L 15 40.52 2.80 -35.83
N ALA L 16 41.66 2.52 -36.47
CA ALA L 16 42.69 1.69 -35.89
C ALA L 16 44.04 2.08 -36.45
N GLN L 17 45.08 1.95 -35.62
CA GLN L 17 46.45 2.23 -36.04
C GLN L 17 47.43 1.50 -35.13
N LEU L 18 48.64 1.30 -35.65
CA LEU L 18 49.72 0.70 -34.87
C LEU L 18 50.09 1.68 -33.76
N ARG L 19 50.25 1.14 -32.54
CA ARG L 19 50.90 1.85 -31.46
C ARG L 19 52.39 2.00 -31.78
N LYS L 20 52.99 3.10 -31.32
CA LYS L 20 54.42 3.31 -31.48
C LYS L 20 55.18 2.30 -30.61
N LYS L 21 54.58 1.93 -29.48
CA LYS L 21 55.18 0.99 -28.55
C LYS L 21 54.11 -0.02 -28.14
N PRO L 22 54.29 -1.33 -28.44
CA PRO L 22 53.42 -2.37 -27.88
C PRO L 22 53.30 -2.25 -26.37
N THR L 23 52.11 -2.52 -25.82
CA THR L 23 51.90 -2.51 -24.39
C THR L 23 52.60 -3.73 -23.80
N THR L 24 52.63 -3.81 -22.46
CA THR L 24 53.30 -4.91 -21.77
C THR L 24 52.62 -6.25 -22.12
N GLU L 25 51.32 -6.20 -22.44
CA GLU L 25 50.57 -7.41 -22.76
C GLU L 25 50.83 -7.85 -24.20
N GLY L 26 51.46 -6.98 -25.01
CA GLY L 26 51.75 -7.28 -26.41
C GLY L 26 50.67 -6.74 -27.36
N PHE L 27 49.85 -5.78 -26.89
CA PHE L 27 48.81 -5.18 -27.71
C PHE L 27 49.47 -4.22 -28.69
N THR L 28 49.23 -4.44 -29.99
CA THR L 28 49.94 -3.76 -31.07
C THR L 28 49.18 -2.53 -31.55
N HIS L 29 47.86 -2.47 -31.32
CA HIS L 29 47.05 -1.44 -31.94
C HIS L 29 46.19 -0.72 -30.92
N ASP L 30 45.88 0.54 -31.24
CA ASP L 30 44.78 1.26 -30.61
C ASP L 30 43.63 1.36 -31.61
N TRP L 31 42.40 1.25 -31.12
CA TRP L 31 41.25 1.41 -31.98
C TRP L 31 40.10 2.08 -31.23
N MET L 32 39.15 2.58 -32.03
CA MET L 32 37.98 3.26 -31.53
C MET L 32 36.81 2.91 -32.43
N VAL L 33 35.67 2.54 -31.81
CA VAL L 33 34.45 2.21 -32.52
C VAL L 33 33.37 3.19 -32.07
N PHE L 34 32.47 3.58 -32.98
CA PHE L 34 31.45 4.55 -32.60
C PHE L 34 30.14 4.30 -33.34
N VAL L 35 29.06 4.75 -32.67
CA VAL L 35 27.77 4.97 -33.27
C VAL L 35 27.44 6.45 -33.04
N ARG L 36 27.08 7.16 -34.11
CA ARG L 36 26.72 8.56 -33.99
C ARG L 36 25.71 8.91 -35.08
N GLY L 37 25.16 10.12 -34.95
CA GLY L 37 24.30 10.69 -35.97
C GLY L 37 25.13 11.45 -37.00
N PRO L 38 24.62 11.69 -38.22
CA PRO L 38 25.28 12.57 -39.18
C PRO L 38 25.26 14.00 -38.66
N GLU L 39 26.17 14.84 -39.19
CA GLU L 39 26.37 16.20 -38.67
C GLU L 39 25.04 16.86 -38.35
N GLN L 40 24.94 17.41 -37.14
CA GLN L 40 23.81 18.22 -36.68
C GLN L 40 22.66 17.35 -36.14
N CYS L 41 22.88 16.02 -36.06
CA CYS L 41 21.86 15.11 -35.59
C CYS L 41 22.26 14.57 -34.23
N ASP L 42 21.46 14.88 -33.21
CA ASP L 42 21.64 14.32 -31.89
C ASP L 42 20.72 13.10 -31.78
N ILE L 43 21.30 11.91 -31.87
CA ILE L 43 20.53 10.67 -31.92
C ILE L 43 20.03 10.29 -30.52
N GLN L 44 20.57 10.95 -29.50
CA GLN L 44 20.17 10.75 -28.12
C GLN L 44 18.66 10.95 -27.91
N HIS L 45 18.03 11.75 -28.78
CA HIS L 45 16.61 11.99 -28.67
C HIS L 45 15.82 10.69 -28.82
N PHE L 46 16.32 9.74 -29.63
CA PHE L 46 15.59 8.50 -29.86
C PHE L 46 16.37 7.26 -29.44
N VAL L 47 17.64 7.40 -29.04
CA VAL L 47 18.44 6.25 -28.66
C VAL L 47 18.55 6.20 -27.14
N GLU L 48 18.07 5.10 -26.56
CA GLU L 48 18.16 4.86 -25.12
C GLU L 48 19.61 4.60 -24.73
N LYS L 49 20.22 3.63 -25.45
CA LYS L 49 21.60 3.24 -25.18
C LYS L 49 22.14 2.45 -26.36
N VAL L 50 23.47 2.36 -26.40
CA VAL L 50 24.17 1.52 -27.35
C VAL L 50 25.03 0.54 -26.55
N VAL L 51 24.88 -0.75 -26.89
CA VAL L 51 25.66 -1.81 -26.26
C VAL L 51 26.66 -2.33 -27.29
N PHE L 52 27.94 -2.30 -26.93
CA PHE L 52 29.02 -2.83 -27.74
C PHE L 52 29.46 -4.16 -27.14
N TRP L 53 29.28 -5.25 -27.89
CA TRP L 53 29.68 -6.57 -27.44
C TRP L 53 31.06 -6.92 -27.97
N LEU L 54 32.08 -6.72 -27.13
CA LEU L 54 33.45 -7.06 -27.48
C LEU L 54 33.66 -8.57 -27.36
N HIS L 55 34.77 -9.02 -27.96
CA HIS L 55 35.19 -10.42 -27.87
C HIS L 55 35.39 -10.82 -26.41
N ASP L 56 35.06 -12.09 -26.07
CA ASP L 56 35.14 -12.60 -24.71
C ASP L 56 36.56 -12.49 -24.13
N SER L 57 37.56 -12.28 -24.99
CA SER L 57 38.95 -12.11 -24.55
C SER L 57 39.15 -10.77 -23.84
N PHE L 58 38.21 -9.84 -24.02
CA PHE L 58 38.24 -8.58 -23.28
C PHE L 58 37.57 -8.79 -21.92
N PRO L 59 38.08 -8.16 -20.85
CA PRO L 59 37.38 -8.18 -19.56
C PRO L 59 36.18 -7.24 -19.63
N LYS L 60 35.08 -7.61 -18.98
CA LYS L 60 33.83 -6.87 -19.06
C LYS L 60 33.55 -6.52 -20.52
N PRO L 61 33.32 -7.53 -21.38
CA PRO L 61 33.16 -7.31 -22.82
C PRO L 61 31.90 -6.55 -23.24
N ARG L 62 30.88 -6.51 -22.36
CA ARG L 62 29.64 -5.83 -22.64
C ARG L 62 29.77 -4.36 -22.22
N ARG L 63 29.97 -3.47 -23.20
CA ARG L 63 30.23 -2.07 -22.94
C ARG L 63 29.00 -1.22 -23.31
N VAL L 64 28.51 -0.45 -22.33
CA VAL L 64 27.26 0.26 -22.47
C VAL L 64 27.55 1.75 -22.45
N CYS L 65 26.98 2.47 -23.43
CA CYS L 65 26.92 3.92 -23.40
C CYS L 65 25.45 4.33 -23.38
N LYS L 66 25.05 4.98 -22.29
CA LYS L 66 23.66 5.42 -22.11
C LYS L 66 23.51 6.84 -22.65
N GLU L 67 24.63 7.46 -23.05
CA GLU L 67 24.61 8.81 -23.55
C GLU L 67 25.82 9.04 -24.46
N PRO L 68 25.78 10.10 -25.30
CA PRO L 68 26.89 10.39 -26.20
C PRO L 68 28.15 10.76 -25.43
N PRO L 69 29.36 10.53 -25.99
CA PRO L 69 29.50 9.85 -27.29
C PRO L 69 29.28 8.35 -27.12
N TYR L 70 28.59 7.73 -28.08
CA TYR L 70 28.42 6.29 -28.06
C TYR L 70 29.65 5.68 -28.69
N LYS L 71 30.60 5.24 -27.87
CA LYS L 71 31.86 4.73 -28.40
C LYS L 71 32.61 3.90 -27.38
N VAL L 72 33.59 3.15 -27.90
CA VAL L 72 34.55 2.40 -27.09
C VAL L 72 35.93 2.70 -27.67
N GLU L 73 36.88 3.02 -26.79
CA GLU L 73 38.29 3.11 -27.13
C GLU L 73 39.05 2.00 -26.42
N GLU L 74 39.87 1.26 -27.18
CA GLU L 74 40.56 0.10 -26.64
C GLU L 74 41.91 -0.09 -27.30
N SER L 75 42.67 -1.05 -26.75
CA SER L 75 43.91 -1.51 -27.32
C SER L 75 43.86 -3.02 -27.45
N GLY L 76 44.46 -3.57 -28.51
CA GLY L 76 44.46 -5.01 -28.72
C GLY L 76 45.45 -5.45 -29.79
N TYR L 77 45.40 -6.73 -30.12
CA TYR L 77 46.36 -7.36 -31.03
C TYR L 77 45.66 -7.89 -32.28
N ALA L 78 44.32 -7.92 -32.30
CA ALA L 78 43.60 -8.55 -33.39
C ALA L 78 42.19 -7.99 -33.54
N GLY L 79 41.69 -8.04 -34.79
CA GLY L 79 40.34 -7.64 -35.12
C GLY L 79 39.35 -8.77 -34.88
N PHE L 80 38.05 -8.44 -34.96
CA PHE L 80 36.98 -9.38 -34.67
C PHE L 80 35.62 -8.80 -35.04
N ILE L 81 34.60 -9.65 -34.98
CA ILE L 81 33.22 -9.26 -35.24
C ILE L 81 32.60 -8.78 -33.94
N MET L 82 32.04 -7.57 -33.97
CA MET L 82 31.49 -6.92 -32.78
C MET L 82 30.00 -6.67 -33.00
N PRO L 83 29.10 -7.43 -32.35
CA PRO L 83 27.69 -7.05 -32.31
C PRO L 83 27.55 -5.69 -31.63
N ILE L 84 26.71 -4.83 -32.22
CA ILE L 84 26.38 -3.53 -31.66
C ILE L 84 24.85 -3.41 -31.63
N GLU L 85 24.28 -3.31 -30.44
CA GLU L 85 22.84 -3.14 -30.29
C GLU L 85 22.53 -1.67 -30.04
N VAL L 86 21.63 -1.11 -30.85
CA VAL L 86 21.14 0.24 -30.62
C VAL L 86 19.70 0.10 -30.11
N HIS L 87 19.48 0.55 -28.87
CA HIS L 87 18.18 0.47 -28.22
C HIS L 87 17.47 1.81 -28.39
N PHE L 88 16.16 1.78 -28.64
CA PHE L 88 15.41 3.00 -28.94
C PHE L 88 14.54 3.38 -27.74
N LYS L 89 14.24 4.68 -27.63
CA LYS L 89 13.32 5.16 -26.61
C LYS L 89 11.88 5.00 -27.12
N ASN L 90 11.50 3.74 -27.37
CA ASN L 90 10.29 3.39 -28.08
C ASN L 90 9.48 2.44 -27.19
N LYS L 91 8.15 2.50 -27.28
CA LYS L 91 7.27 1.69 -26.44
C LYS L 91 6.73 0.49 -27.23
N GLU L 92 6.90 0.45 -28.56
CA GLU L 92 6.46 -0.68 -29.35
C GLU L 92 7.62 -1.13 -30.22
N GLU L 93 7.41 -2.19 -31.00
CA GLU L 93 8.46 -2.72 -31.85
C GLU L 93 8.66 -1.80 -33.05
N PRO L 94 9.88 -1.74 -33.64
CA PRO L 94 11.07 -2.37 -33.09
C PRO L 94 11.66 -1.62 -31.89
N ARG L 95 12.08 -2.38 -30.88
CA ARG L 95 12.59 -1.84 -29.62
C ARG L 95 14.09 -1.53 -29.76
N LYS L 96 14.74 -2.19 -30.72
CA LYS L 96 16.18 -2.12 -30.88
C LYS L 96 16.53 -2.75 -32.22
N VAL L 97 17.79 -2.56 -32.62
CA VAL L 97 18.33 -3.20 -33.80
C VAL L 97 19.77 -3.62 -33.46
N CYS L 98 20.19 -4.77 -33.98
CA CYS L 98 21.52 -5.28 -33.73
C CYS L 98 22.30 -5.33 -35.05
N PHE L 99 23.35 -4.51 -35.14
CA PHE L 99 24.26 -4.53 -36.27
C PHE L 99 25.39 -5.49 -35.93
N THR L 100 25.98 -6.13 -36.95
CA THR L 100 27.19 -6.91 -36.75
C THR L 100 28.33 -6.16 -37.43
N TYR L 101 29.29 -5.69 -36.62
CA TYR L 101 30.28 -4.73 -37.08
C TYR L 101 31.63 -5.43 -37.18
N ASP L 102 32.31 -5.23 -38.32
CA ASP L 102 33.62 -5.82 -38.53
C ASP L 102 34.68 -4.84 -38.04
N LEU L 103 35.22 -5.10 -36.85
CA LEU L 103 36.32 -4.32 -36.32
CA LEU L 103 36.32 -4.32 -36.32
C LEU L 103 37.63 -4.92 -36.81
N PHE L 104 38.14 -4.40 -37.92
CA PHE L 104 39.34 -4.95 -38.54
C PHE L 104 40.47 -3.94 -38.34
N LEU L 105 41.69 -4.47 -38.18
CA LEU L 105 42.88 -3.67 -37.94
C LEU L 105 43.68 -3.58 -39.23
N ASN L 106 44.60 -2.61 -39.26
CA ASN L 106 45.52 -2.47 -40.37
C ASN L 106 46.74 -3.35 -40.10
N LEU L 107 47.34 -3.82 -41.18
CA LEU L 107 48.61 -4.58 -41.04
C LEU L 107 49.75 -3.56 -40.99
N GLU L 108 50.80 -3.90 -40.27
CA GLU L 108 51.92 -2.97 -40.12
C GLU L 108 52.52 -2.65 -41.48
N GLY L 109 52.62 -1.37 -41.81
CA GLY L 109 53.09 -0.93 -43.11
C GLY L 109 51.96 -0.40 -44.00
N ASN L 110 50.71 -0.75 -43.66
CA ASN L 110 49.55 -0.24 -44.36
C ASN L 110 48.98 0.99 -43.63
N PRO L 111 48.19 1.84 -44.30
CA PRO L 111 47.64 3.04 -43.65
C PRO L 111 46.73 2.71 -42.47
N PRO L 112 46.52 3.67 -41.52
CA PRO L 112 45.54 3.49 -40.45
C PRO L 112 44.15 3.23 -41.02
N VAL L 113 43.36 2.41 -40.32
CA VAL L 113 41.97 2.19 -40.70
C VAL L 113 41.19 3.43 -40.33
N ASN L 114 40.34 3.88 -41.24
CA ASN L 114 39.37 4.93 -40.96
C ASN L 114 38.09 4.62 -41.74
N HIS L 115 37.24 3.78 -41.15
CA HIS L 115 36.12 3.17 -41.84
C HIS L 115 34.82 3.81 -41.39
N LEU L 116 33.96 4.12 -42.37
CA LEU L 116 32.64 4.67 -42.12
C LEU L 116 31.58 3.73 -42.73
N ARG L 117 30.50 3.55 -41.98
CA ARG L 117 29.37 2.74 -42.40
C ARG L 117 28.08 3.48 -42.06
N CYS L 118 27.29 3.78 -43.09
CA CYS L 118 26.06 4.53 -42.94
C CYS L 118 24.90 3.56 -42.94
N GLU L 119 24.06 3.65 -41.90
CA GLU L 119 22.90 2.78 -41.78
C GLU L 119 21.67 3.68 -41.79
N LYS L 120 20.58 3.08 -42.29
CA LYS L 120 19.31 3.78 -42.50
C LYS L 120 18.24 2.97 -41.79
N LEU L 121 17.45 3.62 -40.95
CA LEU L 121 16.39 2.95 -40.22
C LEU L 121 15.07 3.58 -40.64
N THR L 122 14.09 2.74 -40.93
CA THR L 122 12.77 3.19 -41.36
C THR L 122 11.76 2.75 -40.31
N PHE L 123 11.01 3.72 -39.78
CA PHE L 123 9.96 3.45 -38.82
C PHE L 123 8.60 3.81 -39.46
N ASN L 124 7.72 2.82 -39.64
CA ASN L 124 6.40 3.06 -40.20
C ASN L 124 5.43 3.35 -39.06
N ASN L 125 4.64 4.42 -39.22
CA ASN L 125 3.56 4.77 -38.30
C ASN L 125 4.01 4.64 -36.86
N PRO L 126 5.05 5.40 -36.43
CA PRO L 126 5.43 5.41 -35.02
C PRO L 126 4.37 6.15 -34.21
N THR L 127 4.33 5.90 -32.91
CA THR L 127 3.49 6.64 -31.99
C THR L 127 3.84 8.10 -32.14
N THR L 128 2.95 8.97 -31.66
CA THR L 128 3.17 10.41 -31.69
C THR L 128 4.44 10.73 -30.91
N GLU L 129 4.55 10.14 -29.72
CA GLU L 129 5.65 10.39 -28.81
C GLU L 129 6.99 10.05 -29.48
N PHE L 130 7.02 8.91 -30.19
CA PHE L 130 8.26 8.42 -30.76
C PHE L 130 8.60 9.18 -32.05
N ARG L 131 7.56 9.62 -32.78
CA ARG L 131 7.74 10.41 -33.98
C ARG L 131 8.49 11.69 -33.65
N TYR L 132 8.08 12.33 -32.55
CA TYR L 132 8.68 13.58 -32.13
CA TYR L 132 8.68 13.59 -32.12
C TYR L 132 10.16 13.36 -31.83
N LYS L 133 10.46 12.27 -31.10
CA LYS L 133 11.83 11.96 -30.75
C LYS L 133 12.67 11.76 -32.02
N LEU L 134 12.11 11.07 -33.02
CA LEU L 134 12.85 10.80 -34.25
C LEU L 134 13.12 12.10 -35.00
N LEU L 135 12.16 13.03 -34.97
CA LEU L 135 12.31 14.27 -35.73
C LEU L 135 13.32 15.18 -35.05
N ARG L 136 13.32 15.19 -33.71
CA ARG L 136 14.30 15.98 -32.98
C ARG L 136 15.71 15.44 -33.23
N ALA L 137 15.83 14.17 -33.63
CA ALA L 137 17.11 13.57 -33.92
C ALA L 137 17.53 13.75 -35.37
N GLY L 138 16.76 14.51 -36.15
CA GLY L 138 17.10 14.75 -37.55
C GLY L 138 16.45 13.73 -38.49
N GLY L 139 15.37 13.09 -38.03
CA GLY L 139 14.63 12.16 -38.88
C GLY L 139 13.87 12.93 -39.96
N VAL L 140 13.62 12.28 -41.10
CA VAL L 140 12.92 12.88 -42.21
C VAL L 140 11.74 11.99 -42.59
N MET L 141 10.63 12.66 -42.93
CA MET L 141 9.39 11.98 -43.32
C MET L 141 9.44 11.62 -44.80
N VAL L 142 9.09 10.37 -45.11
CA VAL L 142 9.02 9.98 -46.51
C VAL L 142 7.56 9.90 -46.99
N MET L 143 7.34 10.46 -48.20
CA MET L 143 6.02 10.73 -48.77
C MET L 143 5.71 9.67 -49.85
N GLN M 3 -43.66 59.05 -29.14
CA GLN M 3 -43.50 58.41 -27.80
C GLN M 3 -44.20 57.05 -27.85
N CYS M 4 -43.47 55.97 -27.50
CA CYS M 4 -43.99 54.62 -27.76
C CYS M 4 -43.15 53.58 -27.01
N THR M 5 -43.81 52.71 -26.21
CA THR M 5 -43.11 51.68 -25.45
C THR M 5 -43.80 50.34 -25.68
N VAL M 6 -43.01 49.34 -26.08
CA VAL M 6 -43.55 48.03 -26.39
C VAL M 6 -42.98 47.00 -25.41
N GLN M 7 -43.87 46.18 -24.86
CA GLN M 7 -43.51 45.07 -23.99
C GLN M 7 -43.82 43.74 -24.69
N VAL M 8 -42.87 42.79 -24.58
CA VAL M 8 -43.07 41.42 -25.01
C VAL M 8 -42.67 40.52 -23.85
N ARG M 9 -43.36 39.38 -23.75
CA ARG M 9 -43.07 38.37 -22.73
C ARG M 9 -42.26 37.25 -23.37
N LEU M 10 -41.25 36.77 -22.64
CA LEU M 10 -40.55 35.55 -22.97
C LEU M 10 -40.78 34.55 -21.85
N GLU M 11 -40.85 33.27 -22.21
CA GLU M 11 -40.85 32.19 -21.24
C GLU M 11 -39.56 31.39 -21.39
N LEU M 12 -38.78 31.36 -20.30
CA LEU M 12 -37.66 30.44 -20.15
C LEU M 12 -38.13 29.34 -19.21
N GLY M 13 -37.60 28.14 -19.41
CA GLY M 13 -37.92 27.05 -18.52
C GLY M 13 -37.09 25.82 -18.85
N HIS M 14 -37.26 24.78 -18.03
CA HIS M 14 -36.53 23.55 -18.22
C HIS M 14 -37.24 22.41 -17.49
N ARG M 15 -37.03 21.19 -17.99
CA ARG M 15 -37.46 19.99 -17.29
C ARG M 15 -36.23 19.10 -17.06
N ALA M 16 -36.28 18.32 -15.98
CA ALA M 16 -35.24 17.34 -15.70
C ALA M 16 -35.84 16.18 -14.92
N GLN M 17 -35.31 14.98 -15.16
CA GLN M 17 -35.77 13.77 -14.47
C GLN M 17 -34.67 12.72 -14.51
N LEU M 18 -34.75 11.78 -13.56
CA LEU M 18 -33.84 10.64 -13.54
C LEU M 18 -34.13 9.77 -14.75
N ARG M 19 -33.07 9.35 -15.44
CA ARG M 19 -33.19 8.27 -16.41
C ARG M 19 -33.44 6.97 -15.68
N LYS M 20 -34.17 6.05 -16.32
CA LYS M 20 -34.41 4.74 -15.75
C LYS M 20 -33.11 3.94 -15.77
N LYS M 21 -32.27 4.21 -16.76
CA LYS M 21 -31.01 3.53 -16.94
C LYS M 21 -29.93 4.59 -17.20
N PRO M 22 -28.92 4.73 -16.31
CA PRO M 22 -27.75 5.56 -16.61
C PRO M 22 -27.15 5.20 -17.96
N THR M 23 -26.64 6.20 -18.69
CA THR M 23 -25.97 5.98 -19.97
C THR M 23 -24.62 5.32 -19.67
N THR M 24 -23.90 4.92 -20.72
CA THR M 24 -22.61 4.27 -20.58
C THR M 24 -21.61 5.22 -19.92
N GLU M 25 -21.79 6.53 -20.12
CA GLU M 25 -20.89 7.53 -19.55
C GLU M 25 -21.20 7.79 -18.08
N GLY M 26 -22.34 7.30 -17.59
CA GLY M 26 -22.77 7.51 -16.21
C GLY M 26 -23.69 8.72 -16.03
N PHE M 27 -24.30 9.19 -17.13
CA PHE M 27 -25.22 10.31 -17.09
C PHE M 27 -26.54 9.84 -16.47
N THR M 28 -26.96 10.51 -15.40
CA THR M 28 -28.06 10.05 -14.55
C THR M 28 -29.39 10.69 -14.98
N HIS M 29 -29.34 11.84 -15.67
CA HIS M 29 -30.54 12.61 -15.91
C HIS M 29 -30.68 12.97 -17.38
N ASP M 30 -31.94 13.15 -17.80
CA ASP M 30 -32.27 13.85 -19.03
C ASP M 30 -32.86 15.21 -18.67
N TRP M 31 -32.53 16.21 -19.48
CA TRP M 31 -33.10 17.52 -19.29
C TRP M 31 -33.34 18.23 -20.62
N MET M 32 -34.17 19.27 -20.54
CA MET M 32 -34.52 20.07 -21.70
C MET M 32 -34.69 21.51 -21.23
N VAL M 33 -34.08 22.44 -21.97
CA VAL M 33 -34.16 23.86 -21.68
CA VAL M 33 -34.16 23.86 -21.68
C VAL M 33 -34.80 24.54 -22.89
N PHE M 34 -35.59 25.61 -22.65
CA PHE M 34 -36.26 26.26 -23.76
C PHE M 34 -36.43 27.76 -23.53
N VAL M 35 -36.49 28.48 -24.65
CA VAL M 35 -37.00 29.83 -24.72
C VAL M 35 -38.18 29.80 -25.70
N ARG M 36 -39.32 30.34 -25.27
CA ARG M 36 -40.48 30.40 -26.14
C ARG M 36 -41.33 31.60 -25.76
N GLY M 37 -42.33 31.87 -26.61
CA GLY M 37 -43.33 32.90 -26.34
C GLY M 37 -44.49 32.29 -25.54
N PRO M 38 -45.29 33.09 -24.82
CA PRO M 38 -46.52 32.60 -24.19
C PRO M 38 -47.52 32.24 -25.30
N GLU M 39 -48.53 31.44 -24.94
CA GLU M 39 -49.52 30.94 -25.87
C GLU M 39 -49.92 32.02 -26.88
N GLN M 40 -49.87 31.65 -28.17
CA GLN M 40 -50.32 32.46 -29.29
C GLN M 40 -49.24 33.45 -29.75
N CYS M 41 -48.04 33.41 -29.15
CA CYS M 41 -47.00 34.35 -29.49
C CYS M 41 -45.89 33.64 -30.24
N ASP M 42 -45.68 34.01 -31.50
CA ASP M 42 -44.54 33.53 -32.26
C ASP M 42 -43.43 34.58 -32.14
N ILE M 43 -42.41 34.27 -31.30
CA ILE M 43 -41.36 35.22 -30.98
C ILE M 43 -40.35 35.32 -32.12
N GLN M 44 -40.43 34.39 -33.07
CA GLN M 44 -39.58 34.36 -34.25
C GLN M 44 -39.67 35.66 -35.04
N HIS M 45 -40.79 36.38 -34.91
CA HIS M 45 -40.94 37.65 -35.61
C HIS M 45 -39.88 38.65 -35.19
N PHE M 46 -39.43 38.59 -33.92
CA PHE M 46 -38.44 39.56 -33.44
C PHE M 46 -37.16 38.90 -32.94
N VAL M 47 -37.09 37.57 -32.87
CA VAL M 47 -35.90 36.88 -32.39
C VAL M 47 -35.13 36.32 -33.58
N GLU M 48 -33.89 36.78 -33.73
CA GLU M 48 -32.99 36.29 -34.77
C GLU M 48 -32.54 34.87 -34.43
N LYS M 49 -32.04 34.69 -33.20
CA LYS M 49 -31.57 33.39 -32.75
C LYS M 49 -31.44 33.39 -31.22
N VAL M 50 -31.37 32.17 -30.68
CA VAL M 50 -31.09 31.97 -29.27
C VAL M 50 -29.84 31.10 -29.16
N VAL M 51 -28.88 31.56 -28.35
CA VAL M 51 -27.65 30.83 -28.10
C VAL M 51 -27.68 30.31 -26.66
N PHE M 52 -27.52 29.00 -26.52
CA PHE M 52 -27.45 28.34 -25.22
C PHE M 52 -26.00 27.98 -24.94
N TRP M 53 -25.42 28.57 -23.89
CA TRP M 53 -24.04 28.32 -23.52
C TRP M 53 -23.97 27.25 -22.43
N LEU M 54 -23.72 26.00 -22.84
CA LEU M 54 -23.60 24.90 -21.89
C LEU M 54 -22.24 24.94 -21.21
N HIS M 55 -22.12 24.17 -20.13
CA HIS M 55 -20.88 24.00 -19.39
C HIS M 55 -19.78 23.45 -20.31
N ASP M 56 -18.54 23.87 -20.11
CA ASP M 56 -17.38 23.50 -20.91
C ASP M 56 -17.20 21.96 -20.97
N SER M 57 -17.81 21.24 -20.01
CA SER M 57 -17.70 19.79 -19.95
C SER M 57 -18.51 19.14 -21.08
N PHE M 58 -19.42 19.89 -21.69
CA PHE M 58 -20.14 19.40 -22.87
C PHE M 58 -19.29 19.65 -24.11
N PRO M 59 -19.30 18.74 -25.09
CA PRO M 59 -18.65 19.00 -26.38
C PRO M 59 -19.53 19.97 -27.18
N LYS M 60 -18.90 20.86 -27.94
CA LYS M 60 -19.59 21.90 -28.67
C LYS M 60 -20.62 22.56 -27.76
N PRO M 61 -20.18 23.22 -26.68
CA PRO M 61 -21.09 23.79 -25.68
C PRO M 61 -21.96 24.94 -26.15
N ARG M 62 -21.57 25.60 -27.25
CA ARG M 62 -22.32 26.73 -27.79
C ARG M 62 -23.39 26.22 -28.75
N ARG M 63 -24.64 26.17 -28.29
CA ARG M 63 -25.73 25.59 -29.05
C ARG M 63 -26.65 26.70 -29.57
N VAL M 64 -26.85 26.73 -30.89
CA VAL M 64 -27.57 27.82 -31.54
C VAL M 64 -28.85 27.27 -32.14
N CYS M 65 -29.97 27.95 -31.87
CA CYS M 65 -31.20 27.75 -32.60
C CYS M 65 -31.56 29.04 -33.33
N LYS M 66 -31.60 28.98 -34.67
CA LYS M 66 -31.91 30.13 -35.49
C LYS M 66 -33.41 30.21 -35.75
N GLU M 67 -34.15 29.19 -35.30
CA GLU M 67 -35.59 29.16 -35.50
C GLU M 67 -36.23 28.26 -34.44
N PRO M 68 -37.56 28.37 -34.23
CA PRO M 68 -38.25 27.56 -33.24
C PRO M 68 -38.20 26.08 -33.60
N PRO M 69 -38.26 25.15 -32.61
CA PRO M 69 -38.30 25.53 -31.19
C PRO M 69 -36.90 25.94 -30.73
N TYR M 70 -36.82 26.99 -29.91
CA TYR M 70 -35.55 27.40 -29.34
C TYR M 70 -35.33 26.54 -28.11
N LYS M 71 -34.52 25.48 -28.25
CA LYS M 71 -34.35 24.54 -27.14
C LYS M 71 -33.11 23.67 -27.32
N VAL M 72 -32.70 23.05 -26.21
CA VAL M 72 -31.64 22.05 -26.17
C VAL M 72 -32.16 20.89 -25.31
N GLU M 73 -32.00 19.67 -25.82
CA GLU M 73 -32.28 18.43 -25.09
C GLU M 73 -30.95 17.70 -24.88
N GLU M 74 -30.67 17.30 -23.64
CA GLU M 74 -29.38 16.71 -23.31
C GLU M 74 -29.53 15.68 -22.19
N SER M 75 -28.41 15.00 -21.93
CA SER M 75 -28.28 14.11 -20.77
C SER M 75 -27.01 14.49 -20.01
N GLY M 76 -27.04 14.35 -18.68
CA GLY M 76 -25.89 14.67 -17.87
C GLY M 76 -26.01 14.15 -16.44
N TYR M 77 -25.04 14.53 -15.60
CA TYR M 77 -24.94 14.04 -14.24
C TYR M 77 -25.08 15.16 -13.22
N ALA M 78 -25.08 16.43 -13.68
CA ALA M 78 -25.07 17.56 -12.75
C ALA M 78 -25.66 18.81 -13.38
N GLY M 79 -26.23 19.67 -12.52
CA GLY M 79 -26.76 20.97 -12.92
C GLY M 79 -25.68 22.04 -12.96
N PHE M 80 -26.02 23.20 -13.54
CA PHE M 80 -25.06 24.28 -13.73
C PHE M 80 -25.77 25.55 -14.19
N ILE M 81 -25.00 26.65 -14.23
CA ILE M 81 -25.48 27.93 -14.69
C ILE M 81 -25.26 28.02 -16.19
N MET M 82 -26.34 28.32 -16.92
CA MET M 82 -26.33 28.36 -18.37
C MET M 82 -26.68 29.76 -18.84
N PRO M 83 -25.71 30.55 -19.35
CA PRO M 83 -26.04 31.78 -20.07
C PRO M 83 -26.88 31.45 -21.29
N ILE M 84 -27.92 32.26 -21.49
CA ILE M 84 -28.77 32.16 -22.67
C ILE M 84 -28.89 33.55 -23.28
N GLU M 85 -28.39 33.69 -24.52
CA GLU M 85 -28.47 34.96 -25.22
C GLU M 85 -29.63 34.91 -26.21
N VAL M 86 -30.53 35.89 -26.14
CA VAL M 86 -31.58 36.03 -27.12
C VAL M 86 -31.24 37.24 -27.99
N HIS M 87 -31.02 36.99 -29.29
CA HIS M 87 -30.64 38.01 -30.25
C HIS M 87 -31.89 38.49 -30.98
N PHE M 88 -32.00 39.80 -31.23
CA PHE M 88 -33.20 40.38 -31.80
C PHE M 88 -32.96 40.74 -33.27
N LYS M 89 -34.05 40.75 -34.05
CA LYS M 89 -34.00 41.20 -35.43
C LYS M 89 -34.15 42.71 -35.44
N ASN M 90 -33.16 43.39 -34.84
CA ASN M 90 -33.18 44.81 -34.56
C ASN M 90 -31.96 45.44 -35.20
N LYS M 91 -32.05 46.71 -35.63
CA LYS M 91 -30.94 47.41 -36.27
C LYS M 91 -30.21 48.33 -35.30
N GLU M 92 -30.79 48.60 -34.12
CA GLU M 92 -30.14 49.45 -33.13
C GLU M 92 -30.14 48.71 -31.79
N GLU M 93 -29.58 49.36 -30.76
CA GLU M 93 -29.52 48.75 -29.44
C GLU M 93 -30.91 48.81 -28.80
N PRO M 94 -31.27 47.86 -27.91
CA PRO M 94 -30.45 46.67 -27.63
C PRO M 94 -30.54 45.61 -28.72
N ARG M 95 -29.43 44.99 -29.06
CA ARG M 95 -29.42 43.98 -30.15
C ARG M 95 -29.62 42.57 -29.57
N LYS M 96 -29.51 42.46 -28.24
CA LYS M 96 -29.68 41.16 -27.61
C LYS M 96 -29.81 41.37 -26.11
N VAL M 97 -30.17 40.28 -25.42
CA VAL M 97 -30.20 40.26 -23.97
C VAL M 97 -29.66 38.90 -23.54
N CYS M 98 -28.91 38.88 -22.43
CA CYS M 98 -28.32 37.66 -21.90
C CYS M 98 -28.94 37.35 -20.54
N PHE M 99 -29.69 36.23 -20.47
CA PHE M 99 -30.22 35.74 -19.22
C PHE M 99 -29.19 34.76 -18.65
N THR M 100 -29.12 34.63 -17.32
CA THR M 100 -28.34 33.58 -16.70
C THR M 100 -29.34 32.59 -16.08
N TYR M 101 -29.33 31.37 -16.60
CA TYR M 101 -30.37 30.40 -16.31
C TYR M 101 -29.79 29.31 -15.42
N ASP M 102 -30.51 28.99 -14.34
CA ASP M 102 -30.10 27.91 -13.41
C ASP M 102 -30.68 26.58 -13.86
N LEU M 103 -29.88 25.80 -14.54
CA LEU M 103 -30.29 24.46 -14.92
C LEU M 103 -29.99 23.49 -13.78
N PHE M 104 -30.99 23.28 -12.91
CA PHE M 104 -30.81 22.46 -11.73
C PHE M 104 -31.58 21.16 -11.94
N LEU M 105 -31.02 20.08 -11.37
CA LEU M 105 -31.58 18.75 -11.49
C LEU M 105 -32.29 18.39 -10.19
N ASN M 106 -33.14 17.37 -10.28
CA ASN M 106 -33.81 16.83 -9.11
C ASN M 106 -32.90 15.76 -8.50
N LEU M 107 -32.99 15.63 -7.17
CA LEU M 107 -32.29 14.57 -6.47
C LEU M 107 -33.13 13.29 -6.54
N GLU M 108 -32.44 12.16 -6.65
CA GLU M 108 -33.13 10.86 -6.79
C GLU M 108 -34.11 10.68 -5.63
N GLY M 109 -35.37 10.37 -5.96
CA GLY M 109 -36.41 10.22 -4.95
C GLY M 109 -37.36 11.41 -4.91
N ASN M 110 -36.91 12.55 -5.45
CA ASN M 110 -37.74 13.76 -5.51
C ASN M 110 -38.42 13.85 -6.87
N PRO M 111 -39.52 14.64 -7.00
CA PRO M 111 -40.22 14.76 -8.27
C PRO M 111 -39.35 15.34 -9.40
N PRO M 112 -39.70 15.09 -10.68
CA PRO M 112 -39.02 15.73 -11.81
C PRO M 112 -39.09 17.25 -11.70
N VAL M 113 -38.04 17.93 -12.17
CA VAL M 113 -38.05 19.38 -12.25
C VAL M 113 -38.97 19.77 -13.41
N ASN M 114 -39.81 20.77 -13.17
CA ASN M 114 -40.59 21.41 -14.21
C ASN M 114 -40.68 22.89 -13.88
N HIS M 115 -39.66 23.66 -14.29
CA HIS M 115 -39.49 25.03 -13.87
C HIS M 115 -39.85 25.98 -15.00
N LEU M 116 -40.62 27.02 -14.65
CA LEU M 116 -41.01 28.06 -15.60
C LEU M 116 -40.55 29.41 -15.07
N ARG M 117 -40.05 30.23 -15.99
CA ARG M 117 -39.53 31.55 -15.68
C ARG M 117 -40.02 32.52 -16.76
N CYS M 118 -40.81 33.51 -16.32
CA CYS M 118 -41.39 34.49 -17.23
C CYS M 118 -40.56 35.76 -17.19
N GLU M 119 -40.14 36.21 -18.38
CA GLU M 119 -39.34 37.41 -18.50
C GLU M 119 -40.13 38.42 -19.32
N LYS M 120 -39.90 39.69 -19.02
CA LYS M 120 -40.62 40.80 -19.63
C LYS M 120 -39.58 41.75 -20.23
N LEU M 121 -39.73 42.07 -21.51
CA LEU M 121 -38.79 42.96 -22.17
C LEU M 121 -39.54 44.22 -22.58
N THR M 122 -38.91 45.37 -22.28
CA THR M 122 -39.48 46.66 -22.61
C THR M 122 -38.55 47.34 -23.61
N PHE M 123 -39.10 47.72 -24.77
CA PHE M 123 -38.38 48.44 -25.79
C PHE M 123 -38.95 49.86 -25.92
N ASN M 124 -38.13 50.87 -25.64
CA ASN M 124 -38.56 52.26 -25.78
C ASN M 124 -38.25 52.74 -27.20
N ASN M 125 -39.24 53.39 -27.82
CA ASN M 125 -39.07 54.05 -29.11
C ASN M 125 -38.31 53.17 -30.08
N PRO M 126 -38.80 51.96 -30.41
CA PRO M 126 -38.17 51.14 -31.44
C PRO M 126 -38.42 51.77 -32.81
N THR M 127 -37.56 51.42 -33.78
CA THR M 127 -37.76 51.82 -35.16
C THR M 127 -39.14 51.30 -35.57
N THR M 128 -39.66 51.85 -36.67
CA THR M 128 -40.93 51.43 -37.22
C THR M 128 -40.86 49.94 -37.55
N GLU M 129 -39.78 49.56 -38.22
CA GLU M 129 -39.59 48.20 -38.69
C GLU M 129 -39.63 47.22 -37.52
N PHE M 130 -38.97 47.59 -36.41
CA PHE M 130 -38.82 46.68 -35.27
C PHE M 130 -40.10 46.67 -34.45
N ARG M 131 -40.82 47.80 -34.41
CA ARG M 131 -42.09 47.88 -33.70
C ARG M 131 -43.06 46.85 -34.28
N TYR M 132 -43.10 46.79 -35.61
CA TYR M 132 -44.00 45.89 -36.30
C TYR M 132 -43.67 44.44 -35.93
N LYS M 133 -42.37 44.12 -35.96
CA LYS M 133 -41.92 42.78 -35.61
C LYS M 133 -42.36 42.42 -34.19
N LEU M 134 -42.23 43.37 -33.26
CA LEU M 134 -42.59 43.11 -31.87
C LEU M 134 -44.09 42.88 -31.74
N LEU M 135 -44.89 43.61 -32.52
CA LEU M 135 -46.34 43.50 -32.41
C LEU M 135 -46.82 42.19 -33.02
N ARG M 136 -46.18 41.77 -34.12
CA ARG M 136 -46.52 40.50 -34.74
C ARG M 136 -46.18 39.34 -33.79
N ALA M 137 -45.27 39.57 -32.83
CA ALA M 137 -44.87 38.55 -31.88
C ALA M 137 -45.74 38.58 -30.62
N GLY M 138 -46.78 39.43 -30.61
CA GLY M 138 -47.67 39.50 -29.45
C GLY M 138 -47.25 40.58 -28.46
N GLY M 139 -46.42 41.53 -28.92
CA GLY M 139 -46.05 42.66 -28.09
C GLY M 139 -47.22 43.62 -27.93
N VAL M 140 -47.23 44.36 -26.82
CA VAL M 140 -48.29 45.29 -26.50
C VAL M 140 -47.66 46.65 -26.21
N MET M 141 -48.30 47.71 -26.72
CA MET M 141 -47.87 49.07 -26.41
C MET M 141 -48.33 49.42 -25.01
N VAL M 142 -47.46 50.06 -24.23
CA VAL M 142 -47.66 50.23 -22.81
C VAL M 142 -47.38 51.68 -22.46
N MET M 143 -47.82 52.11 -21.28
CA MET M 143 -47.41 53.38 -20.68
C MET M 143 -48.33 54.51 -21.14
N CYS N 4 53.79 -32.46 61.56
CA CYS N 4 52.47 -32.84 61.00
C CYS N 4 51.81 -31.69 60.22
N THR N 5 51.62 -31.85 58.92
CA THR N 5 50.86 -30.91 58.13
C THR N 5 49.75 -31.64 57.41
N VAL N 6 48.51 -31.16 57.58
CA VAL N 6 47.35 -31.80 56.98
C VAL N 6 46.71 -30.83 55.99
N GLN N 7 46.45 -31.37 54.79
CA GLN N 7 45.75 -30.65 53.73
C GLN N 7 44.38 -31.26 53.49
N VAL N 8 43.38 -30.41 53.34
CA VAL N 8 42.04 -30.81 52.94
C VAL N 8 41.63 -29.93 51.76
N ARG N 9 40.85 -30.51 50.85
CA ARG N 9 40.32 -29.79 49.71
C ARG N 9 38.87 -29.41 50.01
N LEU N 10 38.50 -28.18 49.64
CA LEU N 10 37.11 -27.75 49.60
C LEU N 10 36.76 -27.44 48.14
N GLU N 11 35.50 -27.70 47.79
CA GLU N 11 34.96 -27.27 46.52
C GLU N 11 33.88 -26.21 46.78
N LEU N 12 34.11 -25.00 46.25
CA LEU N 12 33.10 -23.97 46.16
C LEU N 12 32.64 -23.95 44.72
N GLY N 13 31.37 -23.60 44.50
CA GLY N 13 30.86 -23.49 43.15
C GLY N 13 29.45 -22.95 43.16
N HIS N 14 28.92 -22.72 41.95
CA HIS N 14 27.58 -22.20 41.80
C HIS N 14 27.05 -22.51 40.40
N ARG N 15 25.73 -22.59 40.29
CA ARG N 15 25.05 -22.65 39.00
C ARG N 15 24.08 -21.49 38.90
N ALA N 16 23.84 -21.04 37.67
CA ALA N 16 22.83 -20.02 37.41
C ALA N 16 22.27 -20.20 36.00
N GLN N 17 21.00 -19.87 35.84
CA GLN N 17 20.32 -19.96 34.55
C GLN N 17 19.12 -19.04 34.52
N LEU N 18 18.71 -18.67 33.30
CA LEU N 18 17.51 -17.88 33.10
C LEU N 18 16.31 -18.74 33.49
N ARG N 19 15.39 -18.16 34.27
CA ARG N 19 14.07 -18.75 34.46
C ARG N 19 13.30 -18.64 33.14
N LYS N 20 12.42 -19.62 32.89
CA LYS N 20 11.56 -19.57 31.73
C LYS N 20 10.53 -18.45 31.89
N LYS N 21 10.15 -18.19 33.14
CA LYS N 21 9.17 -17.17 33.45
C LYS N 21 9.72 -16.35 34.62
N PRO N 22 9.97 -15.02 34.43
CA PRO N 22 10.28 -14.14 35.55
C PRO N 22 9.24 -14.27 36.66
N THR N 23 9.69 -14.17 37.92
CA THR N 23 8.79 -14.20 39.07
C THR N 23 8.01 -12.89 39.09
N THR N 24 7.04 -12.79 40.00
CA THR N 24 6.21 -11.59 40.11
C THR N 24 7.07 -10.38 40.49
N GLU N 25 8.19 -10.61 41.21
CA GLU N 25 9.07 -9.54 41.63
C GLU N 25 9.98 -9.08 40.50
N GLY N 26 10.05 -9.85 39.40
CA GLY N 26 10.91 -9.53 38.27
C GLY N 26 12.27 -10.24 38.33
N PHE N 27 12.37 -11.30 39.14
CA PHE N 27 13.60 -12.07 39.27
C PHE N 27 13.76 -12.94 38.02
N THR N 28 14.90 -12.77 37.33
CA THR N 28 15.12 -13.34 36.01
C THR N 28 15.83 -14.69 36.09
N HIS N 29 16.56 -14.95 37.19
CA HIS N 29 17.43 -16.10 37.25
C HIS N 29 17.17 -16.94 38.51
N ASP N 30 17.46 -18.23 38.39
CA ASP N 30 17.66 -19.10 39.54
C ASP N 30 19.14 -19.41 39.67
N TRP N 31 19.61 -19.49 40.92
CA TRP N 31 20.99 -19.87 41.16
C TRP N 31 21.12 -20.69 42.43
N MET N 32 22.27 -21.36 42.53
CA MET N 32 22.58 -22.21 43.66
C MET N 32 24.08 -22.11 43.92
N VAL N 33 24.45 -21.89 45.19
CA VAL N 33 25.83 -21.79 45.62
C VAL N 33 26.10 -22.90 46.61
N PHE N 34 27.33 -23.45 46.62
CA PHE N 34 27.59 -24.57 47.53
C PHE N 34 29.05 -24.56 47.99
N VAL N 35 29.24 -25.14 49.18
CA VAL N 35 30.51 -25.58 49.68
C VAL N 35 30.38 -27.09 49.96
N ARG N 36 31.30 -27.87 49.41
CA ARG N 36 31.28 -29.31 49.63
C ARG N 36 32.70 -29.85 49.56
N GLY N 37 32.83 -31.14 49.93
CA GLY N 37 34.07 -31.87 49.80
C GLY N 37 34.14 -32.52 48.43
N PRO N 38 35.36 -32.82 47.90
CA PRO N 38 35.48 -33.58 46.64
C PRO N 38 35.00 -35.02 46.89
N GLU N 39 34.62 -35.72 45.82
CA GLU N 39 34.19 -37.10 45.90
C GLU N 39 33.33 -37.34 47.12
N GLN N 40 33.66 -38.39 47.89
CA GLN N 40 32.80 -38.75 49.04
C GLN N 40 33.24 -37.98 50.29
N CYS N 41 34.36 -37.25 50.21
CA CYS N 41 34.85 -36.56 51.38
C CYS N 41 33.65 -35.95 52.10
N ASP N 42 33.43 -36.38 53.35
CA ASP N 42 32.42 -35.76 54.20
C ASP N 42 33.14 -34.71 55.06
N ILE N 43 32.96 -33.43 54.68
CA ILE N 43 33.68 -32.33 55.32
C ILE N 43 33.06 -31.99 56.66
N GLN N 44 31.86 -32.54 56.92
CA GLN N 44 31.16 -32.35 58.18
C GLN N 44 32.00 -32.78 59.38
N HIS N 45 32.94 -33.70 59.16
CA HIS N 45 33.82 -34.14 60.23
C HIS N 45 34.61 -32.99 60.82
N PHE N 46 34.97 -31.99 59.99
CA PHE N 46 35.79 -30.88 60.48
C PHE N 46 35.10 -29.52 60.31
N VAL N 47 33.94 -29.45 59.66
CA VAL N 47 33.25 -28.19 59.44
C VAL N 47 32.07 -28.09 60.41
N GLU N 48 32.10 -27.06 61.26
CA GLU N 48 31.03 -26.78 62.20
C GLU N 48 29.82 -26.26 61.44
N LYS N 49 30.05 -25.23 60.61
CA LYS N 49 28.98 -24.62 59.84
C LYS N 49 29.57 -23.77 58.71
N VAL N 50 28.72 -23.46 57.73
CA VAL N 50 29.05 -22.55 56.66
C VAL N 50 28.03 -21.42 56.68
N VAL N 51 28.53 -20.17 56.66
CA VAL N 51 27.70 -18.98 56.63
C VAL N 51 27.84 -18.35 55.25
N PHE N 52 26.70 -18.17 54.57
CA PHE N 52 26.65 -17.50 53.29
C PHE N 52 26.09 -16.10 53.49
N TRP N 53 26.90 -15.07 53.19
CA TRP N 53 26.49 -13.69 53.35
C TRP N 53 25.98 -13.15 52.02
N LEU N 54 24.65 -13.14 51.84
CA LEU N 54 24.04 -12.62 50.63
C LEU N 54 24.02 -11.08 50.69
N HIS N 55 23.77 -10.48 49.52
CA HIS N 55 23.61 -9.05 49.37
C HIS N 55 22.47 -8.55 50.26
N ASP N 56 22.61 -7.35 50.83
CA ASP N 56 21.64 -6.78 51.75
C ASP N 56 20.25 -6.64 51.12
N SER N 57 20.17 -6.72 49.79
CA SER N 57 18.89 -6.65 49.07
C SER N 57 18.06 -7.91 49.30
N PHE N 58 18.69 -8.99 49.76
CA PHE N 58 17.97 -10.20 50.14
C PHE N 58 17.45 -10.05 51.57
N PRO N 59 16.24 -10.56 51.88
CA PRO N 59 15.77 -10.62 53.26
C PRO N 59 16.52 -11.73 53.99
N LYS N 60 16.81 -11.51 55.28
CA LYS N 60 17.60 -12.44 56.08
C LYS N 60 18.81 -12.89 55.25
N PRO N 61 19.74 -11.95 54.92
CA PRO N 61 20.87 -12.26 54.04
C PRO N 61 21.91 -13.22 54.61
N ARG N 62 21.94 -13.39 55.94
CA ARG N 62 22.89 -14.27 56.58
C ARG N 62 22.31 -15.67 56.65
N ARG N 63 22.78 -16.55 55.76
CA ARG N 63 22.23 -17.90 55.63
C ARG N 63 23.21 -18.92 56.20
N VAL N 64 22.74 -19.72 57.15
CA VAL N 64 23.60 -20.63 57.89
C VAL N 64 23.18 -22.06 57.54
N CYS N 65 24.18 -22.89 57.21
CA CYS N 65 24.00 -24.34 57.17
C CYS N 65 24.91 -24.96 58.21
N LYS N 66 24.31 -25.65 59.19
CA LYS N 66 25.07 -26.29 60.26
C LYS N 66 25.40 -27.73 59.88
N GLU N 67 24.86 -28.18 58.74
CA GLU N 67 25.11 -29.54 58.29
C GLU N 67 24.90 -29.62 56.77
N PRO N 68 25.42 -30.68 56.12
CA PRO N 68 25.28 -30.84 54.68
C PRO N 68 23.82 -30.98 54.27
N PRO N 69 23.44 -30.58 53.04
CA PRO N 69 24.36 -29.93 52.10
C PRO N 69 24.57 -28.48 52.51
N TYR N 70 25.82 -28.01 52.41
CA TYR N 70 26.11 -26.61 52.68
C TYR N 70 25.82 -25.84 51.39
N LYS N 71 24.62 -25.22 51.33
CA LYS N 71 24.23 -24.55 50.09
C LYS N 71 23.08 -23.58 50.32
N VAL N 72 22.90 -22.70 49.33
CA VAL N 72 21.78 -21.77 49.26
C VAL N 72 21.23 -21.85 47.83
N GLU N 73 19.91 -21.99 47.71
CA GLU N 73 19.21 -21.90 46.43
C GLU N 73 18.32 -20.66 46.47
N GLU N 74 18.41 -19.82 45.43
CA GLU N 74 17.71 -18.55 45.42
C GLU N 74 17.30 -18.17 44.00
N SER N 75 16.51 -17.10 43.93
CA SER N 75 16.17 -16.45 42.67
C SER N 75 16.49 -14.96 42.79
N GLY N 76 16.93 -14.36 41.68
CA GLY N 76 17.26 -12.94 41.69
C GLY N 76 17.42 -12.37 40.29
N TYR N 77 17.87 -11.11 40.24
CA TYR N 77 17.96 -10.37 38.99
C TYR N 77 19.41 -9.97 38.68
N ALA N 78 20.33 -10.16 39.63
CA ALA N 78 21.70 -9.68 39.45
C ALA N 78 22.71 -10.46 40.29
N GLY N 79 23.95 -10.51 39.80
CA GLY N 79 25.06 -11.16 40.50
C GLY N 79 25.71 -10.20 41.49
N PHE N 80 26.59 -10.75 42.34
CA PHE N 80 27.22 -9.98 43.41
C PHE N 80 28.32 -10.79 44.08
N ILE N 81 29.07 -10.11 44.95
CA ILE N 81 30.13 -10.73 45.73
C ILE N 81 29.54 -11.25 47.02
N MET N 82 29.78 -12.54 47.28
CA MET N 82 29.21 -13.24 48.43
C MET N 82 30.34 -13.73 49.33
N PRO N 83 30.58 -13.10 50.50
CA PRO N 83 31.45 -13.71 51.52
C PRO N 83 30.86 -15.04 51.95
N ILE N 84 31.74 -16.05 52.07
CA ILE N 84 31.37 -17.35 52.58
C ILE N 84 32.36 -17.72 53.67
N GLU N 85 31.86 -17.87 54.90
CA GLU N 85 32.70 -18.25 56.03
C GLU N 85 32.53 -19.74 56.30
N VAL N 86 33.64 -20.47 56.35
CA VAL N 86 33.62 -21.88 56.74
C VAL N 86 34.25 -21.97 58.12
N HIS N 87 33.43 -22.41 59.09
CA HIS N 87 33.84 -22.51 60.49
C HIS N 87 34.26 -23.96 60.77
N PHE N 88 35.32 -24.14 61.55
CA PHE N 88 35.91 -25.46 61.77
C PHE N 88 35.56 -25.95 63.18
N LYS N 89 35.50 -27.28 63.34
CA LYS N 89 35.32 -27.91 64.64
C LYS N 89 36.69 -28.01 65.30
N ASN N 90 37.29 -26.84 65.57
CA ASN N 90 38.66 -26.70 66.02
C ASN N 90 38.66 -25.93 67.34
N LYS N 91 39.61 -26.18 68.23
CA LYS N 91 39.68 -25.52 69.52
C LYS N 91 40.71 -24.40 69.53
N GLU N 92 41.57 -24.33 68.50
CA GLU N 92 42.57 -23.27 68.41
C GLU N 92 42.47 -22.64 67.03
N GLU N 93 43.32 -21.62 66.77
CA GLU N 93 43.31 -20.95 65.49
C GLU N 93 43.96 -21.84 64.43
N PRO N 94 43.59 -21.74 63.15
CA PRO N 94 42.46 -20.91 62.70
C PRO N 94 41.10 -21.55 62.99
N ARG N 95 40.16 -20.72 63.44
CA ARG N 95 38.82 -21.15 63.80
C ARG N 95 37.91 -21.20 62.58
N LYS N 96 38.28 -20.47 61.53
CA LYS N 96 37.45 -20.34 60.36
C LYS N 96 38.29 -19.72 59.24
N VAL N 97 37.70 -19.72 58.04
CA VAL N 97 38.28 -19.05 56.89
C VAL N 97 37.14 -18.39 56.14
N CYS N 98 37.41 -17.22 55.57
CA CYS N 98 36.41 -16.48 54.82
C CYS N 98 36.85 -16.37 53.36
N PHE N 99 36.08 -17.02 52.46
CA PHE N 99 36.31 -16.87 51.03
C PHE N 99 35.42 -15.74 50.55
N THR N 100 35.84 -15.04 49.48
CA THR N 100 34.99 -14.08 48.82
C THR N 100 34.62 -14.68 47.46
N TYR N 101 33.32 -14.95 47.28
CA TYR N 101 32.84 -15.74 46.16
C TYR N 101 32.11 -14.82 45.18
N ASP N 102 32.47 -14.95 43.90
CA ASP N 102 31.81 -14.18 42.83
C ASP N 102 30.58 -14.94 42.32
N LEU N 103 29.41 -14.57 42.79
CA LEU N 103 28.19 -15.13 42.27
C LEU N 103 27.74 -14.35 41.03
N PHE N 104 28.15 -14.81 39.85
CA PHE N 104 27.88 -14.10 38.62
C PHE N 104 26.84 -14.90 37.84
N LEU N 105 25.98 -14.16 37.12
CA LEU N 105 24.90 -14.75 36.36
C LEU N 105 25.29 -14.75 34.87
N ASN N 106 24.57 -15.55 34.11
CA ASN N 106 24.72 -15.59 32.67
C ASN N 106 23.82 -14.53 32.05
N LEU N 107 24.26 -13.98 30.92
CA LEU N 107 23.46 -13.05 30.15
C LEU N 107 22.50 -13.84 29.27
N GLU N 108 21.30 -13.30 29.06
CA GLU N 108 20.26 -13.99 28.30
C GLU N 108 20.79 -14.29 26.90
N GLY N 109 20.71 -15.57 26.50
CA GLY N 109 21.24 -16.01 25.22
C GLY N 109 22.51 -16.82 25.37
N ASN N 110 23.20 -16.67 26.52
CA ASN N 110 24.44 -17.39 26.79
C ASN N 110 24.13 -18.64 27.61
N PRO N 111 25.04 -19.65 27.63
CA PRO N 111 24.81 -20.87 28.39
C PRO N 111 24.66 -20.64 29.88
N PRO N 112 24.00 -21.56 30.63
CA PRO N 112 23.94 -21.49 32.08
C PRO N 112 25.34 -21.46 32.68
N VAL N 113 25.49 -20.76 33.81
CA VAL N 113 26.73 -20.77 34.56
C VAL N 113 26.83 -22.11 35.26
N ASN N 114 28.02 -22.71 35.20
CA ASN N 114 28.34 -23.88 35.99
C ASN N 114 29.81 -23.78 36.42
N HIS N 115 30.05 -23.08 37.53
CA HIS N 115 31.39 -22.69 37.93
C HIS N 115 31.84 -23.54 39.11
N LEU N 116 33.09 -24.01 39.04
CA LEU N 116 33.69 -24.79 40.11
C LEU N 116 35.00 -24.12 40.54
N ARG N 117 35.21 -24.10 41.85
CA ARG N 117 36.37 -23.47 42.44
C ARG N 117 36.90 -24.38 43.54
N CYS N 118 38.15 -24.85 43.36
CA CYS N 118 38.77 -25.77 44.30
C CYS N 118 39.69 -24.98 45.22
N GLU N 119 39.48 -25.17 46.53
CA GLU N 119 40.29 -24.50 47.53
C GLU N 119 41.02 -25.56 48.32
N LYS N 120 42.19 -25.17 48.81
CA LYS N 120 43.10 -26.07 49.51
C LYS N 120 43.44 -25.43 50.85
N LEU N 121 43.23 -26.19 51.92
CA LEU N 121 43.47 -25.66 53.26
C LEU N 121 44.60 -26.49 53.88
N THR N 122 45.58 -25.80 54.47
CA THR N 122 46.72 -26.43 55.09
C THR N 122 46.69 -26.07 56.57
N PHE N 123 46.68 -27.11 57.41
CA PHE N 123 46.72 -26.95 58.85
C PHE N 123 48.06 -27.49 59.37
N ASN N 124 48.88 -26.62 59.98
CA ASN N 124 50.14 -27.04 60.56
C ASN N 124 49.91 -27.43 62.01
N ASN N 125 50.47 -28.60 62.40
CA ASN N 125 50.48 -29.07 63.76
C ASN N 125 49.12 -28.88 64.42
N PRO N 126 48.04 -29.49 63.89
CA PRO N 126 46.74 -29.44 64.56
C PRO N 126 46.79 -30.31 65.81
N THR N 127 45.88 -30.05 66.75
CA THR N 127 45.71 -30.90 67.91
C THR N 127 45.43 -32.30 67.39
N THR N 128 45.59 -33.29 68.29
CA THR N 128 45.32 -34.68 67.96
C THR N 128 43.85 -34.80 67.55
N GLU N 129 42.98 -34.19 68.34
CA GLU N 129 41.53 -34.28 68.15
C GLU N 129 41.16 -33.76 66.77
N PHE N 130 41.77 -32.63 66.36
CA PHE N 130 41.39 -31.97 65.13
C PHE N 130 42.02 -32.68 63.93
N ARG N 131 43.21 -33.26 64.14
CA ARG N 131 43.88 -34.01 63.09
C ARG N 131 42.98 -35.17 62.64
N TYR N 132 42.39 -35.86 63.64
CA TYR N 132 41.54 -37.01 63.36
C TYR N 132 40.34 -36.57 62.55
N LYS N 133 39.72 -35.45 62.95
CA LYS N 133 38.57 -34.91 62.25
C LYS N 133 38.94 -34.62 60.79
N LEU N 134 40.12 -34.03 60.56
CA LEU N 134 40.54 -33.67 59.21
C LEU N 134 40.76 -34.94 58.38
N LEU N 135 41.28 -36.00 59.00
CA LEU N 135 41.59 -37.21 58.26
C LEU N 135 40.30 -37.96 57.91
N ARG N 136 39.33 -37.94 58.83
CA ARG N 136 38.03 -38.56 58.57
C ARG N 136 37.32 -37.82 57.43
N ALA N 137 37.69 -36.56 57.18
CA ALA N 137 37.09 -35.78 56.12
C ALA N 137 37.83 -35.94 54.80
N GLY N 138 38.84 -36.82 54.75
CA GLY N 138 39.60 -37.04 53.52
C GLY N 138 40.84 -36.16 53.44
N GLY N 139 41.29 -35.64 54.58
CA GLY N 139 42.53 -34.89 54.63
C GLY N 139 43.72 -35.84 54.49
N VAL N 140 44.83 -35.29 53.99
CA VAL N 140 46.04 -36.05 53.75
C VAL N 140 47.21 -35.34 54.44
N MET N 141 48.10 -36.11 55.06
CA MET N 141 49.33 -35.57 55.62
C MET N 141 50.29 -35.27 54.49
N VAL N 142 50.96 -34.09 54.55
CA VAL N 142 51.66 -33.60 53.38
C VAL N 142 53.15 -33.47 53.65
N MET N 143 53.60 -32.42 54.34
CA MET N 143 55.05 -32.18 54.53
C MET N 143 55.26 -30.77 55.11
N CYS O 4 74.09 -29.18 18.76
CA CYS O 4 73.80 -29.43 17.34
C CYS O 4 73.05 -28.25 16.70
N THR O 5 73.14 -28.26 15.39
CA THR O 5 72.45 -27.30 14.52
C THR O 5 71.74 -28.07 13.41
N VAL O 6 70.43 -27.88 13.30
CA VAL O 6 69.60 -28.63 12.37
C VAL O 6 69.00 -27.65 11.36
N GLN O 7 69.12 -28.03 10.08
CA GLN O 7 68.58 -27.29 8.96
C GLN O 7 67.46 -28.09 8.31
N VAL O 8 66.34 -27.42 8.00
CA VAL O 8 65.24 -28.02 7.26
C VAL O 8 64.89 -27.08 6.11
N ARG O 9 64.47 -27.66 4.99
CA ARG O 9 64.08 -26.90 3.83
C ARG O 9 62.56 -26.82 3.75
N LEU O 10 62.06 -25.63 3.42
CA LEU O 10 60.66 -25.44 3.05
C LEU O 10 60.60 -24.96 1.61
N GLU O 11 59.53 -25.35 0.91
CA GLU O 11 59.21 -24.82 -0.40
C GLU O 11 57.93 -24.00 -0.30
N LEU O 12 58.05 -22.71 -0.62
CA LEU O 12 56.90 -21.84 -0.85
C LEU O 12 56.77 -21.68 -2.36
N GLY O 13 55.54 -21.54 -2.84
CA GLY O 13 55.33 -21.31 -4.24
C GLY O 13 53.86 -21.00 -4.53
N HIS O 14 53.58 -20.68 -5.79
CA HIS O 14 52.23 -20.36 -6.20
C HIS O 14 52.08 -20.54 -7.70
N ARG O 15 50.85 -20.80 -8.13
CA ARG O 15 50.49 -20.80 -9.54
C ARG O 15 49.37 -19.78 -9.75
N ALA O 16 49.32 -19.21 -10.95
CA ALA O 16 48.25 -18.32 -11.34
C ALA O 16 48.05 -18.38 -12.85
N GLN O 17 46.80 -18.22 -13.28
CA GLN O 17 46.46 -18.22 -14.70
C GLN O 17 45.14 -17.48 -14.91
N LEU O 18 44.95 -17.00 -16.15
CA LEU O 18 43.69 -16.39 -16.54
C LEU O 18 42.62 -17.46 -16.53
N ARG O 19 41.46 -17.14 -15.95
CA ARG O 19 40.26 -17.93 -16.13
C ARG O 19 39.78 -17.75 -17.57
N LYS O 20 39.16 -18.80 -18.13
CA LYS O 20 38.59 -18.72 -19.46
CA LYS O 20 38.60 -18.71 -19.47
C LYS O 20 37.36 -17.83 -19.42
N LYS O 21 36.68 -17.82 -18.28
CA LYS O 21 35.48 -17.03 -18.09
C LYS O 21 35.59 -16.29 -16.75
N PRO O 22 35.63 -14.94 -16.75
CA PRO O 22 35.53 -14.18 -15.50
C PRO O 22 34.32 -14.63 -14.66
N THR O 23 34.48 -14.62 -13.34
CA THR O 23 33.38 -14.94 -12.43
C THR O 23 32.38 -13.80 -12.47
N THR O 24 31.24 -13.97 -11.80
CA THR O 24 30.20 -12.96 -11.77
C THR O 24 30.72 -11.68 -11.10
N GLU O 25 31.68 -11.82 -10.18
CA GLU O 25 32.25 -10.67 -9.48
C GLU O 25 33.28 -9.94 -10.33
N GLY O 26 33.70 -10.55 -11.45
CA GLY O 26 34.72 -9.97 -12.32
C GLY O 26 36.14 -10.44 -12.02
N PHE O 27 36.27 -11.56 -11.29
CA PHE O 27 37.58 -12.12 -10.95
C PHE O 27 38.16 -12.79 -12.20
N THR O 28 39.37 -12.36 -12.57
CA THR O 28 39.98 -12.70 -13.85
C THR O 28 40.89 -13.92 -13.73
N HIS O 29 41.37 -14.24 -12.52
CA HIS O 29 42.41 -15.25 -12.37
C HIS O 29 42.03 -16.28 -11.31
N ASP O 30 42.56 -17.48 -11.49
CA ASP O 30 42.64 -18.47 -10.43
C ASP O 30 44.09 -18.58 -9.97
N TRP O 31 44.29 -18.76 -8.67
CA TRP O 31 45.62 -18.95 -8.15
C TRP O 31 45.62 -19.91 -6.97
N MET O 32 46.82 -20.40 -6.67
CA MET O 32 47.02 -21.35 -5.60
C MET O 32 48.39 -21.06 -4.98
N VAL O 33 48.42 -20.97 -3.64
CA VAL O 33 49.65 -20.73 -2.89
C VAL O 33 49.89 -21.93 -1.98
N PHE O 34 51.15 -22.30 -1.77
CA PHE O 34 51.43 -23.46 -0.95
C PHE O 34 52.72 -23.30 -0.16
N VAL O 35 52.74 -24.02 0.97
CA VAL O 35 53.94 -24.36 1.71
C VAL O 35 54.01 -25.88 1.75
N ARG O 36 55.16 -26.44 1.35
CA ARG O 36 55.37 -27.86 1.38
C ARG O 36 56.84 -28.17 1.61
N GLY O 37 57.15 -29.45 1.83
CA GLY O 37 58.53 -29.90 1.91
C GLY O 37 59.06 -30.28 0.53
N PRO O 38 60.39 -30.28 0.31
CA PRO O 38 60.89 -30.83 -0.93
C PRO O 38 60.50 -32.32 -1.04
N GLU O 39 60.77 -32.92 -2.19
CA GLU O 39 60.43 -34.33 -2.45
C GLU O 39 60.94 -35.22 -1.31
N GLN O 40 60.04 -36.06 -0.78
CA GLN O 40 60.31 -37.07 0.22
C GLN O 40 60.27 -36.50 1.64
N CYS O 41 59.95 -35.21 1.80
CA CYS O 41 59.97 -34.59 3.11
C CYS O 41 58.54 -34.28 3.53
N ASP O 42 58.09 -34.92 4.62
CA ASP O 42 56.81 -34.59 5.24
C ASP O 42 57.07 -33.58 6.35
N ILE O 43 56.74 -32.31 6.10
CA ILE O 43 57.05 -31.23 7.03
C ILE O 43 56.07 -31.23 8.21
N GLN O 44 54.98 -32.00 8.08
CA GLN O 44 53.99 -32.14 9.13
C GLN O 44 54.59 -32.63 10.43
N HIS O 45 55.73 -33.34 10.35
CA HIS O 45 56.41 -33.81 11.55
C HIS O 45 56.79 -32.65 12.47
N PHE O 46 57.12 -31.47 11.90
CA PHE O 46 57.56 -30.35 12.72
C PHE O 46 56.68 -29.12 12.55
N VAL O 47 55.71 -29.13 11.63
CA VAL O 47 54.87 -27.97 11.41
C VAL O 47 53.51 -28.22 12.06
N GLU O 48 53.14 -27.35 13.00
CA GLU O 48 51.84 -27.40 13.66
C GLU O 48 50.77 -26.94 12.67
N LYS O 49 50.99 -25.77 12.07
CA LYS O 49 50.03 -25.19 11.15
C LYS O 49 50.68 -24.09 10.31
N VAL O 50 50.04 -23.76 9.21
CA VAL O 50 50.43 -22.65 8.37
C VAL O 50 49.25 -21.69 8.25
N VAL O 51 49.52 -20.40 8.51
CA VAL O 51 48.52 -19.35 8.40
C VAL O 51 48.86 -18.49 7.18
N PHE O 52 47.88 -18.38 6.27
CA PHE O 52 48.01 -17.53 5.10
C PHE O 52 47.18 -16.27 5.33
N TRP O 53 47.85 -15.11 5.35
CA TRP O 53 47.17 -13.83 5.54
C TRP O 53 46.88 -13.19 4.20
N LEU O 54 45.64 -13.34 3.72
CA LEU O 54 45.23 -12.72 2.47
C LEU O 54 44.95 -11.24 2.68
N HIS O 55 44.85 -10.52 1.56
CA HIS O 55 44.50 -9.10 1.54
C HIS O 55 43.12 -8.92 2.17
N ASP O 56 42.94 -7.79 2.90
CA ASP O 56 41.70 -7.47 3.60
C ASP O 56 40.49 -7.46 2.67
N SER O 57 40.70 -7.37 1.36
CA SER O 57 39.63 -7.38 0.38
C SER O 57 38.99 -8.76 0.28
N PHE O 58 39.67 -9.80 0.76
CA PHE O 58 39.10 -11.13 0.83
C PHE O 58 38.27 -11.25 2.10
N PRO O 59 37.13 -11.96 2.07
CA PRO O 59 36.39 -12.27 3.30
C PRO O 59 37.13 -13.37 4.04
N LYS O 60 37.11 -13.30 5.38
CA LYS O 60 37.84 -14.21 6.24
C LYS O 60 39.26 -14.37 5.69
N PRO O 61 40.06 -13.28 5.68
CA PRO O 61 41.39 -13.31 5.06
C PRO O 61 42.44 -14.19 5.75
N ARG O 62 42.20 -14.55 7.01
CA ARG O 62 43.12 -15.38 7.77
C ARG O 62 42.79 -16.85 7.54
N ARG O 63 43.58 -17.52 6.68
CA ARG O 63 43.31 -18.89 6.27
C ARG O 63 44.30 -19.85 6.92
N VAL O 64 43.78 -20.85 7.64
CA VAL O 64 44.61 -21.74 8.44
C VAL O 64 44.53 -23.15 7.86
N CYS O 65 45.71 -23.77 7.70
CA CYS O 65 45.80 -25.20 7.43
C CYS O 65 46.56 -25.86 8.57
N LYS O 66 45.88 -26.78 9.27
CA LYS O 66 46.47 -27.47 10.41
C LYS O 66 47.13 -28.76 9.96
N GLU O 67 46.98 -29.11 8.68
CA GLU O 67 47.58 -30.33 8.15
C GLU O 67 47.74 -30.20 6.65
N PRO O 68 48.57 -31.04 6.01
CA PRO O 68 48.77 -30.99 4.57
C PRO O 68 47.48 -31.29 3.81
N PRO O 69 47.30 -30.76 2.58
CA PRO O 69 48.25 -29.83 1.97
C PRO O 69 48.13 -28.46 2.60
N TYR O 70 49.26 -27.79 2.86
CA TYR O 70 49.23 -26.44 3.38
C TYR O 70 49.09 -25.51 2.18
N LYS O 71 47.85 -25.07 1.90
CA LYS O 71 47.61 -24.29 0.70
C LYS O 71 46.28 -23.54 0.76
N VAL O 72 46.18 -22.55 -0.13
CA VAL O 72 44.96 -21.79 -0.36
C VAL O 72 44.74 -21.74 -1.87
N GLU O 73 43.51 -22.06 -2.29
CA GLU O 73 43.09 -21.91 -3.68
C GLU O 73 42.02 -20.84 -3.73
N GLU O 74 42.19 -19.86 -4.62
CA GLU O 74 41.31 -18.70 -4.68
C GLU O 74 41.17 -18.19 -6.10
N SER O 75 40.22 -17.26 -6.25
CA SER O 75 40.04 -16.49 -7.49
C SER O 75 40.09 -15.00 -7.14
N GLY O 76 40.64 -14.20 -8.05
CA GLY O 76 40.72 -12.77 -7.82
C GLY O 76 41.08 -12.00 -9.09
N TYR O 77 41.33 -10.69 -8.90
CA TYR O 77 41.57 -9.78 -10.00
C TYR O 77 42.96 -9.15 -9.90
N ALA O 78 43.67 -9.34 -8.76
CA ALA O 78 44.94 -8.64 -8.57
C ALA O 78 45.85 -9.38 -7.60
N GLY O 79 47.16 -9.19 -7.78
CA GLY O 79 48.19 -9.73 -6.92
C GLY O 79 48.44 -8.83 -5.71
N PHE O 80 49.21 -9.35 -4.73
CA PHE O 80 49.45 -8.64 -3.47
C PHE O 80 50.50 -9.37 -2.64
N ILE O 81 50.91 -8.73 -1.56
CA ILE O 81 51.87 -9.30 -0.61
C ILE O 81 51.10 -10.08 0.45
N MET O 82 51.49 -11.35 0.62
CA MET O 82 50.81 -12.26 1.51
C MET O 82 51.77 -12.73 2.60
N PRO O 83 51.62 -12.25 3.85
CA PRO O 83 52.32 -12.85 4.99
C PRO O 83 51.92 -14.31 5.12
N ILE O 84 52.91 -15.18 5.35
CA ILE O 84 52.67 -16.59 5.60
C ILE O 84 53.43 -16.97 6.87
N GLU O 85 52.69 -17.38 7.91
CA GLU O 85 53.30 -17.81 9.16
C GLU O 85 53.35 -19.33 9.21
N VAL O 86 54.54 -19.87 9.46
CA VAL O 86 54.68 -21.30 9.68
C VAL O 86 54.95 -21.52 11.17
N HIS O 87 54.02 -22.22 11.83
CA HIS O 87 54.10 -22.51 13.25
C HIS O 87 54.70 -23.90 13.46
N PHE O 88 55.56 -24.05 14.46
CA PHE O 88 56.31 -25.28 14.67
C PHE O 88 55.75 -26.05 15.86
N LYS O 89 55.92 -27.38 15.85
CA LYS O 89 55.54 -28.22 16.95
C LYS O 89 56.65 -28.23 17.99
N ASN O 90 56.92 -27.03 18.54
CA ASN O 90 58.09 -26.77 19.37
C ASN O 90 57.60 -26.18 20.68
N LYS O 91 58.33 -26.49 21.77
CA LYS O 91 57.92 -26.04 23.11
C LYS O 91 58.73 -24.83 23.55
N GLU O 92 59.81 -24.47 22.82
CA GLU O 92 60.56 -23.26 23.12
C GLU O 92 60.68 -22.44 21.86
N GLU O 93 61.32 -21.27 21.96
CA GLU O 93 61.49 -20.40 20.81
C GLU O 93 62.56 -20.97 19.88
N PRO O 94 62.51 -20.72 18.56
CA PRO O 94 61.39 -20.02 17.91
C PRO O 94 60.15 -20.90 17.76
N ARG O 95 58.99 -20.30 18.01
CA ARG O 95 57.70 -20.95 17.92
C ARG O 95 57.19 -20.93 16.48
N LYS O 96 57.68 -19.97 15.68
CA LYS O 96 57.16 -19.77 14.35
C LYS O 96 58.09 -18.87 13.56
N VAL O 97 57.84 -18.78 12.25
CA VAL O 97 58.55 -17.85 11.39
C VAL O 97 57.53 -17.27 10.41
N CYS O 98 57.71 -15.99 10.04
CA CYS O 98 56.80 -15.31 9.13
CA CYS O 98 56.81 -15.31 9.12
C CYS O 98 57.55 -14.95 7.84
N PHE O 99 57.15 -15.55 6.72
CA PHE O 99 57.65 -15.16 5.42
C PHE O 99 56.72 -14.09 4.85
N THR O 100 57.24 -13.21 3.99
CA THR O 100 56.41 -12.31 3.21
C THR O 100 56.46 -12.76 1.75
N TYR O 101 55.31 -13.20 1.24
CA TYR O 101 55.24 -13.86 -0.05
C TYR O 101 54.59 -12.94 -1.08
N ASP O 102 55.22 -12.83 -2.25
CA ASP O 102 54.69 -12.02 -3.34
C ASP O 102 53.78 -12.89 -4.20
N LEU O 103 52.48 -12.74 -4.01
CA LEU O 103 51.50 -13.40 -4.85
C LEU O 103 51.20 -12.52 -6.07
N PHE O 104 51.94 -12.76 -7.16
CA PHE O 104 51.81 -11.95 -8.35
C PHE O 104 51.11 -12.78 -9.42
N LEU O 105 50.31 -12.09 -10.24
CA LEU O 105 49.55 -12.72 -11.30
C LEU O 105 50.24 -12.47 -12.63
N ASN O 106 49.86 -13.25 -13.63
CA ASN O 106 50.34 -13.06 -14.98
C ASN O 106 49.43 -12.05 -15.68
N LEU O 107 50.04 -11.28 -16.60
CA LEU O 107 49.30 -10.34 -17.41
C LEU O 107 48.75 -11.09 -18.62
N GLU O 108 47.56 -10.68 -19.07
CA GLU O 108 46.91 -11.29 -20.22
C GLU O 108 47.85 -11.31 -21.43
N GLY O 109 48.06 -12.50 -21.99
CA GLY O 109 48.97 -12.68 -23.10
C GLY O 109 50.25 -13.40 -22.67
N ASN O 110 50.57 -13.35 -21.38
CA ASN O 110 51.81 -13.94 -20.86
C ASN O 110 51.51 -15.34 -20.31
N PRO O 111 52.54 -16.21 -20.18
CA PRO O 111 52.34 -17.56 -19.65
C PRO O 111 51.80 -17.57 -18.21
N PRO O 112 51.16 -18.68 -17.78
CA PRO O 112 50.75 -18.83 -16.37
C PRO O 112 51.96 -18.70 -15.45
N VAL O 113 51.72 -18.15 -14.25
CA VAL O 113 52.74 -18.09 -13.23
C VAL O 113 52.92 -19.50 -12.67
N ASN O 114 54.18 -19.90 -12.51
CA ASN O 114 54.52 -21.11 -11.79
C ASN O 114 55.81 -20.85 -11.03
N HIS O 115 55.68 -20.27 -9.82
CA HIS O 115 56.82 -19.76 -9.08
C HIS O 115 57.14 -20.68 -7.91
N LEU O 116 58.45 -20.96 -7.74
CA LEU O 116 58.94 -21.73 -6.63
C LEU O 116 59.97 -20.93 -5.85
N ARG O 117 59.89 -21.05 -4.51
CA ARG O 117 60.79 -20.35 -3.61
C ARG O 117 61.20 -21.31 -2.50
N CYS O 118 62.52 -21.57 -2.41
CA CYS O 118 63.07 -22.50 -1.44
C CYS O 118 63.60 -21.72 -0.25
N GLU O 119 63.17 -22.11 0.95
CA GLU O 119 63.61 -21.46 2.17
C GLU O 119 64.32 -22.50 3.03
N LYS O 120 65.26 -22.00 3.84
CA LYS O 120 66.08 -22.81 4.71
C LYS O 120 65.91 -22.28 6.13
N LEU O 121 65.61 -23.19 7.07
CA LEU O 121 65.46 -22.82 8.47
C LEU O 121 66.54 -23.50 9.29
N THR O 122 67.15 -22.75 10.20
CA THR O 122 68.23 -23.24 11.03
C THR O 122 67.78 -23.17 12.48
N PHE O 123 67.83 -24.31 13.16
CA PHE O 123 67.49 -24.42 14.57
C PHE O 123 68.74 -24.77 15.37
N ASN O 124 69.14 -23.90 16.30
CA ASN O 124 70.28 -24.19 17.18
C ASN O 124 69.79 -24.91 18.43
N ASN O 125 70.49 -26.00 18.79
CA ASN O 125 70.29 -26.72 20.03
C ASN O 125 68.81 -26.93 20.32
N PRO O 126 68.05 -27.61 19.44
CA PRO O 126 66.65 -27.94 19.75
C PRO O 126 66.62 -29.02 20.83
N THR O 127 65.48 -29.10 21.55
CA THR O 127 65.24 -30.20 22.47
C THR O 127 65.38 -31.50 21.69
N THR O 128 65.54 -32.60 22.44
CA THR O 128 65.63 -33.94 21.85
C THR O 128 64.34 -34.20 21.08
N GLU O 129 63.19 -33.88 21.70
CA GLU O 129 61.89 -34.17 21.13
C GLU O 129 61.75 -33.44 19.79
N PHE O 130 62.20 -32.19 19.73
CA PHE O 130 62.00 -31.36 18.55
C PHE O 130 63.01 -31.73 17.46
N ARG O 131 64.21 -32.16 17.89
CA ARG O 131 65.24 -32.60 16.96
C ARG O 131 64.73 -33.78 16.15
N TYR O 132 64.07 -34.73 16.84
CA TYR O 132 63.54 -35.92 16.21
C TYR O 132 62.51 -35.51 15.15
N LYS O 133 61.61 -34.59 15.52
CA LYS O 133 60.59 -34.13 14.61
C LYS O 133 61.24 -33.51 13.35
N LEU O 134 62.30 -32.72 13.54
CA LEU O 134 62.96 -32.07 12.42
C LEU O 134 63.61 -33.12 11.52
N LEU O 135 64.17 -34.18 12.10
CA LEU O 135 64.89 -35.17 11.32
C LEU O 135 63.90 -36.04 10.54
N ARG O 136 62.72 -36.27 11.11
N ARG O 136 62.71 -36.28 11.11
CA ARG O 136 61.69 -37.11 10.43
CA ARG O 136 61.69 -37.11 10.43
C ARG O 136 61.09 -36.29 9.28
C ARG O 136 61.09 -36.29 9.28
N ALA O 137 61.32 -34.97 9.31
CA ALA O 137 60.85 -34.13 8.23
C ALA O 137 61.93 -33.92 7.16
N GLY O 138 63.07 -34.59 7.28
CA GLY O 138 64.13 -34.47 6.30
C GLY O 138 65.18 -33.41 6.68
N GLY O 139 65.21 -33.04 7.96
CA GLY O 139 66.22 -32.12 8.45
C GLY O 139 67.58 -32.80 8.53
N VAL O 140 68.64 -31.98 8.46
CA VAL O 140 70.01 -32.47 8.48
C VAL O 140 70.77 -31.67 9.55
N MET O 141 71.62 -32.38 10.31
CA MET O 141 72.52 -31.69 11.26
C MET O 141 73.65 -31.08 10.45
N VAL O 142 74.07 -29.89 10.82
CA VAL O 142 75.09 -29.15 10.10
C VAL O 142 76.18 -28.74 11.09
N MET O 143 77.44 -28.78 10.65
CA MET O 143 78.60 -28.40 11.46
C MET O 143 79.77 -29.39 11.24
N CYS P 4 -63.48 53.29 15.50
CA CYS P 4 -64.21 52.35 16.36
C CYS P 4 -63.27 51.37 17.05
N THR P 5 -63.81 50.84 18.13
CA THR P 5 -63.14 49.82 18.95
C THR P 5 -64.12 48.69 19.22
N VAL P 6 -63.73 47.47 18.85
CA VAL P 6 -64.61 46.32 18.87
C VAL P 6 -64.03 45.28 19.83
N GLN P 7 -64.93 44.74 20.67
CA GLN P 7 -64.58 43.73 21.66
C GLN P 7 -65.30 42.43 21.32
N VAL P 8 -64.58 41.31 21.40
CA VAL P 8 -65.12 39.97 21.18
C VAL P 8 -64.67 39.08 22.33
N ARG P 9 -65.54 38.15 22.74
CA ARG P 9 -65.28 37.30 23.88
C ARG P 9 -64.86 35.92 23.39
N LEU P 10 -63.83 35.34 24.03
CA LEU P 10 -63.47 33.95 23.84
C LEU P 10 -63.62 33.22 25.15
N GLU P 11 -63.98 31.93 25.08
CA GLU P 11 -63.98 31.04 26.22
C GLU P 11 -62.91 29.97 26.01
N LEU P 12 -61.94 29.94 26.93
CA LEU P 12 -61.00 28.83 27.07
C LEU P 12 -61.46 28.01 28.26
N GLY P 13 -61.22 26.70 28.20
CA GLY P 13 -61.55 25.84 29.32
C GLY P 13 -61.03 24.43 29.08
N HIS P 14 -61.20 23.58 30.10
CA HIS P 14 -60.74 22.21 30.02
C HIS P 14 -61.48 21.35 31.06
N ARG P 15 -61.58 20.06 30.76
CA ARG P 15 -62.08 19.07 31.70
C ARG P 15 -61.01 18.00 31.90
N ALA P 16 -61.00 17.39 33.08
CA ALA P 16 -60.11 16.28 33.37
C ALA P 16 -60.75 15.39 34.43
N GLN P 17 -60.48 14.09 34.34
CA GLN P 17 -60.99 13.12 35.31
C GLN P 17 -60.11 11.88 35.30
N LEU P 18 -60.16 11.14 36.42
CA LEU P 18 -59.47 9.88 36.53
C LEU P 18 -60.15 8.89 35.58
N ARG P 19 -59.32 8.15 34.83
CA ARG P 19 -59.80 6.97 34.12
C ARG P 19 -60.15 5.89 35.12
N LYS P 20 -61.15 5.06 34.79
CA LYS P 20 -61.51 3.93 35.63
C LYS P 20 -60.39 2.88 35.57
N LYS P 21 -59.71 2.86 34.43
CA LYS P 21 -58.63 1.87 34.29
C LYS P 21 -57.45 2.51 33.55
N PRO P 22 -56.28 2.62 34.20
CA PRO P 22 -55.06 3.06 33.53
C PRO P 22 -54.84 2.41 32.17
N THR P 23 -54.30 3.17 31.24
CA THR P 23 -53.97 2.64 29.91
C THR P 23 -52.52 2.30 29.94
N THR P 24 -52.04 1.50 28.99
CA THR P 24 -50.61 1.29 28.94
C THR P 24 -49.93 2.56 28.49
N GLU P 25 -50.64 3.63 28.12
CA GLU P 25 -50.08 4.78 27.41
C GLU P 25 -50.84 6.01 27.91
N GLY P 26 -50.12 7.00 28.46
CA GLY P 26 -50.77 8.15 29.09
C GLY P 26 -51.75 7.62 30.14
N PHE P 27 -51.27 7.04 31.22
CA PHE P 27 -52.12 6.22 32.14
C PHE P 27 -53.33 6.77 32.88
N THR P 28 -53.18 7.68 33.84
CA THR P 28 -54.28 7.98 34.80
C THR P 28 -55.46 8.83 34.39
N HIS P 29 -55.31 9.77 33.47
CA HIS P 29 -56.41 10.72 33.28
C HIS P 29 -56.78 10.88 31.81
N ASP P 30 -58.05 11.22 31.57
CA ASP P 30 -58.47 11.78 30.31
C ASP P 30 -58.76 13.26 30.49
N TRP P 31 -58.42 14.06 29.48
CA TRP P 31 -58.71 15.47 29.52
C TRP P 31 -59.05 16.03 28.15
N MET P 32 -59.66 17.21 28.17
CA MET P 32 -60.09 17.89 26.96
C MET P 32 -59.92 19.39 27.18
N VAL P 33 -59.29 20.06 26.20
CA VAL P 33 -59.09 21.50 26.24
C VAL P 33 -59.82 22.12 25.06
N PHE P 34 -60.36 23.33 25.23
CA PHE P 34 -61.11 23.94 24.14
C PHE P 34 -60.97 25.45 24.13
N VAL P 35 -61.14 26.00 22.92
CA VAL P 35 -61.43 27.39 22.67
C VAL P 35 -62.78 27.45 21.95
N ARG P 36 -63.69 28.26 22.45
CA ARG P 36 -64.99 28.43 21.81
C ARG P 36 -65.52 29.82 22.10
N GLY P 37 -66.62 30.18 21.45
CA GLY P 37 -67.33 31.42 21.72
C GLY P 37 -68.37 31.22 22.82
N PRO P 38 -68.83 32.29 23.49
CA PRO P 38 -69.95 32.15 24.40
C PRO P 38 -71.20 31.72 23.64
N GLU P 39 -72.24 31.35 24.35
CA GLU P 39 -73.46 30.88 23.73
C GLU P 39 -73.91 31.83 22.61
N GLN P 40 -74.19 31.24 21.44
CA GLN P 40 -74.76 31.91 20.28
C GLN P 40 -73.68 32.60 19.44
N CYS P 41 -72.39 32.44 19.81
CA CYS P 41 -71.32 33.10 19.09
C CYS P 41 -70.51 32.05 18.33
N ASP P 42 -70.51 32.17 17.00
CA ASP P 42 -69.64 31.37 16.16
C ASP P 42 -68.38 32.18 15.90
N ILE P 43 -67.28 31.80 16.58
CA ILE P 43 -66.03 32.55 16.50
C ILE P 43 -65.31 32.25 15.18
N GLN P 44 -65.76 31.21 14.47
CA GLN P 44 -65.20 30.83 13.19
C GLN P 44 -65.23 31.99 12.18
N HIS P 45 -66.16 32.93 12.37
CA HIS P 45 -66.24 34.08 11.49
C HIS P 45 -64.93 34.89 11.50
N PHE P 46 -64.22 34.93 12.65
CA PHE P 46 -63.01 35.73 12.74
C PHE P 46 -61.78 34.90 13.10
N VAL P 47 -61.95 33.60 13.44
CA VAL P 47 -60.80 32.80 13.81
C VAL P 47 -60.42 31.90 12.63
N GLU P 48 -59.17 32.05 12.16
CA GLU P 48 -58.63 31.23 11.10
C GLU P 48 -58.36 29.83 11.63
N LYS P 49 -57.64 29.75 12.76
CA LYS P 49 -57.27 28.48 13.35
C LYS P 49 -56.82 28.69 14.80
N VAL P 50 -56.83 27.59 15.55
CA VAL P 50 -56.30 27.56 16.91
C VAL P 50 -55.22 26.50 16.96
N VAL P 51 -54.04 26.89 17.50
CA VAL P 51 -52.92 25.98 17.68
C VAL P 51 -52.76 25.71 19.17
N PHE P 52 -52.79 24.42 19.54
CA PHE P 52 -52.56 23.99 20.90
C PHE P 52 -51.17 23.39 20.99
N TRP P 53 -50.31 24.03 21.80
CA TRP P 53 -48.94 23.56 21.98
C TRP P 53 -48.84 22.68 23.23
N LEU P 54 -48.88 21.35 23.02
CA LEU P 54 -48.75 20.41 24.12
C LEU P 54 -47.30 20.29 24.55
N HIS P 55 -47.10 19.68 25.73
CA HIS P 55 -45.78 19.40 26.27
C HIS P 55 -45.01 18.49 25.31
N ASP P 56 -43.68 18.71 25.21
CA ASP P 56 -42.82 17.96 24.30
C ASP P 56 -42.88 16.46 24.53
N SER P 57 -43.40 16.02 25.68
CA SER P 57 -43.54 14.61 26.00
C SER P 57 -44.64 13.96 25.16
N PHE P 58 -45.52 14.77 24.57
CA PHE P 58 -46.51 14.27 23.64
C PHE P 58 -45.89 14.14 22.25
N PRO P 59 -46.25 13.11 21.48
CA PRO P 59 -45.84 13.03 20.07
C PRO P 59 -46.68 14.02 19.26
N LYS P 60 -46.05 14.64 18.25
CA LYS P 60 -46.69 15.68 17.45
C LYS P 60 -47.41 16.65 18.39
N PRO P 61 -46.65 17.38 19.24
CA PRO P 61 -47.25 18.26 20.25
C PRO P 61 -48.00 19.48 19.73
N ARG P 62 -47.73 19.87 18.48
CA ARG P 62 -48.38 21.02 17.86
C ARG P 62 -49.68 20.59 17.21
N ARG P 63 -50.81 20.85 17.87
CA ARG P 63 -52.11 20.39 17.42
C ARG P 63 -52.93 21.55 16.86
N VAL P 64 -53.38 21.41 15.61
CA VAL P 64 -54.03 22.50 14.89
C VAL P 64 -55.48 22.12 14.63
N CYS P 65 -56.39 23.07 14.94
CA CYS P 65 -57.77 23.00 14.51
C CYS P 65 -58.07 24.19 13.61
N LYS P 66 -58.41 23.91 12.34
CA LYS P 66 -58.69 24.96 11.37
C LYS P 66 -60.17 25.29 11.37
N GLU P 67 -60.97 24.54 12.13
CA GLU P 67 -62.40 24.79 12.20
C GLU P 67 -62.95 24.20 13.50
N PRO P 68 -64.17 24.61 13.92
CA PRO P 68 -64.77 24.08 15.15
C PRO P 68 -65.02 22.59 15.06
N PRO P 69 -65.01 21.85 16.19
CA PRO P 69 -64.69 22.42 17.50
C PRO P 69 -63.19 22.64 17.62
N TYR P 70 -62.79 23.77 18.20
CA TYR P 70 -61.38 24.02 18.45
C TYR P 70 -61.04 23.34 19.76
N LYS P 71 -60.46 22.14 19.69
CA LYS P 71 -60.21 21.37 20.90
C LYS P 71 -59.20 20.25 20.67
N VAL P 72 -58.68 19.74 21.79
CA VAL P 72 -57.82 18.58 21.84
C VAL P 72 -58.34 17.66 22.95
N GLU P 73 -58.50 16.37 22.62
CA GLU P 73 -58.81 15.34 23.60
C GLU P 73 -57.63 14.40 23.72
N GLU P 74 -57.18 14.15 24.96
CA GLU P 74 -55.97 13.38 25.20
C GLU P 74 -56.09 12.57 26.49
N SER P 75 -55.08 11.71 26.68
CA SER P 75 -54.89 10.99 27.93
C SER P 75 -53.45 11.22 28.41
N GLY P 76 -53.28 11.32 29.73
CA GLY P 76 -51.97 11.61 30.28
C GLY P 76 -51.88 11.24 31.77
N TYR P 77 -50.72 11.57 32.35
CA TYR P 77 -50.43 11.29 33.74
C TYR P 77 -50.20 12.58 34.52
N ALA P 78 -50.06 13.73 33.84
CA ALA P 78 -49.68 14.96 34.53
C ALA P 78 -50.14 16.20 33.78
N GLY P 79 -50.38 17.28 34.56
CA GLY P 79 -50.75 18.58 34.04
C GLY P 79 -49.52 19.39 33.63
N PHE P 80 -49.74 20.52 32.94
CA PHE P 80 -48.67 21.34 32.40
C PHE P 80 -49.23 22.64 31.83
N ILE P 81 -48.32 23.55 31.47
CA ILE P 81 -48.65 24.82 30.86
C ILE P 81 -48.71 24.64 29.35
N MET P 82 -49.85 25.03 28.77
CA MET P 82 -50.12 24.85 27.35
C MET P 82 -50.32 26.20 26.69
N PRO P 83 -49.34 26.68 25.88
CA PRO P 83 -49.58 27.83 25.00
C PRO P 83 -50.71 27.51 24.03
N ILE P 84 -51.63 28.46 23.85
CA ILE P 84 -52.70 28.34 22.87
C ILE P 84 -52.69 29.61 22.02
N GLU P 85 -52.45 29.45 20.72
CA GLU P 85 -52.46 30.58 19.80
C GLU P 85 -53.79 30.61 19.05
N VAL P 86 -54.45 31.76 19.08
CA VAL P 86 -55.66 31.96 18.27
C VAL P 86 -55.28 32.90 17.14
N HIS P 87 -55.39 32.36 15.92
CA HIS P 87 -55.10 33.14 14.70
C HIS P 87 -56.40 33.78 14.19
N PHE P 88 -56.30 34.96 13.64
CA PHE P 88 -57.48 35.70 13.17
C PHE P 88 -57.51 35.75 11.65
N LYS P 89 -58.73 35.87 11.09
CA LYS P 89 -58.90 36.02 9.65
C LYS P 89 -58.71 37.49 9.28
N ASN P 90 -57.50 38.00 9.52
CA ASN P 90 -57.20 39.41 9.49
C ASN P 90 -55.99 39.61 8.61
N LYS P 91 -55.89 40.76 7.93
CA LYS P 91 -54.73 40.99 7.01
C LYS P 91 -53.87 42.13 7.57
N GLU P 92 -54.24 42.60 8.77
CA GLU P 92 -53.53 43.73 9.40
C GLU P 92 -52.72 43.25 10.62
N GLU P 93 -52.39 44.15 11.55
CA GLU P 93 -51.42 43.82 12.62
C GLU P 93 -51.83 42.71 13.59
N PRO P 94 -52.87 42.82 14.46
CA PRO P 94 -53.11 41.75 15.40
C PRO P 94 -53.45 40.58 14.51
N ARG P 95 -52.46 39.81 14.07
CA ARG P 95 -52.79 38.61 13.31
C ARG P 95 -53.17 37.45 14.23
N LYS P 96 -52.77 37.53 15.49
CA LYS P 96 -53.01 36.42 16.40
C LYS P 96 -52.79 36.88 17.85
N VAL P 97 -53.17 36.03 18.80
CA VAL P 97 -52.91 36.25 20.21
C VAL P 97 -52.54 34.91 20.83
N CYS P 98 -51.62 34.91 21.78
CA CYS P 98 -51.18 33.69 22.46
C CYS P 98 -51.56 33.73 23.93
N PHE P 99 -52.44 32.83 24.35
CA PHE P 99 -52.75 32.64 25.76
C PHE P 99 -51.81 31.59 26.32
N THR P 100 -51.50 31.66 27.62
CA THR P 100 -50.83 30.56 28.31
C THR P 100 -51.85 29.91 29.25
N TYR P 101 -52.16 28.65 28.97
CA TYR P 101 -53.27 27.96 29.63
C TYR P 101 -52.71 26.92 30.61
N ASP P 102 -53.25 26.91 31.82
CA ASP P 102 -52.86 25.94 32.83
C ASP P 102 -53.76 24.71 32.71
N LEU P 103 -53.23 23.66 32.09
CA LEU P 103 -53.92 22.38 32.03
C LEU P 103 -53.59 21.56 33.27
N PHE P 104 -54.43 21.68 34.31
CA PHE P 104 -54.16 21.01 35.57
C PHE P 104 -55.16 19.87 35.71
N LEU P 105 -54.70 18.79 36.36
CA LEU P 105 -55.51 17.59 36.56
C LEU P 105 -56.01 17.58 38.00
N ASN P 106 -57.02 16.75 38.24
CA ASN P 106 -57.52 16.53 39.59
C ASN P 106 -56.71 15.42 40.25
N LEU P 107 -56.57 15.54 41.57
CA LEU P 107 -55.89 14.53 42.35
C LEU P 107 -56.91 13.46 42.71
N GLU P 108 -56.46 12.20 42.79
CA GLU P 108 -57.28 11.09 43.26
C GLU P 108 -57.98 11.44 44.58
N GLY P 109 -59.30 11.28 44.55
CA GLY P 109 -60.14 11.62 45.70
C GLY P 109 -60.96 12.88 45.43
N ASN P 110 -60.47 13.75 44.53
CA ASN P 110 -61.06 15.07 44.33
C ASN P 110 -62.01 15.01 43.13
N PRO P 111 -62.98 15.96 43.02
CA PRO P 111 -63.89 15.99 41.89
C PRO P 111 -63.18 16.18 40.54
N PRO P 112 -63.81 15.79 39.40
CA PRO P 112 -63.27 16.09 38.08
C PRO P 112 -63.07 17.59 37.89
N VAL P 113 -62.04 17.96 37.13
CA VAL P 113 -61.81 19.36 36.77
C VAL P 113 -62.85 19.74 35.73
N ASN P 114 -63.45 20.91 35.93
CA ASN P 114 -64.30 21.53 34.91
C ASN P 114 -64.08 23.03 34.97
N HIS P 115 -63.05 23.51 34.28
CA HIS P 115 -62.56 24.88 34.42
C HIS P 115 -62.96 25.71 33.20
N LEU P 116 -63.45 26.92 33.47
CA LEU P 116 -63.79 27.87 32.42
C LEU P 116 -63.02 29.17 32.63
N ARG P 117 -62.55 29.74 31.50
CA ARG P 117 -61.78 30.97 31.50
C ARG P 117 -62.27 31.85 30.35
N CYS P 118 -62.78 33.03 30.69
CA CYS P 118 -63.36 33.95 29.72
C CYS P 118 -62.34 35.03 29.40
N GLU P 119 -62.07 35.22 28.11
CA GLU P 119 -61.12 36.23 27.66
C GLU P 119 -61.85 37.23 26.78
N LYS P 120 -61.33 38.46 26.78
CA LYS P 120 -61.88 39.56 26.03
C LYS P 120 -60.78 40.13 25.14
N LEU P 121 -61.08 40.28 23.85
CA LEU P 121 -60.12 40.82 22.89
C LEU P 121 -60.64 42.14 22.34
N THR P 122 -59.74 43.12 22.24
CA THR P 122 -60.07 44.45 21.78
C THR P 122 -59.32 44.74 20.49
N PHE P 123 -60.07 45.09 19.45
CA PHE P 123 -59.52 45.45 18.15
C PHE P 123 -59.79 46.92 17.86
N ASN P 124 -58.74 47.71 17.66
CA ASN P 124 -58.88 49.11 17.27
C ASN P 124 -58.96 49.23 15.75
N ASN P 125 -59.93 50.02 15.29
CA ASN P 125 -60.07 50.41 13.88
C ASN P 125 -59.85 49.22 12.96
N PRO P 126 -60.74 48.19 13.02
CA PRO P 126 -60.62 47.10 12.08
C PRO P 126 -61.24 47.49 10.75
N THR P 127 -61.24 46.57 9.81
CA THR P 127 -61.77 46.78 8.44
C THR P 127 -63.02 45.93 8.12
N THR P 128 -62.92 44.94 7.22
CA THR P 128 -63.98 43.91 7.04
C THR P 128 -63.74 43.02 8.23
N GLU P 129 -62.51 43.03 8.76
CA GLU P 129 -62.20 42.39 10.04
C GLU P 129 -63.30 42.64 11.06
N PHE P 130 -63.94 43.81 11.01
CA PHE P 130 -64.99 44.22 11.99
C PHE P 130 -66.30 43.54 11.73
N ARG P 131 -66.59 43.32 10.47
CA ARG P 131 -67.85 42.65 10.08
C ARG P 131 -67.81 41.19 10.57
N TYR P 132 -66.64 40.56 10.50
CA TYR P 132 -66.51 39.18 10.95
C TYR P 132 -66.75 39.15 12.48
N LYS P 133 -66.13 40.11 13.17
CA LYS P 133 -66.23 40.20 14.65
C LYS P 133 -67.64 40.58 15.11
N LEU P 134 -68.46 41.14 14.24
CA LEU P 134 -69.85 41.47 14.61
C LEU P 134 -70.75 40.25 14.30
N LEU P 135 -70.37 39.45 13.31
CA LEU P 135 -71.15 38.26 12.99
C LEU P 135 -70.89 37.15 14.01
N ARG P 136 -69.64 37.14 14.50
CA ARG P 136 -69.30 36.40 15.74
C ARG P 136 -69.78 37.52 16.66
N ALA P 137 -70.19 37.30 17.89
CA ALA P 137 -70.98 38.40 18.51
C ALA P 137 -70.13 39.41 19.35
N GLY P 138 -69.39 40.16 18.56
CA GLY P 138 -68.54 41.25 19.06
C GLY P 138 -69.25 42.61 19.13
N GLY P 139 -69.08 43.30 20.26
CA GLY P 139 -69.65 44.61 20.44
C GLY P 139 -68.81 45.63 19.67
N VAL P 140 -69.29 46.89 19.75
CA VAL P 140 -68.52 48.10 19.46
C VAL P 140 -68.53 49.00 20.70
N MET P 141 -67.36 49.56 21.03
CA MET P 141 -67.07 50.13 22.35
C MET P 141 -67.50 49.11 23.43
N ALA Q 1 4.06 22.66 38.20
CA ALA Q 1 2.78 21.90 38.28
C ALA Q 1 2.72 20.88 37.15
N PRO Q 2 2.50 19.57 37.42
CA PRO Q 2 2.54 18.56 36.35
C PRO Q 2 1.51 18.82 35.24
N ARG Q 3 1.90 18.48 34.02
CA ARG Q 3 1.00 18.68 32.87
C ARG Q 3 1.09 17.42 32.00
N GLN Q 5 1.66 15.19 28.96
CA GLN Q 5 2.69 15.27 27.93
C GLN Q 5 2.07 15.19 26.54
N LEU Q 6 2.58 16.01 25.62
CA LEU Q 6 2.05 16.06 24.26
C LEU Q 6 2.90 15.17 23.37
N ALA Q 7 4.15 14.94 23.77
CA ALA Q 7 5.00 13.99 23.10
C ALA Q 7 6.06 13.49 24.08
N ALA R 1 25.53 24.52 -5.79
CA ALA R 1 24.49 23.47 -5.57
C ALA R 1 24.33 22.61 -6.81
N PRO R 2 24.09 21.30 -6.67
CA PRO R 2 24.07 20.40 -7.83
C PRO R 2 22.98 20.67 -8.86
N ARG R 3 23.37 20.51 -10.13
CA ARG R 3 22.43 20.62 -11.25
C ARG R 3 22.49 19.32 -12.08
N GLN R 5 23.08 17.47 -15.21
CA GLN R 5 24.07 17.62 -16.27
C GLN R 5 23.42 17.61 -17.67
N LEU R 6 24.06 18.30 -18.61
CA LEU R 6 23.51 18.40 -19.95
C LEU R 6 24.28 17.50 -20.92
N ALA R 7 25.43 16.96 -20.49
CA ALA R 7 26.28 16.23 -21.41
C ALA R 7 27.28 15.34 -20.64
N ALA S 1 -23.09 38.68 -53.60
CA ALA S 1 -22.37 39.56 -52.63
C ALA S 1 -21.50 40.54 -53.36
N PRO S 2 -21.46 41.83 -52.94
CA PRO S 2 -20.78 42.87 -53.70
C PRO S 2 -19.25 42.87 -53.60
N ARG S 3 -18.61 43.20 -54.73
CA ARG S 3 -17.18 43.25 -54.87
C ARG S 3 -16.80 44.67 -55.30
N GLN S 5 -14.52 46.34 -58.08
CA GLN S 5 -13.62 46.79 -59.15
C GLN S 5 -12.21 47.11 -58.62
N ALA T 1 -44.21 33.87 -12.28
CA ALA T 1 -43.69 34.60 -11.09
C ALA T 1 -42.93 35.85 -11.54
N PRO T 2 -43.19 37.04 -10.95
CA PRO T 2 -42.61 38.30 -11.43
C PRO T 2 -41.09 38.33 -11.26
N ARG T 3 -40.40 38.98 -12.21
CA ARG T 3 -38.94 39.01 -12.23
C ARG T 3 -38.45 40.41 -12.63
N GLN T 5 -36.38 42.97 -14.57
CA GLN T 5 -36.27 43.08 -16.02
C GLN T 5 -34.81 43.30 -16.41
N LEU T 6 -34.47 42.86 -17.64
CA LEU T 6 -33.09 42.89 -18.10
C LEU T 6 -32.85 44.07 -19.04
N ALA T 7 -33.64 44.20 -20.12
CA ALA T 7 -33.56 45.34 -21.02
C ALA T 7 -34.95 45.92 -21.26
N ALA U 1 -14.74 0.24 40.36
CA ALA U 1 -15.01 -0.80 39.33
C ALA U 1 -16.31 -1.53 39.66
N PRO U 2 -17.27 -1.68 38.73
CA PRO U 2 -18.57 -2.23 39.09
C PRO U 2 -18.48 -3.66 39.61
N ARG U 3 -19.29 -3.96 40.63
CA ARG U 3 -19.30 -5.31 41.23
C ARG U 3 -20.77 -5.73 41.42
N GLN U 5 -23.96 -6.77 43.15
CA GLN U 5 -24.54 -6.39 44.43
C GLN U 5 -24.92 -7.61 45.28
N LEU U 6 -24.74 -7.48 46.60
CA LEU U 6 -25.01 -8.57 47.52
C LEU U 6 -26.44 -8.50 48.02
N ALA U 7 -27.04 -7.30 47.98
CA ALA U 7 -28.35 -7.10 48.59
C ALA U 7 -29.00 -5.81 48.09
N ALA V 1 7.17 2.28 -3.53
CA ALA V 1 6.86 1.19 -4.49
C ALA V 1 5.52 0.54 -4.14
N PRO V 2 4.58 0.37 -5.10
CA PRO V 2 3.24 -0.17 -4.78
C PRO V 2 3.26 -1.61 -4.25
N ARG V 3 2.33 -1.91 -3.34
CA ARG V 3 2.19 -3.23 -2.71
C ARG V 3 0.69 -3.56 -2.56
N GLN V 5 -2.68 -4.43 -0.95
CA GLN V 5 -3.20 -4.02 0.36
C GLN V 5 -3.71 -5.23 1.15
N LEU V 6 -3.52 -5.19 2.48
CA LEU V 6 -3.86 -6.29 3.35
C LEU V 6 -5.29 -6.14 3.88
N ALA V 7 -5.80 -4.91 4.00
CA ALA V 7 -7.11 -4.67 4.61
C ALA V 7 -7.75 -3.40 4.06
N ALA W 1 8.14 -64.10 21.07
CA ALA W 1 9.15 -63.07 20.73
C ALA W 1 9.84 -62.56 22.00
N PRO W 2 11.18 -62.45 22.01
CA PRO W 2 11.92 -62.14 23.24
C PRO W 2 11.66 -60.74 23.80
N ARG W 3 11.76 -60.61 25.12
CA ARG W 3 11.46 -59.34 25.80
C ARG W 3 12.42 -59.16 26.98
N GLN W 5 13.44 -58.17 30.69
CA GLN W 5 12.83 -58.79 31.86
C GLN W 5 12.41 -57.73 32.88
N LEU W 6 11.46 -58.07 33.76
CA LEU W 6 10.92 -57.05 34.70
C LEU W 6 11.14 -57.50 36.16
N ALA W 7 11.55 -58.75 36.40
CA ALA W 7 11.92 -59.19 37.74
C ALA W 7 12.99 -60.25 37.63
N ALA X 1 33.12 -60.72 -24.13
CA ALA X 1 33.93 -59.49 -24.36
C ALA X 1 34.44 -58.93 -23.03
N PRO X 2 35.75 -58.66 -22.89
CA PRO X 2 36.31 -58.29 -21.59
C PRO X 2 35.83 -56.98 -20.94
N ARG X 3 35.56 -57.04 -19.64
CA ARG X 3 35.16 -55.85 -18.88
C ARG X 3 36.01 -55.76 -17.60
N GLN X 5 36.30 -55.76 -13.92
CA GLN X 5 36.52 -55.98 -12.50
C GLN X 5 37.49 -57.16 -12.31
N ALA Y 1 -42.78 2.05 14.89
CA ALA Y 1 -42.04 2.80 13.84
C ALA Y 1 -42.68 2.55 12.48
N PRO Y 2 -42.52 3.47 11.51
CA PRO Y 2 -43.12 3.29 10.18
C PRO Y 2 -42.36 2.26 9.36
N ARG Y 3 -42.89 1.96 8.18
CA ARG Y 3 -42.53 0.77 7.44
C ARG Y 3 -43.01 0.88 5.98
N GLN Y 5 -44.43 0.30 2.45
CA GLN Y 5 -45.73 -0.20 2.03
C GLN Y 5 -45.57 -1.36 1.06
N LEU Y 6 -46.31 -2.44 1.35
CA LEU Y 6 -46.29 -3.65 0.48
C LEU Y 6 -47.51 -3.58 -0.44
N ALA Y 7 -48.59 -2.93 0.02
CA ALA Y 7 -49.77 -2.79 -0.83
C ALA Y 7 -50.45 -1.44 -0.56
N ALA Z 1 -20.48 4.14 -27.93
CA ALA Z 1 -19.67 4.99 -28.83
C ALA Z 1 -20.21 4.92 -30.25
N PRO Z 2 -20.06 5.99 -31.04
CA PRO Z 2 -20.74 6.06 -32.34
C PRO Z 2 -20.01 5.18 -33.35
N ARG Z 3 -20.74 4.71 -34.36
CA ARG Z 3 -20.21 3.76 -35.31
C ARG Z 3 -20.54 4.18 -36.75
N GLN Z 5 -21.36 3.07 -40.98
CA GLN Z 5 -22.79 2.93 -41.22
C GLN Z 5 -23.08 1.68 -42.06
N LEU Z 6 -24.34 1.25 -42.01
CA LEU Z 6 -24.87 0.19 -42.86
C LEU Z 6 -26.32 0.52 -43.24
N ALA Z 7 -26.86 -0.29 -44.18
CA ALA Z 7 -28.26 -0.32 -44.61
C ALA Z 7 -28.58 0.77 -45.63
N ALA AA 1 24.12 -12.88 3.32
CA ALA AA 1 23.99 -12.49 4.75
C ALA AA 1 23.28 -13.59 5.51
N PRO AA 2 23.64 -13.85 6.79
CA PRO AA 2 23.05 -14.95 7.56
C PRO AA 2 21.59 -14.78 7.93
N ARG AA 3 20.99 -15.85 8.43
CA ARG AA 3 19.56 -15.93 8.67
C ARG AA 3 19.28 -17.06 9.67
N GLN AA 5 17.73 -20.09 10.92
CA GLN AA 5 17.24 -21.35 10.34
C GLN AA 5 15.82 -21.66 10.77
N LEU AA 6 15.16 -22.53 9.96
CA LEU AA 6 13.78 -22.94 10.21
C LEU AA 6 13.69 -24.45 10.43
N ALA AA 7 14.68 -25.22 9.95
CA ALA AA 7 14.66 -26.67 10.08
C ALA AA 7 16.09 -27.25 10.08
N ALA BA 1 45.46 -8.86 -41.76
CA ALA BA 1 45.77 -8.50 -40.36
C ALA BA 1 45.18 -9.54 -39.41
N PRO BA 2 45.78 -9.78 -38.23
CA PRO BA 2 45.37 -10.87 -37.35
C PRO BA 2 43.97 -10.64 -36.80
N ARG BA 3 43.25 -11.75 -36.61
CA ARG BA 3 41.89 -11.73 -36.09
C ARG BA 3 41.79 -12.71 -34.92
N GLN BA 5 39.75 -15.73 -33.04
CA GLN BA 5 39.56 -17.04 -33.63
C GLN BA 5 38.17 -17.62 -33.40
N LEU BA 6 37.94 -18.72 -34.13
CA LEU BA 6 36.79 -19.58 -34.01
C LEU BA 6 37.29 -21.03 -34.05
N ALA BA 7 36.42 -21.98 -33.68
CA ALA BA 7 36.82 -23.36 -33.38
C ALA BA 7 37.21 -24.08 -34.68
N ALA CA 1 -28.91 18.22 -4.74
CA ALA CA 1 -28.67 17.67 -6.10
C ALA CA 1 -27.33 18.12 -6.63
N PRO CA 2 -26.62 17.26 -7.38
CA PRO CA 2 -25.23 17.51 -7.72
C PRO CA 2 -25.15 18.56 -8.83
N ARG CA 3 -24.03 19.29 -8.79
CA ARG CA 3 -23.80 20.49 -9.59
C ARG CA 3 -22.37 20.48 -10.11
N GLN CA 5 -19.01 21.60 -10.56
CA GLN CA 5 -18.06 22.33 -9.73
C GLN CA 5 -17.46 23.55 -10.43
N LEU CA 6 -17.66 24.74 -9.82
CA LEU CA 6 -16.95 25.96 -10.18
C LEU CA 6 -15.63 25.95 -9.42
N ALA CA 7 -14.54 25.45 -9.99
CA ALA CA 7 -13.34 25.23 -9.21
C ALA CA 7 -13.58 24.09 -8.23
N ALA DA 1 26.55 -8.75 31.72
CA ALA DA 1 25.73 -9.52 32.68
C ALA DA 1 25.50 -8.71 33.95
N PRO DA 2 24.25 -8.64 34.43
CA PRO DA 2 23.85 -7.57 35.36
C PRO DA 2 24.23 -7.90 36.80
N ARG DA 3 24.58 -6.84 37.55
CA ARG DA 3 25.28 -6.96 38.81
C ARG DA 3 24.69 -5.99 39.85
N GLN DA 5 24.72 -3.23 42.33
CA GLN DA 5 25.40 -1.95 42.41
C GLN DA 5 25.97 -1.69 43.81
N LEU DA 6 27.24 -1.27 43.82
CA LEU DA 6 27.97 -0.96 45.04
C LEU DA 6 27.61 0.44 45.54
N ALA DA 7 27.77 1.45 44.68
CA ALA DA 7 27.65 2.84 45.10
C ALA DA 7 26.41 3.46 44.47
N ALA EA 1 51.20 -6.61 -14.05
CA ALA EA 1 49.84 -7.15 -13.77
C ALA EA 1 49.22 -6.39 -12.61
N PRO EA 2 47.88 -6.37 -12.50
CA PRO EA 2 47.22 -5.53 -11.50
C PRO EA 2 47.55 -5.97 -10.07
N ARG EA 3 47.69 -5.00 -9.16
CA ARG EA 3 47.97 -5.32 -7.75
C ARG EA 3 46.99 -4.55 -6.85
N GLN EA 5 46.04 -2.21 -3.16
CA GLN EA 5 46.31 -0.86 -2.69
C GLN EA 5 46.63 -0.84 -1.18
N LEU EA 6 47.70 -0.13 -0.81
CA LEU EA 6 47.99 0.27 0.57
C LEU EA 6 48.58 1.69 0.57
N ALA EA 7 47.96 2.59 -0.22
CA ALA EA 7 48.29 4.00 -0.33
C ALA EA 7 49.78 4.26 -0.06
N ALA FA 1 -51.42 17.25 42.70
CA ALA FA 1 -51.83 17.11 41.29
C ALA FA 1 -50.58 17.08 40.41
N PRO FA 2 -50.20 15.93 39.81
CA PRO FA 2 -48.88 15.80 39.18
C PRO FA 2 -48.67 16.65 37.92
N ARG FA 3 -47.46 17.20 37.75
CA ARG FA 3 -47.13 18.09 36.64
C ARG FA 3 -45.77 17.71 36.01
N GLN FA 5 -42.85 19.43 33.52
CA GLN FA 5 -41.57 20.08 33.81
C GLN FA 5 -40.63 19.88 32.60
#